data_2END
# 
_entry.id   2END 
# 
_audit_conform.dict_name       mmcif_pdbx.dic 
_audit_conform.dict_version    5.387 
_audit_conform.dict_location   http://mmcif.pdb.org/dictionaries/ascii/mmcif_pdbx.dic 
# 
loop_
_database_2.database_id 
_database_2.database_code 
_database_2.pdbx_database_accession 
_database_2.pdbx_DOI 
PDB   2END         pdb_00002end 10.2210/pdb2end/pdb 
WWPDB D_1000178034 ?            ?                   
# 
loop_
_pdbx_audit_revision_history.ordinal 
_pdbx_audit_revision_history.data_content_type 
_pdbx_audit_revision_history.major_revision 
_pdbx_audit_revision_history.minor_revision 
_pdbx_audit_revision_history.revision_date 
1 'Structure model' 1 0 1994-10-15 
2 'Structure model' 1 1 2008-03-24 
3 'Structure model' 1 2 2011-07-13 
4 'Structure model' 1 3 2024-02-14 
# 
_pdbx_audit_revision_details.ordinal             1 
_pdbx_audit_revision_details.revision_ordinal    1 
_pdbx_audit_revision_details.data_content_type   'Structure model' 
_pdbx_audit_revision_details.provider            repository 
_pdbx_audit_revision_details.type                'Initial release' 
_pdbx_audit_revision_details.description         ? 
_pdbx_audit_revision_details.details             ? 
# 
loop_
_pdbx_audit_revision_group.ordinal 
_pdbx_audit_revision_group.revision_ordinal 
_pdbx_audit_revision_group.data_content_type 
_pdbx_audit_revision_group.group 
1 2 'Structure model' 'Version format compliance' 
2 3 'Structure model' 'Version format compliance' 
3 4 'Structure model' 'Data collection'           
4 4 'Structure model' 'Database references'       
5 4 'Structure model' Other                       
# 
loop_
_pdbx_audit_revision_category.ordinal 
_pdbx_audit_revision_category.revision_ordinal 
_pdbx_audit_revision_category.data_content_type 
_pdbx_audit_revision_category.category 
1 4 'Structure model' chem_comp_atom       
2 4 'Structure model' chem_comp_bond       
3 4 'Structure model' database_2           
4 4 'Structure model' pdbx_database_status 
# 
loop_
_pdbx_audit_revision_item.ordinal 
_pdbx_audit_revision_item.revision_ordinal 
_pdbx_audit_revision_item.data_content_type 
_pdbx_audit_revision_item.item 
1 4 'Structure model' '_database_2.pdbx_DOI'                
2 4 'Structure model' '_database_2.pdbx_database_accession' 
3 4 'Structure model' '_pdbx_database_status.process_site'  
# 
_pdbx_database_PDB_obs_spr.id               SPRSDE 
_pdbx_database_PDB_obs_spr.date             1994-10-15 
_pdbx_database_PDB_obs_spr.pdb_id           2END 
_pdbx_database_PDB_obs_spr.replace_pdb_id   1END 
_pdbx_database_PDB_obs_spr.details          ? 
# 
_pdbx_database_status.status_code                     REL 
_pdbx_database_status.entry_id                        2END 
_pdbx_database_status.recvd_initial_deposition_date   1994-08-08 
_pdbx_database_status.deposit_site                    ? 
_pdbx_database_status.process_site                    BNL 
_pdbx_database_status.SG_entry                        . 
_pdbx_database_status.pdb_format_compatible           Y 
_pdbx_database_status.status_code_mr                  ? 
_pdbx_database_status.status_code_sf                  ? 
_pdbx_database_status.status_code_cs                  ? 
_pdbx_database_status.status_code_nmr_data            ? 
_pdbx_database_status.methods_development_category    ? 
# 
loop_
_audit_author.name 
_audit_author.pdbx_ordinal 
'Vassylyev, D.G.' 1 
'Ariyoshi, M.'    2 
'Matsumoto, O.'   3 
'Katayanagi, K.'  4 
'Ohtsuka, E.'     5 
'Morikawa, K.'    6 
# 
loop_
_citation.id 
_citation.title 
_citation.journal_abbrev 
_citation.journal_volume 
_citation.page_first 
_citation.page_last 
_citation.year 
_citation.journal_id_ASTM 
_citation.country 
_citation.journal_id_ISSN 
_citation.journal_id_CSD 
_citation.book_publisher 
_citation.pdbx_database_id_PubMed 
_citation.pdbx_database_id_DOI 
primary 
;Crystal structure of a pyrimidine dimer-specific excision repair enzyme from bacteriophage T4: refinement at 1.45 A and X-ray analysis of the three active site mutants.
;
J.Mol.Biol.            249 360  375 1995 JMOBAK UK 0022-2836 0070 ? 7783199 10.1006/jmbi.1995.0302 
1       'X-Ray Structure of T4 Endonuclease V: An Excision Repair Enzyme Specific for a Pyrimidine Dimer' Science                
256 523  ?   1992 SCIEAS US 0036-8075 0038 ? ?       ?                      
2       'Role of the Basic Amino Acid Cluster and Glu-23 in Pyrimidine Dimeer Glycosylase Activity of T4 Endonuclease V' 
Proc.Natl.Acad.Sci.USA 89  9420 ?   1992 PNASA6 US 0027-8424 0040 ? ?       ?                      
3       'Preliminary Crystallographic Study of Pyrimidine Dimer-Specific Excision-Repair Enzyme from Bacteriophage T4' J.Mol.Biol. 
202 683  ?   1988 JMOBAK UK 0022-2836 0070 ? ?       ?                      
# 
loop_
_citation_author.citation_id 
_citation_author.name 
_citation_author.ordinal 
_citation_author.identifier_ORCID 
primary 'Morikawa, K.'    1  ? 
primary 'Ariyoshi, M.'    2  ? 
primary 'Vassylyev, D.G.' 3  ? 
primary 'Matsumoto, O.'   4  ? 
primary 'Katayanagi, K.'  5  ? 
primary 'Ohtsuka, E.'     6  ? 
1       'Morikawa, K.'    7  ? 
1       'Matsumoto, O.'   8  ? 
1       'Tsujimoto, T.'   9  ? 
1       'Katayanagi, K.'  10 ? 
1       'Ariyoshi, M.'    11 ? 
1       'Doi, T.'         12 ? 
1       'Ikehara, M.'     13 ? 
1       'Inaoka, T.'      14 ? 
1       'Ohtsuka, E.'     15 ? 
2       'Doi, T.'         16 ? 
2       'Recktenwald, A.' 17 ? 
2       'Karaki, Y.'      18 ? 
2       'Kikuchi, M.'     19 ? 
2       'Morikawa, K.'    20 ? 
2       'Ikehara, M.'     21 ? 
2       'Inaoka, T.'      22 ? 
2       'Hori, N.'        23 ? 
2       'Ohtsuka, E.'     24 ? 
3       'Morikawa, K.'    25 ? 
3       'Tsujimoto, M.'   26 ? 
3       'Ikehara, M.'     27 ? 
3       'Inaoka, T.'      28 ? 
3       'Ohtsuka, E.'     29 ? 
# 
loop_
_entity.id 
_entity.type 
_entity.src_method 
_entity.pdbx_description 
_entity.formula_weight 
_entity.pdbx_number_of_molecules 
_entity.pdbx_ec 
_entity.pdbx_mutation 
_entity.pdbx_fragment 
_entity.details 
1 polymer man 'ENDONUCLEASE V' 16104.574 1   3.1.25.1 ? ? ? 
2 water   nat water            18.015    172 ?        ? ? ? 
# 
_entity_poly.entity_id                      1 
_entity_poly.type                           'polypeptide(L)' 
_entity_poly.nstd_linkage                   no 
_entity_poly.nstd_monomer                   no 
_entity_poly.pdbx_seq_one_letter_code       
;MTRINLTLVSELADQHLMAEYRELPRVFGAVRKHVANGKRVRDFKISPTFILGAGHVTFFYDKLEFLRKRQIELIAECLK
RGFNIKDTTVQDISDIPQEFRGDYIPHEASIAISQARLDEKIAQRPTWYKYYGKAIYA
;
_entity_poly.pdbx_seq_one_letter_code_can   
;MTRINLTLVSELADQHLMAEYRELPRVFGAVRKHVANGKRVRDFKISPTFILGAGHVTFFYDKLEFLRKRQIELIAECLK
RGFNIKDTTVQDISDIPQEFRGDYIPHEASIAISQARLDEKIAQRPTWYKYYGKAIYA
;
_entity_poly.pdbx_strand_id                 A 
_entity_poly.pdbx_target_identifier         ? 
# 
_pdbx_entity_nonpoly.entity_id   2 
_pdbx_entity_nonpoly.name        water 
_pdbx_entity_nonpoly.comp_id     HOH 
# 
loop_
_entity_poly_seq.entity_id 
_entity_poly_seq.num 
_entity_poly_seq.mon_id 
_entity_poly_seq.hetero 
1 1   MET n 
1 2   THR n 
1 3   ARG n 
1 4   ILE n 
1 5   ASN n 
1 6   LEU n 
1 7   THR n 
1 8   LEU n 
1 9   VAL n 
1 10  SER n 
1 11  GLU n 
1 12  LEU n 
1 13  ALA n 
1 14  ASP n 
1 15  GLN n 
1 16  HIS n 
1 17  LEU n 
1 18  MET n 
1 19  ALA n 
1 20  GLU n 
1 21  TYR n 
1 22  ARG n 
1 23  GLU n 
1 24  LEU n 
1 25  PRO n 
1 26  ARG n 
1 27  VAL n 
1 28  PHE n 
1 29  GLY n 
1 30  ALA n 
1 31  VAL n 
1 32  ARG n 
1 33  LYS n 
1 34  HIS n 
1 35  VAL n 
1 36  ALA n 
1 37  ASN n 
1 38  GLY n 
1 39  LYS n 
1 40  ARG n 
1 41  VAL n 
1 42  ARG n 
1 43  ASP n 
1 44  PHE n 
1 45  LYS n 
1 46  ILE n 
1 47  SER n 
1 48  PRO n 
1 49  THR n 
1 50  PHE n 
1 51  ILE n 
1 52  LEU n 
1 53  GLY n 
1 54  ALA n 
1 55  GLY n 
1 56  HIS n 
1 57  VAL n 
1 58  THR n 
1 59  PHE n 
1 60  PHE n 
1 61  TYR n 
1 62  ASP n 
1 63  LYS n 
1 64  LEU n 
1 65  GLU n 
1 66  PHE n 
1 67  LEU n 
1 68  ARG n 
1 69  LYS n 
1 70  ARG n 
1 71  GLN n 
1 72  ILE n 
1 73  GLU n 
1 74  LEU n 
1 75  ILE n 
1 76  ALA n 
1 77  GLU n 
1 78  CYS n 
1 79  LEU n 
1 80  LYS n 
1 81  ARG n 
1 82  GLY n 
1 83  PHE n 
1 84  ASN n 
1 85  ILE n 
1 86  LYS n 
1 87  ASP n 
1 88  THR n 
1 89  THR n 
1 90  VAL n 
1 91  GLN n 
1 92  ASP n 
1 93  ILE n 
1 94  SER n 
1 95  ASP n 
1 96  ILE n 
1 97  PRO n 
1 98  GLN n 
1 99  GLU n 
1 100 PHE n 
1 101 ARG n 
1 102 GLY n 
1 103 ASP n 
1 104 TYR n 
1 105 ILE n 
1 106 PRO n 
1 107 HIS n 
1 108 GLU n 
1 109 ALA n 
1 110 SER n 
1 111 ILE n 
1 112 ALA n 
1 113 ILE n 
1 114 SER n 
1 115 GLN n 
1 116 ALA n 
1 117 ARG n 
1 118 LEU n 
1 119 ASP n 
1 120 GLU n 
1 121 LYS n 
1 122 ILE n 
1 123 ALA n 
1 124 GLN n 
1 125 ARG n 
1 126 PRO n 
1 127 THR n 
1 128 TRP n 
1 129 TYR n 
1 130 LYS n 
1 131 TYR n 
1 132 TYR n 
1 133 GLY n 
1 134 LYS n 
1 135 ALA n 
1 136 ILE n 
1 137 TYR n 
1 138 ALA n 
# 
_entity_src_gen.entity_id                          1 
_entity_src_gen.pdbx_src_id                        1 
_entity_src_gen.pdbx_alt_source_flag               sample 
_entity_src_gen.pdbx_seq_type                      ? 
_entity_src_gen.pdbx_beg_seq_num                   ? 
_entity_src_gen.pdbx_end_seq_num                   ? 
_entity_src_gen.gene_src_common_name               ? 
_entity_src_gen.gene_src_genus                     'T4-like viruses' 
_entity_src_gen.pdbx_gene_src_gene                 ? 
_entity_src_gen.gene_src_species                   'Enterobacteria phage T4 sensu lato' 
_entity_src_gen.gene_src_strain                    ? 
_entity_src_gen.gene_src_tissue                    ? 
_entity_src_gen.gene_src_tissue_fraction           ? 
_entity_src_gen.gene_src_details                   ? 
_entity_src_gen.pdbx_gene_src_fragment             ? 
_entity_src_gen.pdbx_gene_src_scientific_name      'Enterobacteria phage T4' 
_entity_src_gen.pdbx_gene_src_ncbi_taxonomy_id     10665 
_entity_src_gen.pdbx_gene_src_variant              ? 
_entity_src_gen.pdbx_gene_src_cell_line            ? 
_entity_src_gen.pdbx_gene_src_atcc                 ? 
_entity_src_gen.pdbx_gene_src_organ                ? 
_entity_src_gen.pdbx_gene_src_organelle            ? 
_entity_src_gen.pdbx_gene_src_cell                 ? 
_entity_src_gen.pdbx_gene_src_cellular_location    ? 
_entity_src_gen.host_org_common_name               ? 
_entity_src_gen.pdbx_host_org_scientific_name      ? 
_entity_src_gen.pdbx_host_org_ncbi_taxonomy_id     ? 
_entity_src_gen.host_org_genus                     ? 
_entity_src_gen.pdbx_host_org_gene                 ? 
_entity_src_gen.pdbx_host_org_organ                ? 
_entity_src_gen.host_org_species                   ? 
_entity_src_gen.pdbx_host_org_tissue               ? 
_entity_src_gen.pdbx_host_org_tissue_fraction      ? 
_entity_src_gen.pdbx_host_org_strain               ? 
_entity_src_gen.pdbx_host_org_variant              ? 
_entity_src_gen.pdbx_host_org_cell_line            ? 
_entity_src_gen.pdbx_host_org_atcc                 ? 
_entity_src_gen.pdbx_host_org_culture_collection   ? 
_entity_src_gen.pdbx_host_org_cell                 ? 
_entity_src_gen.pdbx_host_org_organelle            ? 
_entity_src_gen.pdbx_host_org_cellular_location    ? 
_entity_src_gen.pdbx_host_org_vector_type          ? 
_entity_src_gen.pdbx_host_org_vector               ? 
_entity_src_gen.host_org_details                   ? 
_entity_src_gen.expression_system_id               ? 
_entity_src_gen.plasmid_name                       ? 
_entity_src_gen.plasmid_details                    ? 
_entity_src_gen.pdbx_description                   ? 
# 
loop_
_chem_comp.id 
_chem_comp.type 
_chem_comp.mon_nstd_flag 
_chem_comp.name 
_chem_comp.pdbx_synonyms 
_chem_comp.formula 
_chem_comp.formula_weight 
ALA 'L-peptide linking' y ALANINE         ? 'C3 H7 N O2'     89.093  
ARG 'L-peptide linking' y ARGININE        ? 'C6 H15 N4 O2 1' 175.209 
ASN 'L-peptide linking' y ASPARAGINE      ? 'C4 H8 N2 O3'    132.118 
ASP 'L-peptide linking' y 'ASPARTIC ACID' ? 'C4 H7 N O4'     133.103 
CYS 'L-peptide linking' y CYSTEINE        ? 'C3 H7 N O2 S'   121.158 
GLN 'L-peptide linking' y GLUTAMINE       ? 'C5 H10 N2 O3'   146.144 
GLU 'L-peptide linking' y 'GLUTAMIC ACID' ? 'C5 H9 N O4'     147.129 
GLY 'peptide linking'   y GLYCINE         ? 'C2 H5 N O2'     75.067  
HIS 'L-peptide linking' y HISTIDINE       ? 'C6 H10 N3 O2 1' 156.162 
HOH non-polymer         . WATER           ? 'H2 O'           18.015  
ILE 'L-peptide linking' y ISOLEUCINE      ? 'C6 H13 N O2'    131.173 
LEU 'L-peptide linking' y LEUCINE         ? 'C6 H13 N O2'    131.173 
LYS 'L-peptide linking' y LYSINE          ? 'C6 H15 N2 O2 1' 147.195 
MET 'L-peptide linking' y METHIONINE      ? 'C5 H11 N O2 S'  149.211 
PHE 'L-peptide linking' y PHENYLALANINE   ? 'C9 H11 N O2'    165.189 
PRO 'L-peptide linking' y PROLINE         ? 'C5 H9 N O2'     115.130 
SER 'L-peptide linking' y SERINE          ? 'C3 H7 N O3'     105.093 
THR 'L-peptide linking' y THREONINE       ? 'C4 H9 N O3'     119.119 
TRP 'L-peptide linking' y TRYPTOPHAN      ? 'C11 H12 N2 O2'  204.225 
TYR 'L-peptide linking' y TYROSINE        ? 'C9 H11 N O3'    181.189 
VAL 'L-peptide linking' y VALINE          ? 'C5 H11 N O2'    117.146 
# 
loop_
_pdbx_poly_seq_scheme.asym_id 
_pdbx_poly_seq_scheme.entity_id 
_pdbx_poly_seq_scheme.seq_id 
_pdbx_poly_seq_scheme.mon_id 
_pdbx_poly_seq_scheme.ndb_seq_num 
_pdbx_poly_seq_scheme.pdb_seq_num 
_pdbx_poly_seq_scheme.auth_seq_num 
_pdbx_poly_seq_scheme.pdb_mon_id 
_pdbx_poly_seq_scheme.auth_mon_id 
_pdbx_poly_seq_scheme.pdb_strand_id 
_pdbx_poly_seq_scheme.pdb_ins_code 
_pdbx_poly_seq_scheme.hetero 
A 1 1   MET 1   1   ?   ?   ?   A . n 
A 1 2   THR 2   2   2   THR THR A . n 
A 1 3   ARG 3   3   3   ARG ARG A . n 
A 1 4   ILE 4   4   4   ILE ILE A . n 
A 1 5   ASN 5   5   5   ASN ASN A . n 
A 1 6   LEU 6   6   6   LEU LEU A . n 
A 1 7   THR 7   7   7   THR THR A . n 
A 1 8   LEU 8   8   8   LEU LEU A . n 
A 1 9   VAL 9   9   9   VAL VAL A . n 
A 1 10  SER 10  10  10  SER SER A . n 
A 1 11  GLU 11  11  11  GLU GLU A . n 
A 1 12  LEU 12  12  12  LEU LEU A . n 
A 1 13  ALA 13  13  13  ALA ALA A . n 
A 1 14  ASP 14  14  14  ASP ASP A . n 
A 1 15  GLN 15  15  15  GLN GLN A . n 
A 1 16  HIS 16  16  16  HIS HIS A . n 
A 1 17  LEU 17  17  17  LEU LEU A . n 
A 1 18  MET 18  18  18  MET MET A . n 
A 1 19  ALA 19  19  19  ALA ALA A . n 
A 1 20  GLU 20  20  20  GLU GLU A . n 
A 1 21  TYR 21  21  21  TYR TYR A . n 
A 1 22  ARG 22  22  22  ARG ARG A . n 
A 1 23  GLU 23  23  23  GLU GLU A . n 
A 1 24  LEU 24  24  24  LEU LEU A . n 
A 1 25  PRO 25  25  25  PRO PRO A . n 
A 1 26  ARG 26  26  26  ARG ARG A . n 
A 1 27  VAL 27  27  27  VAL VAL A . n 
A 1 28  PHE 28  28  28  PHE PHE A . n 
A 1 29  GLY 29  29  29  GLY GLY A . n 
A 1 30  ALA 30  30  30  ALA ALA A . n 
A 1 31  VAL 31  31  31  VAL VAL A . n 
A 1 32  ARG 32  32  32  ARG ARG A . n 
A 1 33  LYS 33  33  33  LYS LYS A . n 
A 1 34  HIS 34  34  34  HIS HIS A . n 
A 1 35  VAL 35  35  35  VAL VAL A . n 
A 1 36  ALA 36  36  36  ALA ALA A . n 
A 1 37  ASN 37  37  37  ASN ASN A . n 
A 1 38  GLY 38  38  38  GLY GLY A . n 
A 1 39  LYS 39  39  39  LYS LYS A . n 
A 1 40  ARG 40  40  40  ARG ARG A . n 
A 1 41  VAL 41  41  41  VAL VAL A . n 
A 1 42  ARG 42  42  42  ARG ARG A . n 
A 1 43  ASP 43  43  43  ASP ASP A . n 
A 1 44  PHE 44  44  44  PHE PHE A . n 
A 1 45  LYS 45  45  45  LYS LYS A . n 
A 1 46  ILE 46  46  46  ILE ILE A . n 
A 1 47  SER 47  47  47  SER SER A . n 
A 1 48  PRO 48  48  48  PRO PRO A . n 
A 1 49  THR 49  49  49  THR THR A . n 
A 1 50  PHE 50  50  50  PHE PHE A . n 
A 1 51  ILE 51  51  51  ILE ILE A . n 
A 1 52  LEU 52  52  52  LEU LEU A . n 
A 1 53  GLY 53  53  53  GLY GLY A . n 
A 1 54  ALA 54  54  54  ALA ALA A . n 
A 1 55  GLY 55  55  55  GLY GLY A . n 
A 1 56  HIS 56  56  56  HIS HIS A . n 
A 1 57  VAL 57  57  57  VAL VAL A . n 
A 1 58  THR 58  58  58  THR THR A . n 
A 1 59  PHE 59  59  59  PHE PHE A . n 
A 1 60  PHE 60  60  60  PHE PHE A . n 
A 1 61  TYR 61  61  61  TYR TYR A . n 
A 1 62  ASP 62  62  62  ASP ASP A . n 
A 1 63  LYS 63  63  63  LYS LYS A . n 
A 1 64  LEU 64  64  64  LEU LEU A . n 
A 1 65  GLU 65  65  65  GLU GLU A . n 
A 1 66  PHE 66  66  66  PHE PHE A . n 
A 1 67  LEU 67  67  67  LEU LEU A . n 
A 1 68  ARG 68  68  68  ARG ARG A . n 
A 1 69  LYS 69  69  69  LYS LYS A . n 
A 1 70  ARG 70  70  70  ARG ARG A . n 
A 1 71  GLN 71  71  71  GLN GLN A . n 
A 1 72  ILE 72  72  72  ILE ILE A . n 
A 1 73  GLU 73  73  73  GLU GLU A . n 
A 1 74  LEU 74  74  74  LEU LEU A . n 
A 1 75  ILE 75  75  75  ILE ILE A . n 
A 1 76  ALA 76  76  76  ALA ALA A . n 
A 1 77  GLU 77  77  77  GLU GLU A . n 
A 1 78  CYS 78  78  78  CYS CYS A . n 
A 1 79  LEU 79  79  79  LEU LEU A . n 
A 1 80  LYS 80  80  80  LYS LYS A . n 
A 1 81  ARG 81  81  81  ARG ARG A . n 
A 1 82  GLY 82  82  82  GLY GLY A . n 
A 1 83  PHE 83  83  83  PHE PHE A . n 
A 1 84  ASN 84  84  84  ASN ASN A . n 
A 1 85  ILE 85  85  85  ILE ILE A . n 
A 1 86  LYS 86  86  86  LYS LYS A . n 
A 1 87  ASP 87  87  87  ASP ASP A . n 
A 1 88  THR 88  88  88  THR THR A . n 
A 1 89  THR 89  89  89  THR THR A . n 
A 1 90  VAL 90  90  90  VAL VAL A . n 
A 1 91  GLN 91  91  91  GLN GLN A . n 
A 1 92  ASP 92  92  92  ASP ASP A . n 
A 1 93  ILE 93  93  93  ILE ILE A . n 
A 1 94  SER 94  94  94  SER SER A . n 
A 1 95  ASP 95  95  95  ASP ASP A . n 
A 1 96  ILE 96  96  96  ILE ILE A . n 
A 1 97  PRO 97  97  97  PRO PRO A . n 
A 1 98  GLN 98  98  98  GLN GLN A . n 
A 1 99  GLU 99  99  99  GLU GLU A . n 
A 1 100 PHE 100 100 100 PHE PHE A . n 
A 1 101 ARG 101 101 101 ARG ARG A . n 
A 1 102 GLY 102 102 102 GLY GLY A . n 
A 1 103 ASP 103 103 103 ASP ASP A . n 
A 1 104 TYR 104 104 104 TYR TYR A . n 
A 1 105 ILE 105 105 105 ILE ILE A . n 
A 1 106 PRO 106 106 106 PRO PRO A . n 
A 1 107 HIS 107 107 107 HIS HIS A . n 
A 1 108 GLU 108 108 108 GLU GLU A . n 
A 1 109 ALA 109 109 109 ALA ALA A . n 
A 1 110 SER 110 110 110 SER SER A . n 
A 1 111 ILE 111 111 111 ILE ILE A . n 
A 1 112 ALA 112 112 112 ALA ALA A . n 
A 1 113 ILE 113 113 113 ILE ILE A . n 
A 1 114 SER 114 114 114 SER SER A . n 
A 1 115 GLN 115 115 115 GLN GLN A . n 
A 1 116 ALA 116 116 116 ALA ALA A . n 
A 1 117 ARG 117 117 117 ARG ARG A . n 
A 1 118 LEU 118 118 118 LEU LEU A . n 
A 1 119 ASP 119 119 119 ASP ASP A . n 
A 1 120 GLU 120 120 120 GLU GLU A . n 
A 1 121 LYS 121 121 121 LYS LYS A . n 
A 1 122 ILE 122 122 122 ILE ILE A . n 
A 1 123 ALA 123 123 123 ALA ALA A . n 
A 1 124 GLN 124 124 124 GLN GLN A . n 
A 1 125 ARG 125 125 125 ARG ARG A . n 
A 1 126 PRO 126 126 126 PRO PRO A . n 
A 1 127 THR 127 127 127 THR THR A . n 
A 1 128 TRP 128 128 128 TRP TRP A . n 
A 1 129 TYR 129 129 129 TYR TYR A . n 
A 1 130 LYS 130 130 130 LYS LYS A . n 
A 1 131 TYR 131 131 131 TYR TYR A . n 
A 1 132 TYR 132 132 132 TYR TYR A . n 
A 1 133 GLY 133 133 133 GLY GLY A . n 
A 1 134 LYS 134 134 134 LYS LYS A . n 
A 1 135 ALA 135 135 135 ALA ALA A . n 
A 1 136 ILE 136 136 136 ILE ILE A . n 
A 1 137 TYR 137 137 137 TYR TYR A . n 
A 1 138 ALA 138 138 138 ALA ALA A . n 
# 
loop_
_pdbx_nonpoly_scheme.asym_id 
_pdbx_nonpoly_scheme.entity_id 
_pdbx_nonpoly_scheme.mon_id 
_pdbx_nonpoly_scheme.ndb_seq_num 
_pdbx_nonpoly_scheme.pdb_seq_num 
_pdbx_nonpoly_scheme.auth_seq_num 
_pdbx_nonpoly_scheme.pdb_mon_id 
_pdbx_nonpoly_scheme.auth_mon_id 
_pdbx_nonpoly_scheme.pdb_strand_id 
_pdbx_nonpoly_scheme.pdb_ins_code 
B 2 HOH 1   139 139 HOH HOH A . 
B 2 HOH 2   140 140 HOH HOH A . 
B 2 HOH 3   141 141 HOH HOH A . 
B 2 HOH 4   142 142 HOH HOH A . 
B 2 HOH 5   143 143 HOH HOH A . 
B 2 HOH 6   144 144 HOH HOH A . 
B 2 HOH 7   145 145 HOH HOH A . 
B 2 HOH 8   146 146 HOH HOH A . 
B 2 HOH 9   147 147 HOH HOH A . 
B 2 HOH 10  148 148 HOH HOH A . 
B 2 HOH 11  149 149 HOH HOH A . 
B 2 HOH 12  150 150 HOH HOH A . 
B 2 HOH 13  151 151 HOH HOH A . 
B 2 HOH 14  152 152 HOH HOH A . 
B 2 HOH 15  153 153 HOH HOH A . 
B 2 HOH 16  154 154 HOH HOH A . 
B 2 HOH 17  155 155 HOH HOH A . 
B 2 HOH 18  156 156 HOH HOH A . 
B 2 HOH 19  157 157 HOH HOH A . 
B 2 HOH 20  158 158 HOH HOH A . 
B 2 HOH 21  159 159 HOH HOH A . 
B 2 HOH 22  160 160 HOH HOH A . 
B 2 HOH 23  161 161 HOH HOH A . 
B 2 HOH 24  162 162 HOH HOH A . 
B 2 HOH 25  163 163 HOH HOH A . 
B 2 HOH 26  164 164 HOH HOH A . 
B 2 HOH 27  165 165 HOH HOH A . 
B 2 HOH 28  166 166 HOH HOH A . 
B 2 HOH 29  167 167 HOH HOH A . 
B 2 HOH 30  168 168 HOH HOH A . 
B 2 HOH 31  169 169 HOH HOH A . 
B 2 HOH 32  170 170 HOH HOH A . 
B 2 HOH 33  171 171 HOH HOH A . 
B 2 HOH 34  172 172 HOH HOH A . 
B 2 HOH 35  173 173 HOH HOH A . 
B 2 HOH 36  174 174 HOH HOH A . 
B 2 HOH 37  175 175 HOH HOH A . 
B 2 HOH 38  176 176 HOH HOH A . 
B 2 HOH 39  177 177 HOH HOH A . 
B 2 HOH 40  178 178 HOH HOH A . 
B 2 HOH 41  179 179 HOH HOH A . 
B 2 HOH 42  180 180 HOH HOH A . 
B 2 HOH 43  182 182 HOH HOH A . 
B 2 HOH 44  183 183 HOH HOH A . 
B 2 HOH 45  184 184 HOH HOH A . 
B 2 HOH 46  185 185 HOH HOH A . 
B 2 HOH 47  186 186 HOH HOH A . 
B 2 HOH 48  187 187 HOH HOH A . 
B 2 HOH 49  188 188 HOH HOH A . 
B 2 HOH 50  189 189 HOH HOH A . 
B 2 HOH 51  190 190 HOH HOH A . 
B 2 HOH 52  191 191 HOH HOH A . 
B 2 HOH 53  192 192 HOH HOH A . 
B 2 HOH 54  193 193 HOH HOH A . 
B 2 HOH 55  194 194 HOH HOH A . 
B 2 HOH 56  195 195 HOH HOH A . 
B 2 HOH 57  196 196 HOH HOH A . 
B 2 HOH 58  198 198 HOH HOH A . 
B 2 HOH 59  199 199 HOH HOH A . 
B 2 HOH 60  200 200 HOH HOH A . 
B 2 HOH 61  201 201 HOH HOH A . 
B 2 HOH 62  202 202 HOH HOH A . 
B 2 HOH 63  203 203 HOH HOH A . 
B 2 HOH 64  204 204 HOH HOH A . 
B 2 HOH 65  205 205 HOH HOH A . 
B 2 HOH 66  206 206 HOH HOH A . 
B 2 HOH 67  207 207 HOH HOH A . 
B 2 HOH 68  208 208 HOH HOH A . 
B 2 HOH 69  209 209 HOH HOH A . 
B 2 HOH 70  210 210 HOH HOH A . 
B 2 HOH 71  211 211 HOH HOH A . 
B 2 HOH 72  212 212 HOH HOH A . 
B 2 HOH 73  213 213 HOH HOH A . 
B 2 HOH 74  214 214 HOH HOH A . 
B 2 HOH 75  215 215 HOH HOH A . 
B 2 HOH 76  217 217 HOH HOH A . 
B 2 HOH 77  218 218 HOH HOH A . 
B 2 HOH 78  219 219 HOH HOH A . 
B 2 HOH 79  220 220 HOH HOH A . 
B 2 HOH 80  221 221 HOH HOH A . 
B 2 HOH 81  223 223 HOH HOH A . 
B 2 HOH 82  226 226 HOH HOH A . 
B 2 HOH 83  227 227 HOH HOH A . 
B 2 HOH 84  228 228 HOH HOH A . 
B 2 HOH 85  229 229 HOH HOH A . 
B 2 HOH 86  230 230 HOH HOH A . 
B 2 HOH 87  231 231 HOH HOH A . 
B 2 HOH 88  232 232 HOH HOH A . 
B 2 HOH 89  233 233 HOH HOH A . 
B 2 HOH 90  234 234 HOH HOH A . 
B 2 HOH 91  235 235 HOH HOH A . 
B 2 HOH 92  236 236 HOH HOH A . 
B 2 HOH 93  237 237 HOH HOH A . 
B 2 HOH 94  238 238 HOH HOH A . 
B 2 HOH 95  239 239 HOH HOH A . 
B 2 HOH 96  240 240 HOH HOH A . 
B 2 HOH 97  241 241 HOH HOH A . 
B 2 HOH 98  243 243 HOH HOH A . 
B 2 HOH 99  244 244 HOH HOH A . 
B 2 HOH 100 245 245 HOH HOH A . 
B 2 HOH 101 246 246 HOH HOH A . 
B 2 HOH 102 247 247 HOH HOH A . 
B 2 HOH 103 248 248 HOH HOH A . 
B 2 HOH 104 250 250 HOH HOH A . 
B 2 HOH 105 251 251 HOH HOH A . 
B 2 HOH 106 253 253 HOH HOH A . 
B 2 HOH 107 255 255 HOH HOH A . 
B 2 HOH 108 256 256 HOH HOH A . 
B 2 HOH 109 257 257 HOH HOH A . 
B 2 HOH 110 258 258 HOH HOH A . 
B 2 HOH 111 259 259 HOH HOH A . 
B 2 HOH 112 260 260 HOH HOH A . 
B 2 HOH 113 261 261 HOH HOH A . 
B 2 HOH 114 262 262 HOH HOH A . 
B 2 HOH 115 263 263 HOH HOH A . 
B 2 HOH 116 264 264 HOH HOH A . 
B 2 HOH 117 265 265 HOH HOH A . 
B 2 HOH 118 266 266 HOH HOH A . 
B 2 HOH 119 267 267 HOH HOH A . 
B 2 HOH 120 268 268 HOH HOH A . 
B 2 HOH 121 269 269 HOH HOH A . 
B 2 HOH 122 271 271 HOH HOH A . 
B 2 HOH 123 272 272 HOH HOH A . 
B 2 HOH 124 273 273 HOH HOH A . 
B 2 HOH 125 274 274 HOH HOH A . 
B 2 HOH 126 276 276 HOH HOH A . 
B 2 HOH 127 277 277 HOH HOH A . 
B 2 HOH 128 278 278 HOH HOH A . 
B 2 HOH 129 279 279 HOH HOH A . 
B 2 HOH 130 280 280 HOH HOH A . 
B 2 HOH 131 281 281 HOH HOH A . 
B 2 HOH 132 282 282 HOH HOH A . 
B 2 HOH 133 283 283 HOH HOH A . 
B 2 HOH 134 286 286 HOH HOH A . 
B 2 HOH 135 287 287 HOH HOH A . 
B 2 HOH 136 288 288 HOH HOH A . 
B 2 HOH 137 289 289 HOH HOH A . 
B 2 HOH 138 290 290 HOH HOH A . 
B 2 HOH 139 291 291 HOH HOH A . 
B 2 HOH 140 294 294 HOH HOH A . 
B 2 HOH 141 295 295 HOH HOH A . 
B 2 HOH 142 298 298 HOH HOH A . 
B 2 HOH 143 301 301 HOH HOH A . 
B 2 HOH 144 302 302 HOH HOH A . 
B 2 HOH 145 303 303 HOH HOH A . 
B 2 HOH 146 304 304 HOH HOH A . 
B 2 HOH 147 306 306 HOH HOH A . 
B 2 HOH 148 307 307 HOH HOH A . 
B 2 HOH 149 308 308 HOH HOH A . 
B 2 HOH 150 309 309 HOH HOH A . 
B 2 HOH 151 310 310 HOH HOH A . 
B 2 HOH 152 312 312 HOH HOH A . 
B 2 HOH 153 313 313 HOH HOH A . 
B 2 HOH 154 314 314 HOH HOH A . 
B 2 HOH 155 315 315 HOH HOH A . 
B 2 HOH 156 319 319 HOH HOH A . 
B 2 HOH 157 322 322 HOH HOH A . 
B 2 HOH 158 323 323 HOH HOH A . 
B 2 HOH 159 324 324 HOH HOH A . 
B 2 HOH 160 326 326 HOH HOH A . 
B 2 HOH 161 330 330 HOH HOH A . 
B 2 HOH 162 331 331 HOH HOH A . 
B 2 HOH 163 335 335 HOH HOH A . 
B 2 HOH 164 340 340 HOH HOH A . 
B 2 HOH 165 341 341 HOH HOH A . 
B 2 HOH 166 342 342 HOH HOH A . 
B 2 HOH 167 344 344 HOH HOH A . 
B 2 HOH 168 347 347 HOH HOH A . 
B 2 HOH 169 349 349 HOH HOH A . 
B 2 HOH 170 350 350 HOH HOH A . 
B 2 HOH 171 351 351 HOH HOH A . 
B 2 HOH 172 352 352 HOH HOH A . 
# 
_software.name             PROLSQ 
_software.classification   refinement 
_software.version          . 
_software.citation_id      ? 
_software.pdbx_ordinal     1 
# 
_cell.entry_id           2END 
_cell.length_a           41.310 
_cell.length_b           40.110 
_cell.length_c           37.590 
_cell.angle_alpha        90.00 
_cell.angle_beta         90.04 
_cell.angle_gamma        90.00 
_cell.Z_PDB              2 
_cell.pdbx_unique_axis   ? 
# 
_symmetry.entry_id                         2END 
_symmetry.space_group_name_H-M             'P 1 21 1' 
_symmetry.pdbx_full_space_group_name_H-M   ? 
_symmetry.cell_setting                     ? 
_symmetry.Int_Tables_number                4 
# 
_exptl.entry_id          2END 
_exptl.method            'X-RAY DIFFRACTION' 
_exptl.crystals_number   ? 
# 
_exptl_crystal.id                    1 
_exptl_crystal.density_meas          ? 
_exptl_crystal.density_Matthews      1.93 
_exptl_crystal.density_percent_sol   36.37 
_exptl_crystal.description           ? 
# 
_refine.entry_id                                 2END 
_refine.ls_number_reflns_obs                     17350 
_refine.ls_number_reflns_all                     ? 
_refine.pdbx_ls_sigma_I                          ? 
_refine.pdbx_ls_sigma_F                          2. 
_refine.pdbx_data_cutoff_high_absF               ? 
_refine.pdbx_data_cutoff_low_absF                ? 
_refine.pdbx_data_cutoff_high_rms_absF           ? 
_refine.ls_d_res_low                             6.0 
_refine.ls_d_res_high                            1.45 
_refine.ls_percent_reflns_obs                    ? 
_refine.ls_R_factor_obs                          0.1610000 
_refine.ls_R_factor_all                          ? 
_refine.ls_R_factor_R_work                       ? 
_refine.ls_R_factor_R_free                       ? 
_refine.ls_R_factor_R_free_error                 ? 
_refine.ls_R_factor_R_free_error_details         ? 
_refine.ls_percent_reflns_R_free                 ? 
_refine.ls_number_reflns_R_free                  ? 
_refine.ls_number_parameters                     ? 
_refine.ls_number_restraints                     ? 
_refine.occupancy_min                            ? 
_refine.occupancy_max                            ? 
_refine.B_iso_mean                               ? 
_refine.aniso_B[1][1]                            ? 
_refine.aniso_B[2][2]                            ? 
_refine.aniso_B[3][3]                            ? 
_refine.aniso_B[1][2]                            ? 
_refine.aniso_B[1][3]                            ? 
_refine.aniso_B[2][3]                            ? 
_refine.solvent_model_details                    ? 
_refine.solvent_model_param_ksol                 ? 
_refine.solvent_model_param_bsol                 ? 
_refine.pdbx_ls_cross_valid_method               ? 
_refine.details                                  ? 
_refine.pdbx_starting_model                      ? 
_refine.pdbx_method_to_determine_struct          ? 
_refine.pdbx_isotropic_thermal_model             ? 
_refine.pdbx_stereochemistry_target_values       ? 
_refine.pdbx_stereochem_target_val_spec_case     ? 
_refine.pdbx_R_Free_selection_details            ? 
_refine.pdbx_overall_ESU_R                       ? 
_refine.pdbx_overall_ESU_R_Free                  ? 
_refine.overall_SU_ML                            ? 
_refine.overall_SU_B                             ? 
_refine.pdbx_refine_id                           'X-RAY DIFFRACTION' 
_refine.pdbx_diffrn_id                           1 
_refine.pdbx_TLS_residual_ADP_flag               ? 
_refine.correlation_coeff_Fo_to_Fc               ? 
_refine.correlation_coeff_Fo_to_Fc_free          ? 
_refine.pdbx_solvent_vdw_probe_radii             ? 
_refine.pdbx_solvent_ion_probe_radii             ? 
_refine.pdbx_solvent_shrinkage_radii             ? 
_refine.pdbx_overall_phase_error                 ? 
_refine.overall_SU_R_Cruickshank_DPI             ? 
_refine.pdbx_overall_SU_R_free_Cruickshank_DPI   ? 
_refine.pdbx_overall_SU_R_Blow_DPI               ? 
_refine.pdbx_overall_SU_R_free_Blow_DPI          ? 
# 
_refine_hist.pdbx_refine_id                   'X-RAY DIFFRACTION' 
_refine_hist.cycle_id                         LAST 
_refine_hist.pdbx_number_atoms_protein        1129 
_refine_hist.pdbx_number_atoms_nucleic_acid   0 
_refine_hist.pdbx_number_atoms_ligand         0 
_refine_hist.number_atoms_solvent             172 
_refine_hist.number_atoms_total               1301 
_refine_hist.d_res_high                       1.45 
_refine_hist.d_res_low                        6.0 
# 
loop_
_refine_ls_restr.type 
_refine_ls_restr.dev_ideal 
_refine_ls_restr.dev_ideal_target 
_refine_ls_restr.weight 
_refine_ls_restr.number 
_refine_ls_restr.pdbx_refine_id 
_refine_ls_restr.pdbx_restraint_function 
p_bond_d            0.021  0.020 ? ? 'X-RAY DIFFRACTION' ? 
p_angle_d           0.039  0.030 ? ? 'X-RAY DIFFRACTION' ? 
p_angle_deg         ?      ?     ? ? 'X-RAY DIFFRACTION' ? 
p_planar_d          0.055  0.050 ? ? 'X-RAY DIFFRACTION' ? 
p_hb_or_metal_coord ?      ?     ? ? 'X-RAY DIFFRACTION' ? 
p_mcbond_it         1.074  1.500 ? ? 'X-RAY DIFFRACTION' ? 
p_mcangle_it        1.628  2.000 ? ? 'X-RAY DIFFRACTION' ? 
p_scbond_it         2.242  2.000 ? ? 'X-RAY DIFFRACTION' ? 
p_scangle_it        3.543  2.500 ? ? 'X-RAY DIFFRACTION' ? 
p_plane_restr       0.019  0.020 ? ? 'X-RAY DIFFRACTION' ? 
p_chiral_restr      0.100  0.150 ? ? 'X-RAY DIFFRACTION' ? 
p_singtor_nbd       0.173  0.300 ? ? 'X-RAY DIFFRACTION' ? 
p_multtor_nbd       0.200  0.300 ? ? 'X-RAY DIFFRACTION' ? 
p_xhyhbond_nbd      0.181  0.300 ? ? 'X-RAY DIFFRACTION' ? 
p_xyhbond_nbd       ?      ?     ? ? 'X-RAY DIFFRACTION' ? 
p_planar_tor        3.100  3.000 ? ? 'X-RAY DIFFRACTION' ? 
p_staggered_tor     11.800 15.00 ? ? 'X-RAY DIFFRACTION' ? 
p_orthonormal_tor   26.900 20.00 ? ? 'X-RAY DIFFRACTION' ? 
p_transverse_tor    ?      ?     ? ? 'X-RAY DIFFRACTION' ? 
p_special_tor       ?      ?     ? ? 'X-RAY DIFFRACTION' ? 
# 
_struct.entry_id                  2END 
_struct.title                     
;CRYSTAL STRUCTURE OF A PYRIMIDINE DIMER SPECIFIC EXCISION REPAIR ENZYME FROM BACTERIOPHAGE T4: REFINEMENT AT 1.45 ANGSTROMS AND X-RAY ANALYSIS OF THE THREE ACTIVE SITE MUTANTS
;
_struct.pdbx_model_details        ? 
_struct.pdbx_CASP_flag            ? 
_struct.pdbx_model_type_details   ? 
# 
_struct_keywords.entry_id        2END 
_struct_keywords.pdbx_keywords   ENDONUCLEASE 
_struct_keywords.text            ENDONUCLEASE 
# 
loop_
_struct_asym.id 
_struct_asym.pdbx_blank_PDB_chainid_flag 
_struct_asym.pdbx_modified 
_struct_asym.entity_id 
_struct_asym.details 
A N N 1 ? 
B N N 2 ? 
# 
_struct_ref.id                         1 
_struct_ref.db_name                    UNP 
_struct_ref.db_code                    END5_BPT4 
_struct_ref.entity_id                  1 
_struct_ref.pdbx_db_accession          P04418 
_struct_ref.pdbx_align_begin           1 
_struct_ref.pdbx_seq_one_letter_code   
;MTRINLTLVSELADQHLMAEYRELPRVFGAVRKHVANGKRVRDFKISPTFILGAGHVTFFYDKLEFLRKRQIELIAECLK
RGFNIKDTTVQDISDIPQEFRGDYIPHEASIAISQARLDEKIAQRPTWYKYYGKAIYA
;
_struct_ref.pdbx_db_isoform            ? 
# 
_struct_ref_seq.align_id                      1 
_struct_ref_seq.ref_id                        1 
_struct_ref_seq.pdbx_PDB_id_code              2END 
_struct_ref_seq.pdbx_strand_id                A 
_struct_ref_seq.seq_align_beg                 1 
_struct_ref_seq.pdbx_seq_align_beg_ins_code   ? 
_struct_ref_seq.seq_align_end                 138 
_struct_ref_seq.pdbx_seq_align_end_ins_code   ? 
_struct_ref_seq.pdbx_db_accession             P04418 
_struct_ref_seq.db_align_beg                  1 
_struct_ref_seq.pdbx_db_align_beg_ins_code    ? 
_struct_ref_seq.db_align_end                  138 
_struct_ref_seq.pdbx_db_align_end_ins_code    ? 
_struct_ref_seq.pdbx_auth_seq_align_beg       1 
_struct_ref_seq.pdbx_auth_seq_align_end       138 
# 
_pdbx_struct_assembly.id                   1 
_pdbx_struct_assembly.details              author_defined_assembly 
_pdbx_struct_assembly.method_details       ? 
_pdbx_struct_assembly.oligomeric_details   monomeric 
_pdbx_struct_assembly.oligomeric_count     1 
# 
_pdbx_struct_assembly_gen.assembly_id       1 
_pdbx_struct_assembly_gen.oper_expression   1 
_pdbx_struct_assembly_gen.asym_id_list      A,B 
# 
_pdbx_struct_oper_list.id                   1 
_pdbx_struct_oper_list.type                 'identity operation' 
_pdbx_struct_oper_list.name                 1_555 
_pdbx_struct_oper_list.symmetry_operation   x,y,z 
_pdbx_struct_oper_list.matrix[1][1]         1.0000000000 
_pdbx_struct_oper_list.matrix[1][2]         0.0000000000 
_pdbx_struct_oper_list.matrix[1][3]         0.0000000000 
_pdbx_struct_oper_list.vector[1]            0.0000000000 
_pdbx_struct_oper_list.matrix[2][1]         0.0000000000 
_pdbx_struct_oper_list.matrix[2][2]         1.0000000000 
_pdbx_struct_oper_list.matrix[2][3]         0.0000000000 
_pdbx_struct_oper_list.vector[2]            0.0000000000 
_pdbx_struct_oper_list.matrix[3][1]         0.0000000000 
_pdbx_struct_oper_list.matrix[3][2]         0.0000000000 
_pdbx_struct_oper_list.matrix[3][3]         1.0000000000 
_pdbx_struct_oper_list.vector[3]            0.0000000000 
# 
_struct_biol.id   1 
# 
loop_
_struct_conf.conf_type_id 
_struct_conf.id 
_struct_conf.pdbx_PDB_helix_id 
_struct_conf.beg_label_comp_id 
_struct_conf.beg_label_asym_id 
_struct_conf.beg_label_seq_id 
_struct_conf.pdbx_beg_PDB_ins_code 
_struct_conf.end_label_comp_id 
_struct_conf.end_label_asym_id 
_struct_conf.end_label_seq_id 
_struct_conf.pdbx_end_PDB_ins_code 
_struct_conf.beg_auth_comp_id 
_struct_conf.beg_auth_asym_id 
_struct_conf.beg_auth_seq_id 
_struct_conf.end_auth_comp_id 
_struct_conf.end_auth_asym_id 
_struct_conf.end_auth_seq_id 
_struct_conf.pdbx_PDB_helix_class 
_struct_conf.details 
_struct_conf.pdbx_PDB_helix_length 
HELX_P HELX_P1 H1 ASP A 14  ? GLY A 38  ? ASP A 14  GLY A 38  1 ? 25 
HELX_P HELX_P2 H2 LEU A 64  ? GLY A 82  ? LEU A 64  GLY A 82  1 ? 19 
HELX_P HELX_P3 H3 GLU A 108 ? GLN A 124 ? GLU A 108 GLN A 124 1 ? 17 
# 
_struct_conf_type.id          HELX_P 
_struct_conf_type.criteria    ? 
_struct_conf_type.reference   ? 
# 
_pdbx_validate_close_contact.id               1 
_pdbx_validate_close_contact.PDB_model_num    1 
_pdbx_validate_close_contact.auth_atom_id_1   O 
_pdbx_validate_close_contact.auth_asym_id_1   A 
_pdbx_validate_close_contact.auth_comp_id_1   HOH 
_pdbx_validate_close_contact.auth_seq_id_1    172 
_pdbx_validate_close_contact.PDB_ins_code_1   ? 
_pdbx_validate_close_contact.label_alt_id_1   ? 
_pdbx_validate_close_contact.auth_atom_id_2   O 
_pdbx_validate_close_contact.auth_asym_id_2   A 
_pdbx_validate_close_contact.auth_comp_id_2   HOH 
_pdbx_validate_close_contact.auth_seq_id_2    274 
_pdbx_validate_close_contact.PDB_ins_code_2   ? 
_pdbx_validate_close_contact.label_alt_id_2   ? 
_pdbx_validate_close_contact.dist             2.18 
# 
_pdbx_validate_symm_contact.id                1 
_pdbx_validate_symm_contact.PDB_model_num     1 
_pdbx_validate_symm_contact.auth_atom_id_1    O 
_pdbx_validate_symm_contact.auth_asym_id_1    A 
_pdbx_validate_symm_contact.auth_comp_id_1    HOH 
_pdbx_validate_symm_contact.auth_seq_id_1     214 
_pdbx_validate_symm_contact.PDB_ins_code_1    ? 
_pdbx_validate_symm_contact.label_alt_id_1    ? 
_pdbx_validate_symm_contact.site_symmetry_1   1_555 
_pdbx_validate_symm_contact.auth_atom_id_2    O 
_pdbx_validate_symm_contact.auth_asym_id_2    A 
_pdbx_validate_symm_contact.auth_comp_id_2    HOH 
_pdbx_validate_symm_contact.auth_seq_id_2     218 
_pdbx_validate_symm_contact.PDB_ins_code_2    ? 
_pdbx_validate_symm_contact.label_alt_id_2    ? 
_pdbx_validate_symm_contact.site_symmetry_2   2_556 
_pdbx_validate_symm_contact.dist              2.09 
# 
_pdbx_validate_rmsd_bond.id                        1 
_pdbx_validate_rmsd_bond.PDB_model_num             1 
_pdbx_validate_rmsd_bond.auth_atom_id_1            CD 
_pdbx_validate_rmsd_bond.auth_asym_id_1            A 
_pdbx_validate_rmsd_bond.auth_comp_id_1            GLU 
_pdbx_validate_rmsd_bond.auth_seq_id_1             99 
_pdbx_validate_rmsd_bond.PDB_ins_code_1            ? 
_pdbx_validate_rmsd_bond.label_alt_id_1            ? 
_pdbx_validate_rmsd_bond.auth_atom_id_2            OE2 
_pdbx_validate_rmsd_bond.auth_asym_id_2            A 
_pdbx_validate_rmsd_bond.auth_comp_id_2            GLU 
_pdbx_validate_rmsd_bond.auth_seq_id_2             99 
_pdbx_validate_rmsd_bond.PDB_ins_code_2            ? 
_pdbx_validate_rmsd_bond.label_alt_id_2            ? 
_pdbx_validate_rmsd_bond.bond_value                1.183 
_pdbx_validate_rmsd_bond.bond_target_value         1.252 
_pdbx_validate_rmsd_bond.bond_deviation            -0.069 
_pdbx_validate_rmsd_bond.bond_standard_deviation   0.011 
_pdbx_validate_rmsd_bond.linker_flag               N 
# 
loop_
_pdbx_validate_rmsd_angle.id 
_pdbx_validate_rmsd_angle.PDB_model_num 
_pdbx_validate_rmsd_angle.auth_atom_id_1 
_pdbx_validate_rmsd_angle.auth_asym_id_1 
_pdbx_validate_rmsd_angle.auth_comp_id_1 
_pdbx_validate_rmsd_angle.auth_seq_id_1 
_pdbx_validate_rmsd_angle.PDB_ins_code_1 
_pdbx_validate_rmsd_angle.label_alt_id_1 
_pdbx_validate_rmsd_angle.auth_atom_id_2 
_pdbx_validate_rmsd_angle.auth_asym_id_2 
_pdbx_validate_rmsd_angle.auth_comp_id_2 
_pdbx_validate_rmsd_angle.auth_seq_id_2 
_pdbx_validate_rmsd_angle.PDB_ins_code_2 
_pdbx_validate_rmsd_angle.label_alt_id_2 
_pdbx_validate_rmsd_angle.auth_atom_id_3 
_pdbx_validate_rmsd_angle.auth_asym_id_3 
_pdbx_validate_rmsd_angle.auth_comp_id_3 
_pdbx_validate_rmsd_angle.auth_seq_id_3 
_pdbx_validate_rmsd_angle.PDB_ins_code_3 
_pdbx_validate_rmsd_angle.label_alt_id_3 
_pdbx_validate_rmsd_angle.angle_value 
_pdbx_validate_rmsd_angle.angle_target_value 
_pdbx_validate_rmsd_angle.angle_deviation 
_pdbx_validate_rmsd_angle.angle_standard_deviation 
_pdbx_validate_rmsd_angle.linker_flag 
1  1 NE  A ARG 3   ? ? CZ A ARG 3   ? ? NH1 A ARG 3   ? ? 117.16 120.30 -3.14 0.50 N 
2  1 CB  A ASP 14  ? ? CG A ASP 14  ? ? OD1 A ASP 14  ? ? 124.05 118.30 5.75  0.90 N 
3  1 NE  A ARG 26  ? ? CZ A ARG 26  ? ? NH1 A ARG 26  ? ? 123.55 120.30 3.25  0.50 N 
4  1 NE  A ARG 32  ? ? CZ A ARG 32  ? ? NH1 A ARG 32  ? ? 116.05 120.30 -4.25 0.50 N 
5  1 NE  A ARG 32  ? ? CZ A ARG 32  ? ? NH2 A ARG 32  ? ? 128.20 120.30 7.90  0.50 N 
6  1 NE  A ARG 40  ? ? CZ A ARG 40  ? ? NH2 A ARG 40  ? ? 116.80 120.30 -3.50 0.50 N 
7  1 NE  A ARG 42  ? ? CZ A ARG 42  ? ? NH1 A ARG 42  ? ? 116.67 120.30 -3.63 0.50 N 
8  1 CB  A PHE 50  ? ? CG A PHE 50  ? ? CD2 A PHE 50  ? ? 115.61 120.80 -5.19 0.70 N 
9  1 CB  A PHE 59  ? ? CG A PHE 59  ? ? CD1 A PHE 59  ? ? 116.05 120.80 -4.75 0.70 N 
10 1 CB  A TYR 61  ? ? CG A TYR 61  ? ? CD2 A TYR 61  ? ? 115.43 121.00 -5.57 0.60 N 
11 1 NE  A ARG 68  ? ? CZ A ARG 68  ? ? NH2 A ARG 68  ? ? 124.78 120.30 4.48  0.50 N 
12 1 NE  A ARG 70  ? ? CZ A ARG 70  ? ? NH2 A ARG 70  ? ? 116.38 120.30 -3.92 0.50 N 
13 1 NE  A ARG 81  ? ? CZ A ARG 81  ? ? NH1 A ARG 81  ? ? 124.20 120.30 3.90  0.50 N 
14 1 CB  A ASP 92  ? ? CG A ASP 92  ? ? OD1 A ASP 92  ? ? 124.17 118.30 5.87  0.90 N 
15 1 NE  A ARG 101 ? ? CZ A ARG 101 ? ? NH2 A ARG 101 ? ? 114.63 120.30 -5.67 0.50 N 
16 1 NE  A ARG 117 ? ? CZ A ARG 117 ? ? NH1 A ARG 117 ? ? 126.10 120.30 5.80  0.50 N 
17 1 NE  A ARG 117 ? ? CZ A ARG 117 ? ? NH2 A ARG 117 ? ? 114.43 120.30 -5.87 0.50 N 
18 1 CD  A ARG 125 ? ? NE A ARG 125 ? ? CZ  A ARG 125 ? ? 134.21 123.60 10.61 1.40 N 
19 1 NH1 A ARG 125 ? ? CZ A ARG 125 ? ? NH2 A ARG 125 ? ? 109.97 119.40 -9.43 1.10 N 
20 1 NE  A ARG 125 ? ? CZ A ARG 125 ? ? NH1 A ARG 125 ? ? 128.21 120.30 7.91  0.50 N 
# 
loop_
_pdbx_validate_torsion.id 
_pdbx_validate_torsion.PDB_model_num 
_pdbx_validate_torsion.auth_comp_id 
_pdbx_validate_torsion.auth_asym_id 
_pdbx_validate_torsion.auth_seq_id 
_pdbx_validate_torsion.PDB_ins_code 
_pdbx_validate_torsion.label_alt_id 
_pdbx_validate_torsion.phi 
_pdbx_validate_torsion.psi 
1 1 ARG A 101 ? ? -94.06  57.59 
2 1 ARG A 125 ? ? -164.03 84.86 
# 
loop_
_pdbx_validate_planes.id 
_pdbx_validate_planes.PDB_model_num 
_pdbx_validate_planes.auth_comp_id 
_pdbx_validate_planes.auth_asym_id 
_pdbx_validate_planes.auth_seq_id 
_pdbx_validate_planes.PDB_ins_code 
_pdbx_validate_planes.label_alt_id 
_pdbx_validate_planes.rmsd 
_pdbx_validate_planes.type 
1 1 TYR A 61  ? ? 0.050 'SIDE CHAIN' 
2 1 ARG A 125 ? ? 0.080 'SIDE CHAIN' 
# 
_pdbx_unobs_or_zero_occ_residues.id               1 
_pdbx_unobs_or_zero_occ_residues.PDB_model_num    1 
_pdbx_unobs_or_zero_occ_residues.polymer_flag     Y 
_pdbx_unobs_or_zero_occ_residues.occupancy_flag   1 
_pdbx_unobs_or_zero_occ_residues.auth_asym_id     A 
_pdbx_unobs_or_zero_occ_residues.auth_comp_id     MET 
_pdbx_unobs_or_zero_occ_residues.auth_seq_id      1 
_pdbx_unobs_or_zero_occ_residues.PDB_ins_code     ? 
_pdbx_unobs_or_zero_occ_residues.label_asym_id    A 
_pdbx_unobs_or_zero_occ_residues.label_comp_id    MET 
_pdbx_unobs_or_zero_occ_residues.label_seq_id     1 
# 
loop_
_chem_comp_atom.comp_id 
_chem_comp_atom.atom_id 
_chem_comp_atom.type_symbol 
_chem_comp_atom.pdbx_aromatic_flag 
_chem_comp_atom.pdbx_stereo_config 
_chem_comp_atom.pdbx_ordinal 
ALA N    N N N 1   
ALA CA   C N S 2   
ALA C    C N N 3   
ALA O    O N N 4   
ALA CB   C N N 5   
ALA OXT  O N N 6   
ALA H    H N N 7   
ALA H2   H N N 8   
ALA HA   H N N 9   
ALA HB1  H N N 10  
ALA HB2  H N N 11  
ALA HB3  H N N 12  
ALA HXT  H N N 13  
ARG N    N N N 14  
ARG CA   C N S 15  
ARG C    C N N 16  
ARG O    O N N 17  
ARG CB   C N N 18  
ARG CG   C N N 19  
ARG CD   C N N 20  
ARG NE   N N N 21  
ARG CZ   C N N 22  
ARG NH1  N N N 23  
ARG NH2  N N N 24  
ARG OXT  O N N 25  
ARG H    H N N 26  
ARG H2   H N N 27  
ARG HA   H N N 28  
ARG HB2  H N N 29  
ARG HB3  H N N 30  
ARG HG2  H N N 31  
ARG HG3  H N N 32  
ARG HD2  H N N 33  
ARG HD3  H N N 34  
ARG HE   H N N 35  
ARG HH11 H N N 36  
ARG HH12 H N N 37  
ARG HH21 H N N 38  
ARG HH22 H N N 39  
ARG HXT  H N N 40  
ASN N    N N N 41  
ASN CA   C N S 42  
ASN C    C N N 43  
ASN O    O N N 44  
ASN CB   C N N 45  
ASN CG   C N N 46  
ASN OD1  O N N 47  
ASN ND2  N N N 48  
ASN OXT  O N N 49  
ASN H    H N N 50  
ASN H2   H N N 51  
ASN HA   H N N 52  
ASN HB2  H N N 53  
ASN HB3  H N N 54  
ASN HD21 H N N 55  
ASN HD22 H N N 56  
ASN HXT  H N N 57  
ASP N    N N N 58  
ASP CA   C N S 59  
ASP C    C N N 60  
ASP O    O N N 61  
ASP CB   C N N 62  
ASP CG   C N N 63  
ASP OD1  O N N 64  
ASP OD2  O N N 65  
ASP OXT  O N N 66  
ASP H    H N N 67  
ASP H2   H N N 68  
ASP HA   H N N 69  
ASP HB2  H N N 70  
ASP HB3  H N N 71  
ASP HD2  H N N 72  
ASP HXT  H N N 73  
CYS N    N N N 74  
CYS CA   C N R 75  
CYS C    C N N 76  
CYS O    O N N 77  
CYS CB   C N N 78  
CYS SG   S N N 79  
CYS OXT  O N N 80  
CYS H    H N N 81  
CYS H2   H N N 82  
CYS HA   H N N 83  
CYS HB2  H N N 84  
CYS HB3  H N N 85  
CYS HG   H N N 86  
CYS HXT  H N N 87  
GLN N    N N N 88  
GLN CA   C N S 89  
GLN C    C N N 90  
GLN O    O N N 91  
GLN CB   C N N 92  
GLN CG   C N N 93  
GLN CD   C N N 94  
GLN OE1  O N N 95  
GLN NE2  N N N 96  
GLN OXT  O N N 97  
GLN H    H N N 98  
GLN H2   H N N 99  
GLN HA   H N N 100 
GLN HB2  H N N 101 
GLN HB3  H N N 102 
GLN HG2  H N N 103 
GLN HG3  H N N 104 
GLN HE21 H N N 105 
GLN HE22 H N N 106 
GLN HXT  H N N 107 
GLU N    N N N 108 
GLU CA   C N S 109 
GLU C    C N N 110 
GLU O    O N N 111 
GLU CB   C N N 112 
GLU CG   C N N 113 
GLU CD   C N N 114 
GLU OE1  O N N 115 
GLU OE2  O N N 116 
GLU OXT  O N N 117 
GLU H    H N N 118 
GLU H2   H N N 119 
GLU HA   H N N 120 
GLU HB2  H N N 121 
GLU HB3  H N N 122 
GLU HG2  H N N 123 
GLU HG3  H N N 124 
GLU HE2  H N N 125 
GLU HXT  H N N 126 
GLY N    N N N 127 
GLY CA   C N N 128 
GLY C    C N N 129 
GLY O    O N N 130 
GLY OXT  O N N 131 
GLY H    H N N 132 
GLY H2   H N N 133 
GLY HA2  H N N 134 
GLY HA3  H N N 135 
GLY HXT  H N N 136 
HIS N    N N N 137 
HIS CA   C N S 138 
HIS C    C N N 139 
HIS O    O N N 140 
HIS CB   C N N 141 
HIS CG   C Y N 142 
HIS ND1  N Y N 143 
HIS CD2  C Y N 144 
HIS CE1  C Y N 145 
HIS NE2  N Y N 146 
HIS OXT  O N N 147 
HIS H    H N N 148 
HIS H2   H N N 149 
HIS HA   H N N 150 
HIS HB2  H N N 151 
HIS HB3  H N N 152 
HIS HD1  H N N 153 
HIS HD2  H N N 154 
HIS HE1  H N N 155 
HIS HE2  H N N 156 
HIS HXT  H N N 157 
HOH O    O N N 158 
HOH H1   H N N 159 
HOH H2   H N N 160 
ILE N    N N N 161 
ILE CA   C N S 162 
ILE C    C N N 163 
ILE O    O N N 164 
ILE CB   C N S 165 
ILE CG1  C N N 166 
ILE CG2  C N N 167 
ILE CD1  C N N 168 
ILE OXT  O N N 169 
ILE H    H N N 170 
ILE H2   H N N 171 
ILE HA   H N N 172 
ILE HB   H N N 173 
ILE HG12 H N N 174 
ILE HG13 H N N 175 
ILE HG21 H N N 176 
ILE HG22 H N N 177 
ILE HG23 H N N 178 
ILE HD11 H N N 179 
ILE HD12 H N N 180 
ILE HD13 H N N 181 
ILE HXT  H N N 182 
LEU N    N N N 183 
LEU CA   C N S 184 
LEU C    C N N 185 
LEU O    O N N 186 
LEU CB   C N N 187 
LEU CG   C N N 188 
LEU CD1  C N N 189 
LEU CD2  C N N 190 
LEU OXT  O N N 191 
LEU H    H N N 192 
LEU H2   H N N 193 
LEU HA   H N N 194 
LEU HB2  H N N 195 
LEU HB3  H N N 196 
LEU HG   H N N 197 
LEU HD11 H N N 198 
LEU HD12 H N N 199 
LEU HD13 H N N 200 
LEU HD21 H N N 201 
LEU HD22 H N N 202 
LEU HD23 H N N 203 
LEU HXT  H N N 204 
LYS N    N N N 205 
LYS CA   C N S 206 
LYS C    C N N 207 
LYS O    O N N 208 
LYS CB   C N N 209 
LYS CG   C N N 210 
LYS CD   C N N 211 
LYS CE   C N N 212 
LYS NZ   N N N 213 
LYS OXT  O N N 214 
LYS H    H N N 215 
LYS H2   H N N 216 
LYS HA   H N N 217 
LYS HB2  H N N 218 
LYS HB3  H N N 219 
LYS HG2  H N N 220 
LYS HG3  H N N 221 
LYS HD2  H N N 222 
LYS HD3  H N N 223 
LYS HE2  H N N 224 
LYS HE3  H N N 225 
LYS HZ1  H N N 226 
LYS HZ2  H N N 227 
LYS HZ3  H N N 228 
LYS HXT  H N N 229 
MET N    N N N 230 
MET CA   C N S 231 
MET C    C N N 232 
MET O    O N N 233 
MET CB   C N N 234 
MET CG   C N N 235 
MET SD   S N N 236 
MET CE   C N N 237 
MET OXT  O N N 238 
MET H    H N N 239 
MET H2   H N N 240 
MET HA   H N N 241 
MET HB2  H N N 242 
MET HB3  H N N 243 
MET HG2  H N N 244 
MET HG3  H N N 245 
MET HE1  H N N 246 
MET HE2  H N N 247 
MET HE3  H N N 248 
MET HXT  H N N 249 
PHE N    N N N 250 
PHE CA   C N S 251 
PHE C    C N N 252 
PHE O    O N N 253 
PHE CB   C N N 254 
PHE CG   C Y N 255 
PHE CD1  C Y N 256 
PHE CD2  C Y N 257 
PHE CE1  C Y N 258 
PHE CE2  C Y N 259 
PHE CZ   C Y N 260 
PHE OXT  O N N 261 
PHE H    H N N 262 
PHE H2   H N N 263 
PHE HA   H N N 264 
PHE HB2  H N N 265 
PHE HB3  H N N 266 
PHE HD1  H N N 267 
PHE HD2  H N N 268 
PHE HE1  H N N 269 
PHE HE2  H N N 270 
PHE HZ   H N N 271 
PHE HXT  H N N 272 
PRO N    N N N 273 
PRO CA   C N S 274 
PRO C    C N N 275 
PRO O    O N N 276 
PRO CB   C N N 277 
PRO CG   C N N 278 
PRO CD   C N N 279 
PRO OXT  O N N 280 
PRO H    H N N 281 
PRO HA   H N N 282 
PRO HB2  H N N 283 
PRO HB3  H N N 284 
PRO HG2  H N N 285 
PRO HG3  H N N 286 
PRO HD2  H N N 287 
PRO HD3  H N N 288 
PRO HXT  H N N 289 
SER N    N N N 290 
SER CA   C N S 291 
SER C    C N N 292 
SER O    O N N 293 
SER CB   C N N 294 
SER OG   O N N 295 
SER OXT  O N N 296 
SER H    H N N 297 
SER H2   H N N 298 
SER HA   H N N 299 
SER HB2  H N N 300 
SER HB3  H N N 301 
SER HG   H N N 302 
SER HXT  H N N 303 
THR N    N N N 304 
THR CA   C N S 305 
THR C    C N N 306 
THR O    O N N 307 
THR CB   C N R 308 
THR OG1  O N N 309 
THR CG2  C N N 310 
THR OXT  O N N 311 
THR H    H N N 312 
THR H2   H N N 313 
THR HA   H N N 314 
THR HB   H N N 315 
THR HG1  H N N 316 
THR HG21 H N N 317 
THR HG22 H N N 318 
THR HG23 H N N 319 
THR HXT  H N N 320 
TRP N    N N N 321 
TRP CA   C N S 322 
TRP C    C N N 323 
TRP O    O N N 324 
TRP CB   C N N 325 
TRP CG   C Y N 326 
TRP CD1  C Y N 327 
TRP CD2  C Y N 328 
TRP NE1  N Y N 329 
TRP CE2  C Y N 330 
TRP CE3  C Y N 331 
TRP CZ2  C Y N 332 
TRP CZ3  C Y N 333 
TRP CH2  C Y N 334 
TRP OXT  O N N 335 
TRP H    H N N 336 
TRP H2   H N N 337 
TRP HA   H N N 338 
TRP HB2  H N N 339 
TRP HB3  H N N 340 
TRP HD1  H N N 341 
TRP HE1  H N N 342 
TRP HE3  H N N 343 
TRP HZ2  H N N 344 
TRP HZ3  H N N 345 
TRP HH2  H N N 346 
TRP HXT  H N N 347 
TYR N    N N N 348 
TYR CA   C N S 349 
TYR C    C N N 350 
TYR O    O N N 351 
TYR CB   C N N 352 
TYR CG   C Y N 353 
TYR CD1  C Y N 354 
TYR CD2  C Y N 355 
TYR CE1  C Y N 356 
TYR CE2  C Y N 357 
TYR CZ   C Y N 358 
TYR OH   O N N 359 
TYR OXT  O N N 360 
TYR H    H N N 361 
TYR H2   H N N 362 
TYR HA   H N N 363 
TYR HB2  H N N 364 
TYR HB3  H N N 365 
TYR HD1  H N N 366 
TYR HD2  H N N 367 
TYR HE1  H N N 368 
TYR HE2  H N N 369 
TYR HH   H N N 370 
TYR HXT  H N N 371 
VAL N    N N N 372 
VAL CA   C N S 373 
VAL C    C N N 374 
VAL O    O N N 375 
VAL CB   C N N 376 
VAL CG1  C N N 377 
VAL CG2  C N N 378 
VAL OXT  O N N 379 
VAL H    H N N 380 
VAL H2   H N N 381 
VAL HA   H N N 382 
VAL HB   H N N 383 
VAL HG11 H N N 384 
VAL HG12 H N N 385 
VAL HG13 H N N 386 
VAL HG21 H N N 387 
VAL HG22 H N N 388 
VAL HG23 H N N 389 
VAL HXT  H N N 390 
# 
loop_
_chem_comp_bond.comp_id 
_chem_comp_bond.atom_id_1 
_chem_comp_bond.atom_id_2 
_chem_comp_bond.value_order 
_chem_comp_bond.pdbx_aromatic_flag 
_chem_comp_bond.pdbx_stereo_config 
_chem_comp_bond.pdbx_ordinal 
ALA N   CA   sing N N 1   
ALA N   H    sing N N 2   
ALA N   H2   sing N N 3   
ALA CA  C    sing N N 4   
ALA CA  CB   sing N N 5   
ALA CA  HA   sing N N 6   
ALA C   O    doub N N 7   
ALA C   OXT  sing N N 8   
ALA CB  HB1  sing N N 9   
ALA CB  HB2  sing N N 10  
ALA CB  HB3  sing N N 11  
ALA OXT HXT  sing N N 12  
ARG N   CA   sing N N 13  
ARG N   H    sing N N 14  
ARG N   H2   sing N N 15  
ARG CA  C    sing N N 16  
ARG CA  CB   sing N N 17  
ARG CA  HA   sing N N 18  
ARG C   O    doub N N 19  
ARG C   OXT  sing N N 20  
ARG CB  CG   sing N N 21  
ARG CB  HB2  sing N N 22  
ARG CB  HB3  sing N N 23  
ARG CG  CD   sing N N 24  
ARG CG  HG2  sing N N 25  
ARG CG  HG3  sing N N 26  
ARG CD  NE   sing N N 27  
ARG CD  HD2  sing N N 28  
ARG CD  HD3  sing N N 29  
ARG NE  CZ   sing N N 30  
ARG NE  HE   sing N N 31  
ARG CZ  NH1  sing N N 32  
ARG CZ  NH2  doub N N 33  
ARG NH1 HH11 sing N N 34  
ARG NH1 HH12 sing N N 35  
ARG NH2 HH21 sing N N 36  
ARG NH2 HH22 sing N N 37  
ARG OXT HXT  sing N N 38  
ASN N   CA   sing N N 39  
ASN N   H    sing N N 40  
ASN N   H2   sing N N 41  
ASN CA  C    sing N N 42  
ASN CA  CB   sing N N 43  
ASN CA  HA   sing N N 44  
ASN C   O    doub N N 45  
ASN C   OXT  sing N N 46  
ASN CB  CG   sing N N 47  
ASN CB  HB2  sing N N 48  
ASN CB  HB3  sing N N 49  
ASN CG  OD1  doub N N 50  
ASN CG  ND2  sing N N 51  
ASN ND2 HD21 sing N N 52  
ASN ND2 HD22 sing N N 53  
ASN OXT HXT  sing N N 54  
ASP N   CA   sing N N 55  
ASP N   H    sing N N 56  
ASP N   H2   sing N N 57  
ASP CA  C    sing N N 58  
ASP CA  CB   sing N N 59  
ASP CA  HA   sing N N 60  
ASP C   O    doub N N 61  
ASP C   OXT  sing N N 62  
ASP CB  CG   sing N N 63  
ASP CB  HB2  sing N N 64  
ASP CB  HB3  sing N N 65  
ASP CG  OD1  doub N N 66  
ASP CG  OD2  sing N N 67  
ASP OD2 HD2  sing N N 68  
ASP OXT HXT  sing N N 69  
CYS N   CA   sing N N 70  
CYS N   H    sing N N 71  
CYS N   H2   sing N N 72  
CYS CA  C    sing N N 73  
CYS CA  CB   sing N N 74  
CYS CA  HA   sing N N 75  
CYS C   O    doub N N 76  
CYS C   OXT  sing N N 77  
CYS CB  SG   sing N N 78  
CYS CB  HB2  sing N N 79  
CYS CB  HB3  sing N N 80  
CYS SG  HG   sing N N 81  
CYS OXT HXT  sing N N 82  
GLN N   CA   sing N N 83  
GLN N   H    sing N N 84  
GLN N   H2   sing N N 85  
GLN CA  C    sing N N 86  
GLN CA  CB   sing N N 87  
GLN CA  HA   sing N N 88  
GLN C   O    doub N N 89  
GLN C   OXT  sing N N 90  
GLN CB  CG   sing N N 91  
GLN CB  HB2  sing N N 92  
GLN CB  HB3  sing N N 93  
GLN CG  CD   sing N N 94  
GLN CG  HG2  sing N N 95  
GLN CG  HG3  sing N N 96  
GLN CD  OE1  doub N N 97  
GLN CD  NE2  sing N N 98  
GLN NE2 HE21 sing N N 99  
GLN NE2 HE22 sing N N 100 
GLN OXT HXT  sing N N 101 
GLU N   CA   sing N N 102 
GLU N   H    sing N N 103 
GLU N   H2   sing N N 104 
GLU CA  C    sing N N 105 
GLU CA  CB   sing N N 106 
GLU CA  HA   sing N N 107 
GLU C   O    doub N N 108 
GLU C   OXT  sing N N 109 
GLU CB  CG   sing N N 110 
GLU CB  HB2  sing N N 111 
GLU CB  HB3  sing N N 112 
GLU CG  CD   sing N N 113 
GLU CG  HG2  sing N N 114 
GLU CG  HG3  sing N N 115 
GLU CD  OE1  doub N N 116 
GLU CD  OE2  sing N N 117 
GLU OE2 HE2  sing N N 118 
GLU OXT HXT  sing N N 119 
GLY N   CA   sing N N 120 
GLY N   H    sing N N 121 
GLY N   H2   sing N N 122 
GLY CA  C    sing N N 123 
GLY CA  HA2  sing N N 124 
GLY CA  HA3  sing N N 125 
GLY C   O    doub N N 126 
GLY C   OXT  sing N N 127 
GLY OXT HXT  sing N N 128 
HIS N   CA   sing N N 129 
HIS N   H    sing N N 130 
HIS N   H2   sing N N 131 
HIS CA  C    sing N N 132 
HIS CA  CB   sing N N 133 
HIS CA  HA   sing N N 134 
HIS C   O    doub N N 135 
HIS C   OXT  sing N N 136 
HIS CB  CG   sing N N 137 
HIS CB  HB2  sing N N 138 
HIS CB  HB3  sing N N 139 
HIS CG  ND1  sing Y N 140 
HIS CG  CD2  doub Y N 141 
HIS ND1 CE1  doub Y N 142 
HIS ND1 HD1  sing N N 143 
HIS CD2 NE2  sing Y N 144 
HIS CD2 HD2  sing N N 145 
HIS CE1 NE2  sing Y N 146 
HIS CE1 HE1  sing N N 147 
HIS NE2 HE2  sing N N 148 
HIS OXT HXT  sing N N 149 
HOH O   H1   sing N N 150 
HOH O   H2   sing N N 151 
ILE N   CA   sing N N 152 
ILE N   H    sing N N 153 
ILE N   H2   sing N N 154 
ILE CA  C    sing N N 155 
ILE CA  CB   sing N N 156 
ILE CA  HA   sing N N 157 
ILE C   O    doub N N 158 
ILE C   OXT  sing N N 159 
ILE CB  CG1  sing N N 160 
ILE CB  CG2  sing N N 161 
ILE CB  HB   sing N N 162 
ILE CG1 CD1  sing N N 163 
ILE CG1 HG12 sing N N 164 
ILE CG1 HG13 sing N N 165 
ILE CG2 HG21 sing N N 166 
ILE CG2 HG22 sing N N 167 
ILE CG2 HG23 sing N N 168 
ILE CD1 HD11 sing N N 169 
ILE CD1 HD12 sing N N 170 
ILE CD1 HD13 sing N N 171 
ILE OXT HXT  sing N N 172 
LEU N   CA   sing N N 173 
LEU N   H    sing N N 174 
LEU N   H2   sing N N 175 
LEU CA  C    sing N N 176 
LEU CA  CB   sing N N 177 
LEU CA  HA   sing N N 178 
LEU C   O    doub N N 179 
LEU C   OXT  sing N N 180 
LEU CB  CG   sing N N 181 
LEU CB  HB2  sing N N 182 
LEU CB  HB3  sing N N 183 
LEU CG  CD1  sing N N 184 
LEU CG  CD2  sing N N 185 
LEU CG  HG   sing N N 186 
LEU CD1 HD11 sing N N 187 
LEU CD1 HD12 sing N N 188 
LEU CD1 HD13 sing N N 189 
LEU CD2 HD21 sing N N 190 
LEU CD2 HD22 sing N N 191 
LEU CD2 HD23 sing N N 192 
LEU OXT HXT  sing N N 193 
LYS N   CA   sing N N 194 
LYS N   H    sing N N 195 
LYS N   H2   sing N N 196 
LYS CA  C    sing N N 197 
LYS CA  CB   sing N N 198 
LYS CA  HA   sing N N 199 
LYS C   O    doub N N 200 
LYS C   OXT  sing N N 201 
LYS CB  CG   sing N N 202 
LYS CB  HB2  sing N N 203 
LYS CB  HB3  sing N N 204 
LYS CG  CD   sing N N 205 
LYS CG  HG2  sing N N 206 
LYS CG  HG3  sing N N 207 
LYS CD  CE   sing N N 208 
LYS CD  HD2  sing N N 209 
LYS CD  HD3  sing N N 210 
LYS CE  NZ   sing N N 211 
LYS CE  HE2  sing N N 212 
LYS CE  HE3  sing N N 213 
LYS NZ  HZ1  sing N N 214 
LYS NZ  HZ2  sing N N 215 
LYS NZ  HZ3  sing N N 216 
LYS OXT HXT  sing N N 217 
MET N   CA   sing N N 218 
MET N   H    sing N N 219 
MET N   H2   sing N N 220 
MET CA  C    sing N N 221 
MET CA  CB   sing N N 222 
MET CA  HA   sing N N 223 
MET C   O    doub N N 224 
MET C   OXT  sing N N 225 
MET CB  CG   sing N N 226 
MET CB  HB2  sing N N 227 
MET CB  HB3  sing N N 228 
MET CG  SD   sing N N 229 
MET CG  HG2  sing N N 230 
MET CG  HG3  sing N N 231 
MET SD  CE   sing N N 232 
MET CE  HE1  sing N N 233 
MET CE  HE2  sing N N 234 
MET CE  HE3  sing N N 235 
MET OXT HXT  sing N N 236 
PHE N   CA   sing N N 237 
PHE N   H    sing N N 238 
PHE N   H2   sing N N 239 
PHE CA  C    sing N N 240 
PHE CA  CB   sing N N 241 
PHE CA  HA   sing N N 242 
PHE C   O    doub N N 243 
PHE C   OXT  sing N N 244 
PHE CB  CG   sing N N 245 
PHE CB  HB2  sing N N 246 
PHE CB  HB3  sing N N 247 
PHE CG  CD1  doub Y N 248 
PHE CG  CD2  sing Y N 249 
PHE CD1 CE1  sing Y N 250 
PHE CD1 HD1  sing N N 251 
PHE CD2 CE2  doub Y N 252 
PHE CD2 HD2  sing N N 253 
PHE CE1 CZ   doub Y N 254 
PHE CE1 HE1  sing N N 255 
PHE CE2 CZ   sing Y N 256 
PHE CE2 HE2  sing N N 257 
PHE CZ  HZ   sing N N 258 
PHE OXT HXT  sing N N 259 
PRO N   CA   sing N N 260 
PRO N   CD   sing N N 261 
PRO N   H    sing N N 262 
PRO CA  C    sing N N 263 
PRO CA  CB   sing N N 264 
PRO CA  HA   sing N N 265 
PRO C   O    doub N N 266 
PRO C   OXT  sing N N 267 
PRO CB  CG   sing N N 268 
PRO CB  HB2  sing N N 269 
PRO CB  HB3  sing N N 270 
PRO CG  CD   sing N N 271 
PRO CG  HG2  sing N N 272 
PRO CG  HG3  sing N N 273 
PRO CD  HD2  sing N N 274 
PRO CD  HD3  sing N N 275 
PRO OXT HXT  sing N N 276 
SER N   CA   sing N N 277 
SER N   H    sing N N 278 
SER N   H2   sing N N 279 
SER CA  C    sing N N 280 
SER CA  CB   sing N N 281 
SER CA  HA   sing N N 282 
SER C   O    doub N N 283 
SER C   OXT  sing N N 284 
SER CB  OG   sing N N 285 
SER CB  HB2  sing N N 286 
SER CB  HB3  sing N N 287 
SER OG  HG   sing N N 288 
SER OXT HXT  sing N N 289 
THR N   CA   sing N N 290 
THR N   H    sing N N 291 
THR N   H2   sing N N 292 
THR CA  C    sing N N 293 
THR CA  CB   sing N N 294 
THR CA  HA   sing N N 295 
THR C   O    doub N N 296 
THR C   OXT  sing N N 297 
THR CB  OG1  sing N N 298 
THR CB  CG2  sing N N 299 
THR CB  HB   sing N N 300 
THR OG1 HG1  sing N N 301 
THR CG2 HG21 sing N N 302 
THR CG2 HG22 sing N N 303 
THR CG2 HG23 sing N N 304 
THR OXT HXT  sing N N 305 
TRP N   CA   sing N N 306 
TRP N   H    sing N N 307 
TRP N   H2   sing N N 308 
TRP CA  C    sing N N 309 
TRP CA  CB   sing N N 310 
TRP CA  HA   sing N N 311 
TRP C   O    doub N N 312 
TRP C   OXT  sing N N 313 
TRP CB  CG   sing N N 314 
TRP CB  HB2  sing N N 315 
TRP CB  HB3  sing N N 316 
TRP CG  CD1  doub Y N 317 
TRP CG  CD2  sing Y N 318 
TRP CD1 NE1  sing Y N 319 
TRP CD1 HD1  sing N N 320 
TRP CD2 CE2  doub Y N 321 
TRP CD2 CE3  sing Y N 322 
TRP NE1 CE2  sing Y N 323 
TRP NE1 HE1  sing N N 324 
TRP CE2 CZ2  sing Y N 325 
TRP CE3 CZ3  doub Y N 326 
TRP CE3 HE3  sing N N 327 
TRP CZ2 CH2  doub Y N 328 
TRP CZ2 HZ2  sing N N 329 
TRP CZ3 CH2  sing Y N 330 
TRP CZ3 HZ3  sing N N 331 
TRP CH2 HH2  sing N N 332 
TRP OXT HXT  sing N N 333 
TYR N   CA   sing N N 334 
TYR N   H    sing N N 335 
TYR N   H2   sing N N 336 
TYR CA  C    sing N N 337 
TYR CA  CB   sing N N 338 
TYR CA  HA   sing N N 339 
TYR C   O    doub N N 340 
TYR C   OXT  sing N N 341 
TYR CB  CG   sing N N 342 
TYR CB  HB2  sing N N 343 
TYR CB  HB3  sing N N 344 
TYR CG  CD1  doub Y N 345 
TYR CG  CD2  sing Y N 346 
TYR CD1 CE1  sing Y N 347 
TYR CD1 HD1  sing N N 348 
TYR CD2 CE2  doub Y N 349 
TYR CD2 HD2  sing N N 350 
TYR CE1 CZ   doub Y N 351 
TYR CE1 HE1  sing N N 352 
TYR CE2 CZ   sing Y N 353 
TYR CE2 HE2  sing N N 354 
TYR CZ  OH   sing N N 355 
TYR OH  HH   sing N N 356 
TYR OXT HXT  sing N N 357 
VAL N   CA   sing N N 358 
VAL N   H    sing N N 359 
VAL N   H2   sing N N 360 
VAL CA  C    sing N N 361 
VAL CA  CB   sing N N 362 
VAL CA  HA   sing N N 363 
VAL C   O    doub N N 364 
VAL C   OXT  sing N N 365 
VAL CB  CG1  sing N N 366 
VAL CB  CG2  sing N N 367 
VAL CB  HB   sing N N 368 
VAL CG1 HG11 sing N N 369 
VAL CG1 HG12 sing N N 370 
VAL CG1 HG13 sing N N 371 
VAL CG2 HG21 sing N N 372 
VAL CG2 HG22 sing N N 373 
VAL CG2 HG23 sing N N 374 
VAL OXT HXT  sing N N 375 
# 
_atom_sites.entry_id                    2END 
_atom_sites.fract_transf_matrix[1][1]   0.01132838 
_atom_sites.fract_transf_matrix[1][2]   0.02033589 
_atom_sites.fract_transf_matrix[1][3]   -0.00664069 
_atom_sites.fract_transf_matrix[2][1]   0.01426809 
_atom_sites.fract_transf_matrix[2][2]   -0.00128530 
_atom_sites.fract_transf_matrix[2][3]   0.02040403 
_atom_sites.fract_transf_matrix[3][1]   0.01792314 
_atom_sites.fract_transf_matrix[3][2]   -0.01435000 
_atom_sites.fract_transf_matrix[3][3]   -0.01343720 
_atom_sites.fract_transf_vector[1]      -0.103164 
_atom_sites.fract_transf_vector[2]      0.979815 
_atom_sites.fract_transf_vector[3]      0.270929 
# 
loop_
_atom_type.symbol 
C 
N 
O 
S 
# 
loop_
_atom_site.group_PDB 
_atom_site.id 
_atom_site.type_symbol 
_atom_site.label_atom_id 
_atom_site.label_alt_id 
_atom_site.label_comp_id 
_atom_site.label_asym_id 
_atom_site.label_entity_id 
_atom_site.label_seq_id 
_atom_site.pdbx_PDB_ins_code 
_atom_site.Cartn_x 
_atom_site.Cartn_y 
_atom_site.Cartn_z 
_atom_site.occupancy 
_atom_site.B_iso_or_equiv 
_atom_site.pdbx_formal_charge 
_atom_site.auth_seq_id 
_atom_site.auth_comp_id 
_atom_site.auth_asym_id 
_atom_site.auth_atom_id 
_atom_site.pdbx_PDB_model_num 
ATOM   1    N N   . THR A 1 2   ? -1.765  -0.105  -9.452  1.00 16.05 ? 2   THR A N   1 
ATOM   2    C CA  . THR A 1 2   ? -1.872  0.053   -7.978  1.00 15.18 ? 2   THR A CA  1 
ATOM   3    C C   . THR A 1 2   ? -0.713  -0.687  -7.360  1.00 14.70 ? 2   THR A C   1 
ATOM   4    O O   . THR A 1 2   ? -0.492  -1.848  -7.723  1.00 15.06 ? 2   THR A O   1 
ATOM   5    C CB  . THR A 1 2   ? -3.232  -0.534  -7.507  1.00 18.63 ? 2   THR A CB  1 
ATOM   6    O OG1 . THR A 1 2   ? -4.249  0.314   -8.186  1.00 20.22 ? 2   THR A OG1 1 
ATOM   7    C CG2 . THR A 1 2   ? -3.455  -0.608  -6.002  1.00 17.87 ? 2   THR A CG2 1 
ATOM   8    N N   . ARG A 1 3   ? 0.003   -0.074  -6.436  1.00 12.16 ? 3   ARG A N   1 
ATOM   9    C CA  . ARG A 1 3   ? 1.186   -0.723  -5.822  1.00 11.34 ? 3   ARG A CA  1 
ATOM   10   C C   . ARG A 1 3   ? 1.119   -0.478  -4.339  1.00 11.43 ? 3   ARG A C   1 
ATOM   11   O O   . ARG A 1 3   ? 0.897   0.690   -3.844  1.00 11.74 ? 3   ARG A O   1 
ATOM   12   C CB  . ARG A 1 3   ? 2.530   -0.197  -6.349  1.00 12.40 ? 3   ARG A CB  1 
ATOM   13   C CG  . ARG A 1 3   ? 3.752   -0.905  -5.725  1.00 14.42 ? 3   ARG A CG  1 
ATOM   14   C CD  . ARG A 1 3   ? 5.004   -0.331  -6.355  1.00 14.86 ? 3   ARG A CD  1 
ATOM   15   N NE  . ARG A 1 3   ? 5.185   1.060   -5.980  1.00 13.11 ? 3   ARG A NE  1 
ATOM   16   C CZ  . ARG A 1 3   ? 5.640   2.027   -6.779  1.00 17.14 ? 3   ARG A CZ  1 
ATOM   17   N NH1 . ARG A 1 3   ? 5.920   1.693   -8.043  1.00 16.97 ? 3   ARG A NH1 1 
ATOM   18   N NH2 . ARG A 1 3   ? 5.811   3.272   -6.349  1.00 16.59 ? 3   ARG A NH2 1 
ATOM   19   N N   . ILE A 1 4   ? 1.236   -1.530  -3.554  1.00 9.18  ? 4   ILE A N   1 
ATOM   20   C CA  . ILE A 1 4   ? 1.286   -1.508  -2.113  1.00 9.54  ? 4   ILE A CA  1 
ATOM   21   C C   . ILE A 1 4   ? 2.765   -1.776  -1.740  1.00 9.03  ? 4   ILE A C   1 
ATOM   22   O O   . ILE A 1 4   ? 3.324   -2.737  -2.298  1.00 10.51 ? 4   ILE A O   1 
ATOM   23   C CB  . ILE A 1 4   ? 0.380   -2.593  -1.427  1.00 10.70 ? 4   ILE A CB  1 
ATOM   24   C CG1 . ILE A 1 4   ? -1.138  -2.556  -1.808  1.00 13.17 ? 4   ILE A CG1 1 
ATOM   25   C CG2 . ILE A 1 4   ? 0.534   -2.522  0.110   1.00 10.37 ? 4   ILE A CG2 1 
ATOM   26   C CD1 . ILE A 1 4   ? -1.762  -1.160  -1.650  1.00 14.42 ? 4   ILE A CD1 1 
ATOM   27   N N   . ASN A 1 5   ? 3.342   -0.925  -0.875  1.00 7.85  ? 5   ASN A N   1 
ATOM   28   C CA  . ASN A 1 5   ? 4.769   -1.150  -0.536  1.00 8.52  ? 5   ASN A CA  1 
ATOM   29   C C   . ASN A 1 5   ? 4.778   -1.779  0.860   1.00 9.07  ? 5   ASN A C   1 
ATOM   30   O O   . ASN A 1 5   ? 3.807   -1.700  1.628   1.00 10.20 ? 5   ASN A O   1 
ATOM   31   C CB  . ASN A 1 5   ? 5.501   0.202   -0.546  1.00 8.08  ? 5   ASN A CB  1 
ATOM   32   C CG  . ASN A 1 5   ? 5.368   0.976   -1.880  1.00 7.96  ? 5   ASN A CG  1 
ATOM   33   O OD1 . ASN A 1 5   ? 5.688   0.435   -2.925  1.00 10.80 ? 5   ASN A OD1 1 
ATOM   34   N ND2 . ASN A 1 5   ? 4.887   2.205   -1.750  1.00 8.92  ? 5   ASN A ND2 1 
ATOM   35   N N   . LEU A 1 6   ? 5.934   -2.345  1.213   1.00 9.16  ? 6   LEU A N   1 
ATOM   36   C CA  . LEU A 1 6   ? 6.113   -3.005  2.487   1.00 8.93  ? 6   LEU A CA  1 
ATOM   37   C C   . LEU A 1 6   ? 7.136   -2.285  3.369   1.00 10.91 ? 6   LEU A C   1 
ATOM   38   O O   . LEU A 1 6   ? 7.272   -2.679  4.513   1.00 11.52 ? 6   LEU A O   1 
ATOM   39   C CB  . LEU A 1 6   ? 6.574   -4.488  2.279   1.00 11.22 ? 6   LEU A CB  1 
ATOM   40   C CG  . LEU A 1 6   ? 5.616   -5.415  1.505   1.00 12.42 ? 6   LEU A CG  1 
ATOM   41   C CD1 . LEU A 1 6   ? 6.163   -6.864  1.547   1.00 12.44 ? 6   LEU A CD1 1 
ATOM   42   C CD2 . LEU A 1 6   ? 4.223   -5.296  2.103   1.00 13.66 ? 6   LEU A CD2 1 
ATOM   43   N N   . THR A 1 7   ? 7.854   -1.350  2.785   1.00 11.09 ? 7   THR A N   1 
ATOM   44   C CA  . THR A 1 7   ? 8.888   -0.599  3.505   1.00 10.96 ? 7   THR A CA  1 
ATOM   45   C C   . THR A 1 7   ? 8.282   0.403   4.467   1.00 11.43 ? 7   THR A C   1 
ATOM   46   O O   . THR A 1 7   ? 7.098   0.814   4.402   1.00 11.53 ? 7   THR A O   1 
ATOM   47   C CB  . THR A 1 7   ? 9.768   0.093   2.384   1.00 13.17 ? 7   THR A CB  1 
ATOM   48   O OG1 . THR A 1 7   ? 8.823   0.967   1.786   1.00 15.34 ? 7   THR A OG1 1 
ATOM   49   C CG2 . THR A 1 7   ? 10.316  -0.887  1.362   1.00 13.45 ? 7   THR A CG2 1 
ATOM   50   N N   . LEU A 1 8   ? 9.134   0.835   5.459   1.00 10.21 ? 8   LEU A N   1 
ATOM   51   C CA  . LEU A 1 8   ? 8.632   1.809   6.445   1.00 9.65  ? 8   LEU A CA  1 
ATOM   52   C C   . LEU A 1 8   ? 8.152   3.035   5.757   1.00 9.82  ? 8   LEU A C   1 
ATOM   53   O O   . LEU A 1 8   ? 8.874   3.548   4.868   1.00 10.46 ? 8   LEU A O   1 
ATOM   54   C CB  . LEU A 1 8   ? 9.761   2.194   7.425   1.00 12.17 ? 8   LEU A CB  1 
ATOM   55   C CG  . LEU A 1 8   ? 10.207  1.108   8.369   1.00 15.78 ? 8   LEU A CG  1 
ATOM   56   C CD1 . LEU A 1 8   ? 11.543  1.538   8.998   1.00 17.52 ? 8   LEU A CD1 1 
ATOM   57   C CD2 . LEU A 1 8   ? 9.108   0.906   9.387   1.00 18.51 ? 8   LEU A CD2 1 
ATOM   58   N N   . VAL A 1 9   ? 6.996   3.558   6.124   1.00 9.45  ? 9   VAL A N   1 
ATOM   59   C CA  . VAL A 1 9   ? 6.454   4.754   5.479   1.00 11.28 ? 9   VAL A CA  1 
ATOM   60   C C   . VAL A 1 9   ? 7.372   5.981   5.710   1.00 10.83 ? 9   VAL A C   1 
ATOM   61   O O   . VAL A 1 9   ? 7.466   6.858   4.823   1.00 11.41 ? 9   VAL A O   1 
ATOM   62   C CB  . VAL A 1 9   ? 5.027   5.080   5.943   1.00 13.04 ? 9   VAL A CB  1 
ATOM   63   C CG1 . VAL A 1 9   ? 4.071   3.880   5.684   1.00 15.28 ? 9   VAL A CG1 1 
ATOM   64   C CG2 . VAL A 1 9   ? 4.943   5.558   7.363   1.00 15.53 ? 9   VAL A CG2 1 
ATOM   65   N N   . SER A 1 10  ? 8.072   6.004   6.820   1.00 11.81 ? 10  SER A N   1 
ATOM   66   C CA  . SER A 1 10  ? 8.935   7.221   7.067   1.00 11.52 ? 10  SER A CA  1 
ATOM   67   C C   . SER A 1 10  ? 10.104  7.179   6.138   1.00 12.06 ? 10  SER A C   1 
ATOM   68   O O   . SER A 1 10  ? 10.850  8.227   6.109   1.00 13.78 ? 10  SER A O   1 
ATOM   69   C CB  . SER A 1 10  ? 9.306   7.208   8.538   1.00 13.75 ? 10  SER A CB  1 
ATOM   70   O OG  . SER A 1 10  ? 10.115  6.045   8.775   1.00 16.81 ? 10  SER A OG  1 
ATOM   71   N N   . GLU A 1 11  ? 10.370  6.100   5.435   1.00 10.07 ? 11  GLU A N   1 
ATOM   72   C CA  . GLU A 1 11  ? 11.536  6.042   4.537   1.00 11.10 ? 11  GLU A CA  1 
ATOM   73   C C   . GLU A 1 11  ? 11.185  6.259   3.083   1.00 10.94 ? 11  GLU A C   1 
ATOM   74   O O   . GLU A 1 11  ? 12.072  6.202   2.216   1.00 12.90 ? 11  GLU A O   1 
ATOM   75   C CB  . GLU A 1 11  ? 12.273  4.689   4.758   1.00 11.65 ? 11  GLU A CB  1 
ATOM   76   C CG  . GLU A 1 11  ? 12.798  4.589   6.206   1.00 13.35 ? 11  GLU A CG  1 
ATOM   77   C CD  . GLU A 1 11  ? 13.622  3.384   6.542   1.00 16.55 ? 11  GLU A CD  1 
ATOM   78   O OE1 . GLU A 1 11  ? 13.642  2.464   5.700   1.00 17.38 ? 11  GLU A OE1 1 
ATOM   79   O OE2 . GLU A 1 11  ? 14.286  3.322   7.594   1.00 16.61 ? 11  GLU A OE2 1 
ATOM   80   N N   . LEU A 1 12  ? 9.913   6.408   2.750   1.00 9.97  ? 12  LEU A N   1 
ATOM   81   C CA  . LEU A 1 12  ? 9.487   6.589   1.365   1.00 9.19  ? 12  LEU A CA  1 
ATOM   82   C C   . LEU A 1 12  ? 9.841   7.991   0.831   1.00 9.04  ? 12  LEU A C   1 
ATOM   83   O O   . LEU A 1 12  ? 9.709   8.945   1.590   1.00 10.01 ? 12  LEU A O   1 
ATOM   84   C CB  . LEU A 1 12  ? 7.951   6.446   1.310   1.00 9.27  ? 12  LEU A CB  1 
ATOM   85   C CG  . LEU A 1 12  ? 7.409   5.040   1.643   1.00 10.59 ? 12  LEU A CG  1 
ATOM   86   C CD1 . LEU A 1 12  ? 5.884   5.078   1.752   1.00 10.39 ? 12  LEU A CD1 1 
ATOM   87   C CD2 . LEU A 1 12  ? 7.815   4.070   0.559   1.00 10.76 ? 12  LEU A CD2 1 
ATOM   88   N N   . ALA A 1 13  ? 10.163  8.002   -0.447  1.00 8.86  ? 13  ALA A N   1 
ATOM   89   C CA  . ALA A 1 13  ? 10.327  9.323   -1.129  1.00 9.18  ? 13  ALA A CA  1 
ATOM   90   C C   . ALA A 1 13  ? 8.969   9.993   -1.095  1.00 9.91  ? 13  ALA A C   1 
ATOM   91   O O   . ALA A 1 13  ? 7.898   9.351   -0.996  1.00 9.13  ? 13  ALA A O   1 
ATOM   92   C CB  . ALA A 1 13  ? 10.833  9.085   -2.526  1.00 7.52  ? 13  ALA A CB  1 
ATOM   93   N N   . ASP A 1 14  ? 8.939   11.348  -1.142  1.00 8.30  ? 14  ASP A N   1 
ATOM   94   C CA  . ASP A 1 14  ? 7.658   12.052  -1.141  1.00 8.03  ? 14  ASP A CA  1 
ATOM   95   C C   . ASP A 1 14  ? 6.671   11.507  -2.210  1.00 7.35  ? 14  ASP A C   1 
ATOM   96   O O   . ASP A 1 14  ? 5.500   11.357  -1.845  1.00 9.46  ? 14  ASP A O   1 
ATOM   97   C CB  . ASP A 1 14  ? 7.856   13.572  -1.404  1.00 8.59  ? 14  ASP A CB  1 
ATOM   98   C CG  . ASP A 1 14  ? 8.681   14.237  -0.313  1.00 11.38 ? 14  ASP A CG  1 
ATOM   99   O OD1 . ASP A 1 14  ? 8.887   13.738  0.806   1.00 9.24  ? 14  ASP A OD1 1 
ATOM   100  O OD2 . ASP A 1 14  ? 9.143   15.421  -0.612  1.00 11.56 ? 14  ASP A OD2 1 
ATOM   101  N N   . GLN A 1 15  ? 7.192   11.332  -3.407  1.00 7.26  ? 15  GLN A N   1 
ATOM   102  C CA  . GLN A 1 15  ? 6.325   10.881  -4.544  1.00 9.32  ? 15  GLN A CA  1 
ATOM   103  C C   . GLN A 1 15  ? 5.695   9.497   -4.278  1.00 10.17 ? 15  GLN A C   1 
ATOM   104  O O   . GLN A 1 15  ? 4.528   9.279   -4.659  1.00 10.85 ? 15  GLN A O   1 
ATOM   105  C CB  . GLN A 1 15  ? 7.077   10.890  -5.844  1.00 10.83 ? 15  GLN A CB  1 
ATOM   106  C CG  . GLN A 1 15  ? 7.527   12.217  -6.323  1.00 13.41 ? 15  GLN A CG  1 
ATOM   107  C CD  . GLN A 1 15  ? 8.485   12.983  -5.411  1.00 12.27 ? 15  GLN A CD  1 
ATOM   108  O OE1 . GLN A 1 15  ? 9.359   12.459  -4.752  1.00 11.50 ? 15  GLN A OE1 1 
ATOM   109  N NE2 . GLN A 1 15  ? 8.394   14.315  -5.547  1.00 17.16 ? 15  GLN A NE2 1 
ATOM   110  N N   . HIS A 1 16  ? 6.542   8.637   -3.700  1.00 8.80  ? 16  HIS A N   1 
ATOM   111  C CA  . HIS A 1 16  ? 6.063   7.281   -3.395  1.00 8.56  ? 16  HIS A CA  1 
ATOM   112  C C   . HIS A 1 16  ? 5.070   7.274   -2.260  1.00 9.40  ? 16  HIS A C   1 
ATOM   113  O O   . HIS A 1 16  ? 4.103   6.452   -2.244  1.00 9.16  ? 16  HIS A O   1 
ATOM   114  C CB  . HIS A 1 16  ? 7.230   6.303   -3.064  1.00 7.90  ? 16  HIS A CB  1 
ATOM   115  C CG  . HIS A 1 16  ? 8.003   5.966   -4.325  1.00 7.97  ? 16  HIS A CG  1 
ATOM   116  N ND1 . HIS A 1 16  ? 9.321   5.705   -4.295  1.00 8.17  ? 16  HIS A ND1 1 
ATOM   117  C CD2 . HIS A 1 16  ? 7.613   5.981   -5.641  1.00 8.98  ? 16  HIS A CD2 1 
ATOM   118  C CE1 . HIS A 1 16  ? 9.743   5.406   -5.481  1.00 9.99  ? 16  HIS A CE1 1 
ATOM   119  N NE2 . HIS A 1 16  ? 8.720   5.612   -6.331  1.00 11.12 ? 16  HIS A NE2 1 
ATOM   120  N N   . LEU A 1 17  ? 5.270   8.130   -1.272  1.00 8.68  ? 17  LEU A N   1 
ATOM   121  C CA  . LEU A 1 17  ? 4.368   8.253   -0.138  1.00 9.63  ? 17  LEU A CA  1 
ATOM   122  C C   . LEU A 1 17  ? 3.032   8.745   -0.634  1.00 9.40  ? 17  LEU A C   1 
ATOM   123  O O   . LEU A 1 17  ? 1.973   8.188   -0.321  1.00 9.96  ? 17  LEU A O   1 
ATOM   124  C CB  . LEU A 1 17  ? 4.954   9.258   0.895   1.00 9.55  ? 17  LEU A CB  1 
ATOM   125  C CG  . LEU A 1 17  ? 4.003   9.720   1.976   1.00 11.96 ? 17  LEU A CG  1 
ATOM   126  C CD1 . LEU A 1 17  ? 3.662   8.553   2.892   1.00 13.99 ? 17  LEU A CD1 1 
ATOM   127  C CD2 . LEU A 1 17  ? 4.639   10.934  2.715   1.00 12.67 ? 17  LEU A CD2 1 
ATOM   128  N N   . MET A 1 18  ? 3.026   9.795   -1.484  1.00 10.55 ? 18  MET A N   1 
ATOM   129  C CA  . MET A 1 18  ? 1.760   10.352  -2.012  1.00 11.72 ? 18  MET A CA  1 
ATOM   130  C C   . MET A 1 18  ? 1.054   9.329   -2.898  1.00 11.88 ? 18  MET A C   1 
ATOM   131  O O   . MET A 1 18  ? -0.205  9.226   -2.857  1.00 11.99 ? 18  MET A O   1 
ATOM   132  C CB  . MET A 1 18  ? 2.047   11.680  -2.768  1.00 15.74 ? 18  MET A CB  1 
ATOM   133  C CG  . MET A 1 18  ? 2.448   12.756  -1.836  1.00 19.42 ? 18  MET A CG  1 
ATOM   134  S SD  . MET A 1 18  ? 1.160   13.224  -0.635  1.00 28.05 ? 18  MET A SD  1 
ATOM   135  C CE  . MET A 1 18  ? -0.305  13.336  -1.607  1.00 24.37 ? 18  MET A CE  1 
ATOM   136  N N   . ALA A 1 19  ? 1.775   8.633   -3.714  1.00 10.14 ? 19  ALA A N   1 
ATOM   137  C CA  . ALA A 1 19  ? 1.163   7.626   -4.584  1.00 9.54  ? 19  ALA A CA  1 
ATOM   138  C C   . ALA A 1 19  ? 0.486   6.531   -3.730  1.00 9.80  ? 19  ALA A C   1 
ATOM   139  O O   . ALA A 1 19  ? -0.640  6.177   -4.092  1.00 10.81 ? 19  ALA A O   1 
ATOM   140  C CB  . ALA A 1 19  ? 2.199   7.073   -5.558  1.00 10.01 ? 19  ALA A CB  1 
ATOM   141  N N   . GLU A 1 20  ? 1.182   6.073   -2.699  1.00 9.37  ? 20  GLU A N   1 
ATOM   142  C CA  . GLU A 1 20  ? 0.606   4.922   -1.944  1.00 8.83  ? 20  GLU A CA  1 
ATOM   143  C C   . GLU A 1 20  ? -0.567  5.394   -1.183  1.00 9.77  ? 20  GLU A C   1 
ATOM   144  O O   . GLU A 1 20  ? -1.626  4.729   -1.026  1.00 10.83 ? 20  GLU A O   1 
ATOM   145  C CB  . GLU A 1 20  ? 1.704   4.260   -1.096  1.00 8.98  ? 20  GLU A CB  1 
ATOM   146  C CG  . GLU A 1 20  ? 1.180   2.897   -0.600  1.00 8.45  ? 20  GLU A CG  1 
ATOM   147  C CD  . GLU A 1 20  ? 2.167   2.124   0.257   1.00 10.45 ? 20  GLU A CD  1 
ATOM   148  O OE1 . GLU A 1 20  ? 3.208   2.679   0.600   1.00 10.88 ? 20  GLU A OE1 1 
ATOM   149  O OE2 . GLU A 1 20  ? 1.877   0.979   0.629   1.00 10.16 ? 20  GLU A OE2 1 
ATOM   150  N N   . TYR A 1 21  ? -0.498  6.631   -0.624  1.00 9.63  ? 21  TYR A N   1 
ATOM   151  C CA  . TYR A 1 21  ? -1.693  7.242   0.064   1.00 10.97 ? 21  TYR A CA  1 
ATOM   152  C C   . TYR A 1 21  ? -2.938  7.270   -0.849  1.00 10.79 ? 21  TYR A C   1 
ATOM   153  O O   . TYR A 1 21  ? -4.083  7.040   -0.336  1.00 11.11 ? 21  TYR A O   1 
ATOM   154  C CB  . TYR A 1 21  ? -1.280  8.644   0.549   1.00 14.13 ? 21  TYR A CB  1 
ATOM   155  C CG  . TYR A 1 21  ? -2.476  9.526   0.916   1.00 13.21 ? 21  TYR A CG  1 
ATOM   156  C CD1 . TYR A 1 21  ? -3.058  9.377   2.150   1.00 14.71 ? 21  TYR A CD1 1 
ATOM   157  C CD2 . TYR A 1 21  ? -2.948  10.416  -0.022  1.00 15.56 ? 21  TYR A CD2 1 
ATOM   158  C CE1 . TYR A 1 21  ? -4.178  10.203  2.476   1.00 15.91 ? 21  TYR A CE1 1 
ATOM   159  C CE2 . TYR A 1 21  ? -4.066  11.247  0.271   1.00 16.36 ? 21  TYR A CE2 1 
ATOM   160  C CZ  . TYR A 1 21  ? -4.622  11.098  1.517   1.00 16.01 ? 21  TYR A CZ  1 
ATOM   161  O OH  . TYR A 1 21  ? -5.702  11.888  1.943   1.00 18.81 ? 21  TYR A OH  1 
ATOM   162  N N   . ARG A 1 22  ? -2.741  7.548   -2.081  1.00 11.95 ? 22  ARG A N   1 
ATOM   163  C CA  . ARG A 1 22  ? -3.787  7.569   -3.081  1.00 13.97 ? 22  ARG A CA  1 
ATOM   164  C C   . ARG A 1 22  ? -4.232  6.137   -3.546  1.00 13.09 ? 22  ARG A C   1 
ATOM   165  O O   . ARG A 1 22  ? -5.456  5.967   -3.766  1.00 14.45 ? 22  ARG A O   1 
ATOM   166  C CB  . ARG A 1 22  ? -3.402  8.307   -4.368  1.00 15.99 ? 22  ARG A CB  1 
ATOM   167  C CG  . ARG A 1 22  ? -3.162  9.825   -4.065  1.00 22.60 ? 22  ARG A CG  1 
ATOM   168  C CD  . ARG A 1 22  ? -3.088  10.501  -5.399  1.00 27.51 ? 22  ARG A CD  1 
ATOM   169  N NE  . ARG A 1 22  ? -2.030  9.940   -6.278  1.00 32.61 ? 22  ARG A NE  1 
ATOM   170  C CZ  . ARG A 1 22  ? -0.781  10.434  -6.320  1.00 33.97 ? 22  ARG A CZ  1 
ATOM   171  N NH1 . ARG A 1 22  ? -0.397  11.493  -5.615  1.00 35.51 ? 22  ARG A NH1 1 
ATOM   172  N NH2 . ARG A 1 22  ? 0.095   9.868   -7.154  1.00 34.09 ? 22  ARG A NH2 1 
ATOM   173  N N   . GLU A 1 23  ? -3.313  5.280   -3.736  1.00 10.93 ? 23  GLU A N   1 
ATOM   174  C CA  . GLU A 1 23  ? -3.632  3.975   -4.299  1.00 11.57 ? 23  GLU A CA  1 
ATOM   175  C C   . GLU A 1 23  ? -4.026  2.909   -3.307  1.00 12.45 ? 23  GLU A C   1 
ATOM   176  O O   . GLU A 1 23  ? -4.883  2.040   -3.719  1.00 13.45 ? 23  GLU A O   1 
ATOM   177  C CB  . GLU A 1 23  ? -2.420  3.434   -5.072  1.00 11.74 ? 23  GLU A CB  1 
ATOM   178  C CG  . GLU A 1 23  ? -2.064  4.378   -6.276  1.00 12.56 ? 23  GLU A CG  1 
ATOM   179  C CD  . GLU A 1 23  ? -0.888  3.884   -7.031  1.00 14.90 ? 23  GLU A CD  1 
ATOM   180  O OE1 . GLU A 1 23  ? -0.166  2.931   -6.775  1.00 12.44 ? 23  GLU A OE1 1 
ATOM   181  O OE2 . GLU A 1 23  ? -0.709  4.618   -8.047  1.00 20.22 ? 23  GLU A OE2 1 
ATOM   182  N N   . LEU A 1 24  ? -3.460  2.864   -2.136  1.00 11.88 ? 24  LEU A N   1 
ATOM   183  C CA  . LEU A 1 24  ? -3.817  1.743   -1.206  1.00 12.25 ? 24  LEU A CA  1 
ATOM   184  C C   . LEU A 1 24  ? -5.292  1.614   -0.976  1.00 13.18 ? 24  LEU A C   1 
ATOM   185  O O   . LEU A 1 24  ? -5.796  0.463   -1.036  1.00 11.92 ? 24  LEU A O   1 
ATOM   186  C CB  . LEU A 1 24  ? -2.930  1.919   0.067   1.00 11.55 ? 24  LEU A CB  1 
ATOM   187  C CG  . LEU A 1 24  ? -3.352  0.938   1.213   1.00 13.11 ? 24  LEU A CG  1 
ATOM   188  C CD1 . LEU A 1 24  ? -2.108  0.741   2.100   1.00 12.92 ? 24  LEU A CD1 1 
ATOM   189  C CD2 . LEU A 1 24  ? -4.551  1.449   1.981   1.00 13.41 ? 24  LEU A CD2 1 
ATOM   190  N N   . PRO A 1 25  ? -6.019  2.669   -0.757  1.00 12.62 ? 25  PRO A N   1 
ATOM   191  C CA  . PRO A 1 25  ? -7.477  2.555   -0.424  1.00 12.45 ? 25  PRO A CA  1 
ATOM   192  C C   . PRO A 1 25  ? -8.262  1.953   -1.566  1.00 12.57 ? 25  PRO A C   1 
ATOM   193  O O   . PRO A 1 25  ? -9.416  1.502   -1.385  1.00 13.74 ? 25  PRO A O   1 
ATOM   194  C CB  . PRO A 1 25  ? -7.939  3.943   -0.031  1.00 14.62 ? 25  PRO A CB  1 
ATOM   195  C CG  . PRO A 1 25  ? -6.658  4.681   0.249   1.00 15.30 ? 25  PRO A CG  1 
ATOM   196  C CD  . PRO A 1 25  ? -5.548  4.062   -0.577  1.00 13.55 ? 25  PRO A CD  1 
ATOM   197  N N   . ARG A 1 26  ? -7.771  1.987   -2.795  1.00 12.41 ? 26  ARG A N   1 
ATOM   198  C CA  . ARG A 1 26  ? -8.481  1.387   -3.947  1.00 13.30 ? 26  ARG A CA  1 
ATOM   199  C C   . ARG A 1 26  ? -8.804  -0.085  -3.728  1.00 13.21 ? 26  ARG A C   1 
ATOM   200  O O   . ARG A 1 26  ? -9.764  -0.645  -4.271  1.00 13.27 ? 26  ARG A O   1 
ATOM   201  C CB  . ARG A 1 26  ? -7.625  1.615   -5.228  1.00 16.49 ? 26  ARG A CB  1 
ATOM   202  C CG  . ARG A 1 26  ? -7.575  3.144   -5.447  1.00 20.49 ? 26  ARG A CG  1 
ATOM   203  C CD  . ARG A 1 26  ? -6.705  3.620   -6.560  1.00 26.51 ? 26  ARG A CD  1 
ATOM   204  N NE  . ARG A 1 26  ? -6.832  5.081   -6.757  1.00 31.17 ? 26  ARG A NE  1 
ATOM   205  C CZ  . ARG A 1 26  ? -6.158  5.840   -7.616  1.00 33.57 ? 26  ARG A CZ  1 
ATOM   206  N NH1 . ARG A 1 26  ? -5.180  5.375   -8.406  1.00 34.73 ? 26  ARG A NH1 1 
ATOM   207  N NH2 . ARG A 1 26  ? -6.483  7.131   -7.776  1.00 34.25 ? 26  ARG A NH2 1 
ATOM   208  N N   . VAL A 1 27  ? -7.975  -0.751  -2.932  1.00 11.39 ? 27  VAL A N   1 
ATOM   209  C CA  . VAL A 1 27  ? -8.189  -2.181  -2.651  1.00 11.03 ? 27  VAL A CA  1 
ATOM   210  C C   . VAL A 1 27  ? -9.490  -2.382  -1.898  1.00 11.16 ? 27  VAL A C   1 
ATOM   211  O O   . VAL A 1 27  ? -10.237 -3.314  -2.196  1.00 11.07 ? 27  VAL A O   1 
ATOM   212  C CB  . VAL A 1 27  ? -7.021  -2.753  -1.889  1.00 11.46 ? 27  VAL A CB  1 
ATOM   213  C CG1 . VAL A 1 27  ? -7.228  -4.275  -1.679  1.00 11.11 ? 27  VAL A CG1 1 
ATOM   214  C CG2 . VAL A 1 27  ? -5.688  -2.541  -2.634  1.00 11.59 ? 27  VAL A CG2 1 
ATOM   215  N N   . PHE A 1 28  ? -9.744  -1.496  -0.910  1.00 10.14 ? 28  PHE A N   1 
ATOM   216  C CA  . PHE A 1 28  ? -11.024 -1.632  -0.154  1.00 9.22  ? 28  PHE A CA  1 
ATOM   217  C C   . PHE A 1 28  ? -12.233 -1.586  -1.089  1.00 9.61  ? 28  PHE A C   1 
ATOM   218  O O   . PHE A 1 28  ? -13.227 -2.332  -0.950  1.00 10.55 ? 28  PHE A O   1 
ATOM   219  C CB  . PHE A 1 28  ? -11.178 -0.609  0.965   1.00 10.45 ? 28  PHE A CB  1 
ATOM   220  C CG  . PHE A 1 28  ? -9.992  -0.536  1.863   1.00 11.16 ? 28  PHE A CG  1 
ATOM   221  C CD1 . PHE A 1 28  ? -9.582  -1.653  2.594   1.00 12.94 ? 28  PHE A CD1 1 
ATOM   222  C CD2 . PHE A 1 28  ? -9.404  0.694   2.197   1.00 13.36 ? 28  PHE A CD2 1 
ATOM   223  C CE1 . PHE A 1 28  ? -8.528  -1.619  3.522   1.00 11.93 ? 28  PHE A CE1 1 
ATOM   224  C CE2 . PHE A 1 28  ? -8.346  0.775   3.120   1.00 12.97 ? 28  PHE A CE2 1 
ATOM   225  C CZ  . PHE A 1 28  ? -7.884  -0.401  3.748   1.00 12.85 ? 28  PHE A CZ  1 
ATOM   226  N N   . GLY A 1 29  ? -12.234 -0.606  -2.012  1.00 9.19  ? 29  GLY A N   1 
ATOM   227  C CA  . GLY A 1 29  ? -13.371 -0.407  -2.961  1.00 10.12 ? 29  GLY A CA  1 
ATOM   228  C C   . GLY A 1 29  ? -13.519 -1.647  -3.880  1.00 9.33  ? 29  GLY A C   1 
ATOM   229  O O   . GLY A 1 29  ? -14.645 -2.114  -4.113  1.00 10.79 ? 29  GLY A O   1 
ATOM   230  N N   . ALA A 1 30  ? -12.371 -2.178  -4.302  1.00 9.53  ? 30  ALA A N   1 
ATOM   231  C CA  . ALA A 1 30  ? -12.367 -3.349  -5.187  1.00 8.80  ? 30  ALA A CA  1 
ATOM   232  C C   . ALA A 1 30  ? -13.009 -4.506  -4.431  1.00 9.70  ? 30  ALA A C   1 
ATOM   233  O O   . ALA A 1 30  ? -13.880 -5.193  -4.995  1.00 9.45  ? 30  ALA A O   1 
ATOM   234  C CB  . ALA A 1 30  ? -10.982 -3.733  -5.620  1.00 11.28 ? 30  ALA A CB  1 
ATOM   235  N N   . VAL A 1 31  ? -12.648 -4.705  -3.181  1.00 8.64  ? 31  VAL A N   1 
ATOM   236  C CA  . VAL A 1 31  ? -13.266 -5.825  -2.400  1.00 9.66  ? 31  VAL A CA  1 
ATOM   237  C C   . VAL A 1 31  ? -14.744 -5.599  -2.253  1.00 11.07 ? 31  VAL A C   1 
ATOM   238  O O   . VAL A 1 31  ? -15.581 -6.526  -2.408  1.00 11.23 ? 31  VAL A O   1 
ATOM   239  C CB  . VAL A 1 31  ? -12.503 -6.082  -1.073  1.00 10.80 ? 31  VAL A CB  1 
ATOM   240  C CG1 . VAL A 1 31  ? -13.290 -7.058  -0.175  1.00 12.81 ? 31  VAL A CG1 1 
ATOM   241  C CG2 . VAL A 1 31  ? -11.096 -6.594  -1.403  1.00 10.97 ? 31  VAL A CG2 1 
ATOM   242  N N   . ARG A 1 32  ? -15.158 -4.367  -1.935  1.00 9.84  ? 32  ARG A N   1 
ATOM   243  C CA  . ARG A 1 32  ? -16.589 -4.108  -1.817  1.00 10.67 ? 32  ARG A CA  1 
ATOM   244  C C   . ARG A 1 32  ? -17.381 -4.478  -3.048  1.00 11.38 ? 32  ARG A C   1 
ATOM   245  O O   . ARG A 1 32  ? -18.447 -5.071  -3.022  1.00 11.56 ? 32  ARG A O   1 
ATOM   246  C CB  . ARG A 1 32  ? -16.865 -2.612  -1.493  1.00 10.69 ? 32  ARG A CB  1 
ATOM   247  C CG  . ARG A 1 32  ? -16.574 -2.325  -0.050  1.00 10.91 ? 32  ARG A CG  1 
ATOM   248  C CD  . ARG A 1 32  ? -17.277 -0.998  0.337   1.00 13.44 ? 32  ARG A CD  1 
ATOM   249  N NE  . ARG A 1 32  ? -16.967 -0.670  1.704   1.00 12.17 ? 32  ARG A NE  1 
ATOM   250  C CZ  . ARG A 1 32  ? -15.912 -0.038  2.128   1.00 12.73 ? 32  ARG A CZ  1 
ATOM   251  N NH1 . ARG A 1 32  ? -15.138 0.512   1.184   1.00 12.82 ? 32  ARG A NH1 1 
ATOM   252  N NH2 . ARG A 1 32  ? -15.473 0.084   3.374   1.00 13.34 ? 32  ARG A NH2 1 
ATOM   253  N N   . LYS A 1 33  ? -16.799 -4.150  -4.196  1.00 11.33 ? 33  LYS A N   1 
ATOM   254  C CA  . LYS A 1 33  ? -17.385 -4.428  -5.500  1.00 13.33 ? 33  LYS A CA  1 
ATOM   255  C C   . LYS A 1 33  ? -17.547 -5.945  -5.690  1.00 13.00 ? 33  LYS A C   1 
ATOM   256  O O   . LYS A 1 33  ? -18.647 -6.411  -6.051  1.00 15.35 ? 33  LYS A O   1 
ATOM   257  C CB  . LYS A 1 33  ? -16.565 -3.867  -6.623  1.00 14.93 ? 33  LYS A CB  1 
ATOM   258  C CG  . LYS A 1 33  ? -17.237 -4.042  -7.990  1.00 19.41 ? 33  LYS A CG  1 
ATOM   259  C CD  . LYS A 1 33  ? -16.288 -3.456  -9.034  1.00 22.80 ? 33  LYS A CD  1 
ATOM   260  C CE  . LYS A 1 33  ? -17.142 -2.696  -10.025 1.00 26.68 ? 33  LYS A CE  1 
ATOM   261  N NZ  . LYS A 1 33  ? -18.336 -3.504  -10.319 1.00 30.62 ? 33  LYS A NZ  1 
ATOM   262  N N   . HIS A 1 34  ? -16.479 -6.647  -5.319  1.00 13.44 ? 34  HIS A N   1 
ATOM   263  C CA  . HIS A 1 34  ? -16.517 -8.120  -5.444  1.00 13.06 ? 34  HIS A CA  1 
ATOM   264  C C   . HIS A 1 34  ? -17.533 -8.734  -4.481  1.00 13.81 ? 34  HIS A C   1 
ATOM   265  O O   . HIS A 1 34  ? -18.327 -9.682  -4.898  1.00 14.96 ? 34  HIS A O   1 
ATOM   266  C CB  . HIS A 1 34  ? -15.158 -8.791  -5.196  1.00 13.39 ? 34  HIS A CB  1 
ATOM   267  C CG  . HIS A 1 34  ? -14.148 -8.518  -6.250  1.00 13.79 ? 34  HIS A CG  1 
ATOM   268  N ND1 . HIS A 1 34  ? -14.315 -8.923  -7.546  1.00 16.57 ? 34  HIS A ND1 1 
ATOM   269  C CD2 . HIS A 1 34  ? -12.861 -8.084  -6.145  1.00 14.54 ? 34  HIS A CD2 1 
ATOM   270  C CE1 . HIS A 1 34  ? -13.258 -8.624  -8.268  1.00 16.71 ? 34  HIS A CE1 1 
ATOM   271  N NE2 . HIS A 1 34  ? -12.350 -8.165  -7.414  1.00 16.69 ? 34  HIS A NE2 1 
ATOM   272  N N   . VAL A 1 35  ? -17.616 -8.180  -3.280  1.00 13.61 ? 35  VAL A N   1 
ATOM   273  C CA  . VAL A 1 35  ? -18.583 -8.724  -2.277  1.00 14.56 ? 35  VAL A CA  1 
ATOM   274  C C   . VAL A 1 35  ? -19.980 -8.528  -2.833  1.00 16.52 ? 35  VAL A C   1 
ATOM   275  O O   . VAL A 1 35  ? -20.858 -9.426  -2.674  1.00 17.11 ? 35  VAL A O   1 
ATOM   276  C CB  . VAL A 1 35  ? -18.357 -8.129  -0.901  1.00 16.83 ? 35  VAL A CB  1 
ATOM   277  C CG1 . VAL A 1 35  ? -19.544 -8.405  0.070   1.00 19.28 ? 35  VAL A CG1 1 
ATOM   278  C CG2 . VAL A 1 35  ? -17.092 -8.637  -0.257  1.00 17.33 ? 35  VAL A CG2 1 
ATOM   279  N N   . ALA A 1 36  ? -20.252 -7.378  -3.392  1.00 16.01 ? 36  ALA A N   1 
ATOM   280  C CA  . ALA A 1 36  ? -21.581 -7.082  -3.975  1.00 18.42 ? 36  ALA A CA  1 
ATOM   281  C C   . ALA A 1 36  ? -21.891 -8.000  -5.148  1.00 19.30 ? 36  ALA A C   1 
ATOM   282  O O   . ALA A 1 36  ? -23.106 -8.223  -5.463  1.00 21.16 ? 36  ALA A O   1 
ATOM   283  C CB  . ALA A 1 36  ? -21.655 -5.610  -4.426  1.00 16.81 ? 36  ALA A CB  1 
ATOM   284  N N   . ASN A 1 37  ? -20.923 -8.523  -5.853  1.00 19.40 ? 37  ASN A N   1 
ATOM   285  C CA  . ASN A 1 37  ? -21.050 -9.407  -6.984  1.00 21.12 ? 37  ASN A CA  1 
ATOM   286  C C   . ASN A 1 37  ? -21.111 -10.862 -6.463  1.00 21.53 ? 37  ASN A C   1 
ATOM   287  O O   . ASN A 1 37  ? -21.016 -11.720 -7.361  1.00 23.51 ? 37  ASN A O   1 
ATOM   288  C CB  . ASN A 1 37  ? -19.951 -9.343  -8.061  1.00 24.24 ? 37  ASN A CB  1 
ATOM   289  C CG  . ASN A 1 37  ? -19.810 -8.090  -8.845  1.00 29.00 ? 37  ASN A CG  1 
ATOM   290  O OD1 . ASN A 1 37  ? -20.676 -7.171  -8.896  1.00 32.16 ? 37  ASN A OD1 1 
ATOM   291  N ND2 . ASN A 1 37  ? -18.628 -7.885  -9.453  1.00 30.37 ? 37  ASN A ND2 1 
ATOM   292  N N   . GLY A 1 38  ? -21.196 -11.079 -5.191  1.00 21.53 ? 38  GLY A N   1 
ATOM   293  C CA  . GLY A 1 38  ? -21.297 -12.441 -4.639  1.00 21.43 ? 38  GLY A CA  1 
ATOM   294  C C   . GLY A 1 38  ? -19.993 -13.192 -4.518  1.00 21.60 ? 38  GLY A C   1 
ATOM   295  O O   . GLY A 1 38  ? -20.025 -14.445 -4.233  1.00 22.43 ? 38  GLY A O   1 
ATOM   296  N N   . LYS A 1 39  ? -18.839 -12.539 -4.635  1.00 20.27 ? 39  LYS A N   1 
ATOM   297  C CA  . LYS A 1 39  ? -17.571 -13.255 -4.499  1.00 20.07 ? 39  LYS A CA  1 
ATOM   298  C C   . LYS A 1 39  ? -17.169 -13.433 -3.049  1.00 18.95 ? 39  LYS A C   1 
ATOM   299  O O   . LYS A 1 39  ? -17.488 -12.612 -2.191  1.00 19.60 ? 39  LYS A O   1 
ATOM   300  C CB  . LYS A 1 39  ? -16.415 -12.517 -5.155  1.00 21.31 ? 39  LYS A CB  1 
ATOM   301  C CG  . LYS A 1 39  ? -16.548 -12.218 -6.628  1.00 27.01 ? 39  LYS A CG  1 
ATOM   302  C CD  . LYS A 1 39  ? -16.320 -13.511 -7.409  1.00 29.62 ? 39  LYS A CD  1 
ATOM   303  C CE  . LYS A 1 39  ? -16.088 -13.129 -8.881  1.00 32.17 ? 39  LYS A CE  1 
ATOM   304  N NZ  . LYS A 1 39  ? -17.352 -12.441 -9.297  1.00 33.83 ? 39  LYS A NZ  1 
ATOM   305  N N   . ARG A 1 40  ? -16.432 -14.506 -2.813  1.00 18.01 ? 40  ARG A N   1 
ATOM   306  C CA  . ARG A 1 40  ? -15.912 -14.893 -1.490  1.00 16.97 ? 40  ARG A CA  1 
ATOM   307  C C   . ARG A 1 40  ? -14.412 -14.966 -1.557  1.00 15.47 ? 40  ARG A C   1 
ATOM   308  O O   . ARG A 1 40  ? -13.895 -15.081 -2.684  1.00 15.16 ? 40  ARG A O   1 
ATOM   309  C CB  . ARG A 1 40  ? -16.444 -16.287 -1.075  1.00 20.83 ? 40  ARG A CB  1 
ATOM   310  C CG  . ARG A 1 40  ? -17.963 -16.406 -1.015  1.00 24.11 ? 40  ARG A CG  1 
ATOM   311  C CD  . ARG A 1 40  ? -18.442 -15.871 0.322   1.00 26.91 ? 40  ARG A CD  1 
ATOM   312  N NE  . ARG A 1 40  ? -17.961 -16.865 1.290   1.00 29.77 ? 40  ARG A NE  1 
ATOM   313  C CZ  . ARG A 1 40  ? -17.985 -16.877 2.600   1.00 32.09 ? 40  ARG A CZ  1 
ATOM   314  N NH1 . ARG A 1 40  ? -18.567 -15.900 3.345   1.00 34.65 ? 40  ARG A NH1 1 
ATOM   315  N NH2 . ARG A 1 40  ? -17.290 -17.843 3.205   1.00 32.43 ? 40  ARG A NH2 1 
ATOM   316  N N   . VAL A 1 41  ? -13.673 -14.961 -0.453  1.00 16.01 ? 41  VAL A N   1 
ATOM   317  C CA  . VAL A 1 41  ? -12.196 -15.030 -0.610  1.00 16.34 ? 41  VAL A CA  1 
ATOM   318  C C   . VAL A 1 41  ? -11.751 -16.286 -1.371  1.00 16.39 ? 41  VAL A C   1 
ATOM   319  O O   . VAL A 1 41  ? -10.715 -16.189 -2.047  1.00 15.71 ? 41  VAL A O   1 
ATOM   320  C CB  . VAL A 1 41  ? -11.467 -14.939 0.754   1.00 18.64 ? 41  VAL A CB  1 
ATOM   321  C CG1 . VAL A 1 41  ? -11.448 -13.545 1.307   1.00 20.53 ? 41  VAL A CG1 1 
ATOM   322  C CG2 . VAL A 1 41  ? -12.066 -15.918 1.736   1.00 20.63 ? 41  VAL A CG2 1 
ATOM   323  N N   . ARG A 1 42  ? -12.554 -17.354 -1.237  1.00 14.87 ? 42  ARG A N   1 
ATOM   324  C CA  . ARG A 1 42  ? -12.083 -18.560 -1.929  1.00 16.46 ? 42  ARG A CA  1 
ATOM   325  C C   . ARG A 1 42  ? -12.120 -18.453 -3.444  1.00 16.47 ? 42  ARG A C   1 
ATOM   326  O O   . ARG A 1 42  ? -11.627 -19.352 -4.127  1.00 17.62 ? 42  ARG A O   1 
ATOM   327  C CB  . ARG A 1 42  ? -12.936 -19.752 -1.470  1.00 17.25 ? 42  ARG A CB  1 
ATOM   328  C CG  . ARG A 1 42  ? -14.348 -19.690 -1.931  1.00 20.33 ? 42  ARG A CG  1 
ATOM   329  C CD  . ARG A 1 42  ? -15.169 -20.760 -1.246  1.00 23.62 ? 42  ARG A CD  1 
ATOM   330  N NE  . ARG A 1 42  ? -16.531 -20.577 -1.777  1.00 28.00 ? 42  ARG A NE  1 
ATOM   331  C CZ  . ARG A 1 42  ? -17.556 -21.037 -1.029  1.00 30.17 ? 42  ARG A CZ  1 
ATOM   332  N NH1 . ARG A 1 42  ? -17.235 -21.628 0.139   1.00 32.83 ? 42  ARG A NH1 1 
ATOM   333  N NH2 . ARG A 1 42  ? -18.785 -20.938 -1.510  1.00 30.68 ? 42  ARG A NH2 1 
ATOM   334  N N   . ASP A 1 43  ? -12.746 -17.415 -3.979  1.00 15.12 ? 43  ASP A N   1 
ATOM   335  C CA  . ASP A 1 43  ? -12.818 -17.244 -5.452  1.00 15.77 ? 43  ASP A CA  1 
ATOM   336  C C   . ASP A 1 43  ? -11.542 -16.657 -6.018  1.00 15.65 ? 43  ASP A C   1 
ATOM   337  O O   . ASP A 1 43  ? -11.362 -16.614 -7.263  1.00 16.81 ? 43  ASP A O   1 
ATOM   338  C CB  . ASP A 1 43  ? -14.046 -16.375 -5.766  1.00 16.17 ? 43  ASP A CB  1 
ATOM   339  C CG  . ASP A 1 43  ? -15.332 -17.057 -5.376  1.00 17.19 ? 43  ASP A CG  1 
ATOM   340  O OD1 . ASP A 1 43  ? -15.469 -18.288 -5.657  1.00 21.09 ? 43  ASP A OD1 1 
ATOM   341  O OD2 . ASP A 1 43  ? -16.223 -16.472 -4.748  1.00 19.82 ? 43  ASP A OD2 1 
ATOM   342  N N   . PHE A 1 44  ? -10.624 -16.211 -5.158  1.00 14.44 ? 44  PHE A N   1 
ATOM   343  C CA  . PHE A 1 44  ? -9.400  -15.536 -5.621  1.00 14.65 ? 44  PHE A CA  1 
ATOM   344  C C   . PHE A 1 44  ? -8.172  -16.422 -5.473  1.00 15.71 ? 44  PHE A C   1 
ATOM   345  O O   . PHE A 1 44  ? -8.140  -17.224 -4.538  1.00 16.52 ? 44  PHE A O   1 
ATOM   346  C CB  . PHE A 1 44  ? -9.178  -14.206 -4.865  1.00 13.06 ? 44  PHE A CB  1 
ATOM   347  C CG  . PHE A 1 44  ? -10.397 -13.321 -5.029  1.00 14.27 ? 44  PHE A CG  1 
ATOM   348  C CD1 . PHE A 1 44  ? -10.502 -12.593 -6.233  1.00 15.32 ? 44  PHE A CD1 1 
ATOM   349  C CD2 . PHE A 1 44  ? -11.379 -13.220 -4.049  1.00 13.51 ? 44  PHE A CD2 1 
ATOM   350  C CE1 . PHE A 1 44  ? -11.637 -11.793 -6.431  1.00 17.67 ? 44  PHE A CE1 1 
ATOM   351  C CE2 . PHE A 1 44  ? -12.492 -12.391 -4.246  1.00 14.14 ? 44  PHE A CE2 1 
ATOM   352  C CZ  . PHE A 1 44  ? -12.666 -11.722 -5.431  1.00 16.24 ? 44  PHE A CZ  1 
ATOM   353  N N   . LYS A 1 45  ? -7.261  -16.228 -6.395  1.00 16.66 ? 45  LYS A N   1 
ATOM   354  C CA  . LYS A 1 45  ? -5.995  -16.959 -6.350  1.00 18.11 ? 45  LYS A CA  1 
ATOM   355  C C   . LYS A 1 45  ? -5.015  -16.078 -5.602  1.00 16.80 ? 45  LYS A C   1 
ATOM   356  O O   . LYS A 1 45  ? -4.295  -15.250 -6.234  1.00 19.31 ? 45  LYS A O   1 
ATOM   357  C CB  . LYS A 1 45  ? -5.424  -17.327 -7.731  1.00 21.94 ? 45  LYS A CB  1 
ATOM   358  C CG  . LYS A 1 45  ? -4.092  -18.106 -7.504  1.00 28.83 ? 45  LYS A CG  1 
ATOM   359  C CD  . LYS A 1 45  ? -3.432  -18.534 -8.835  1.00 33.00 ? 45  LYS A CD  1 
ATOM   360  C CE  . LYS A 1 45  ? -2.381  -19.641 -8.550  1.00 34.76 ? 45  LYS A CE  1 
ATOM   361  N NZ  . LYS A 1 45  ? -1.965  -20.284 -9.832  1.00 36.62 ? 45  LYS A NZ  1 
ATOM   362  N N   . ILE A 1 46  ? -4.921  -16.269 -4.317  1.00 15.36 ? 46  ILE A N   1 
ATOM   363  C CA  . ILE A 1 46  ? -4.019  -15.457 -3.472  1.00 14.01 ? 46  ILE A CA  1 
ATOM   364  C C   . ILE A 1 46  ? -2.683  -16.140 -3.342  1.00 14.18 ? 46  ILE A C   1 
ATOM   365  O O   . ILE A 1 46  ? -2.604  -17.246 -2.803  1.00 13.11 ? 46  ILE A O   1 
ATOM   366  C CB  . ILE A 1 46  ? -4.696  -15.175 -2.086  1.00 13.98 ? 46  ILE A CB  1 
ATOM   367  C CG1 . ILE A 1 46  ? -5.988  -14.316 -2.268  1.00 14.74 ? 46  ILE A CG1 1 
ATOM   368  C CG2 . ILE A 1 46  ? -3.730  -14.502 -1.037  1.00 16.52 ? 46  ILE A CG2 1 
ATOM   369  C CD1 . ILE A 1 46  ? -6.830  -14.149 -1.016  1.00 14.99 ? 46  ILE A CD1 1 
ATOM   370  N N   . SER A 1 47  ? -1.641  -15.431 -3.789  1.00 12.62 ? 47  SER A N   1 
ATOM   371  C CA  . SER A 1 47  ? -0.296  -16.048 -3.647  1.00 12.15 ? 47  SER A CA  1 
ATOM   372  C C   . SER A 1 47  ? 0.073   -16.307 -2.232  1.00 12.55 ? 47  SER A C   1 
ATOM   373  O O   . SER A 1 47  ? -0.200  -15.558 -1.300  1.00 12.63 ? 47  SER A O   1 
ATOM   374  C CB  . SER A 1 47  ? 0.753   -15.064 -4.300  1.00 13.04 ? 47  SER A CB  1 
ATOM   375  O OG  . SER A 1 47  ? 2.037   -15.550 -4.106  1.00 14.09 ? 47  SER A OG  1 
ATOM   376  N N   . PRO A 1 48  ? 0.874   -17.365 -1.968  1.00 13.37 ? 48  PRO A N   1 
ATOM   377  C CA  . PRO A 1 48  ? 1.331   -17.645 -0.626  1.00 14.85 ? 48  PRO A CA  1 
ATOM   378  C C   . PRO A 1 48  ? 2.437   -16.726 -0.156  1.00 15.55 ? 48  PRO A C   1 
ATOM   379  O O   . PRO A 1 48  ? 2.704   -16.574 1.021   1.00 17.00 ? 48  PRO A O   1 
ATOM   380  C CB  . PRO A 1 48  ? 1.863   -19.084 -0.683  1.00 15.43 ? 48  PRO A CB  1 
ATOM   381  C CG  . PRO A 1 48  ? 2.208   -19.249 -2.108  1.00 16.55 ? 48  PRO A CG  1 
ATOM   382  C CD  . PRO A 1 48  ? 1.252   -18.385 -2.955  1.00 15.15 ? 48  PRO A CD  1 
ATOM   383  N N   . THR A 1 49  ? 3.059   -16.033 -1.145  1.00 15.62 ? 49  THR A N   1 
ATOM   384  C CA  . THR A 1 49  ? 4.139   -15.114 -0.742  1.00 15.57 ? 49  THR A CA  1 
ATOM   385  C C   . THR A 1 49  ? 3.967   -13.789 -1.508  1.00 14.55 ? 49  THR A C   1 
ATOM   386  O O   . THR A 1 49  ? 3.362   -13.725 -2.590  1.00 15.20 ? 49  THR A O   1 
ATOM   387  C CB  . THR A 1 49  ? 5.555   -15.769 -0.959  1.00 18.43 ? 49  THR A CB  1 
ATOM   388  O OG1 . THR A 1 49  ? 6.466   -14.883 -0.141  1.00 22.92 ? 49  THR A OG1 1 
ATOM   389  C CG2 . THR A 1 49  ? 5.827   -15.878 -2.421  1.00 18.55 ? 49  THR A CG2 1 
ATOM   390  N N   . PHE A 1 50  ? 4.532   -12.738 -0.907  1.00 13.42 ? 50  PHE A N   1 
ATOM   391  C CA  . PHE A 1 50  ? 4.438   -11.445 -1.590  1.00 12.07 ? 50  PHE A CA  1 
ATOM   392  C C   . PHE A 1 50  ? 5.077   -11.461 -2.970  1.00 11.28 ? 50  PHE A C   1 
ATOM   393  O O   . PHE A 1 50  ? 6.185   -11.936 -3.230  1.00 12.67 ? 50  PHE A O   1 
ATOM   394  C CB  . PHE A 1 50  ? 5.113   -10.437 -0.614  1.00 11.69 ? 50  PHE A CB  1 
ATOM   395  C CG  . PHE A 1 50  ? 5.158   -9.063  -1.275  1.00 12.30 ? 50  PHE A CG  1 
ATOM   396  C CD1 . PHE A 1 50  ? 4.075   -8.198  -1.303  1.00 12.21 ? 50  PHE A CD1 1 
ATOM   397  C CD2 . PHE A 1 50  ? 6.391   -8.703  -1.846  1.00 11.60 ? 50  PHE A CD2 1 
ATOM   398  C CE1 . PHE A 1 50  ? 4.125   -6.921  -1.856  1.00 13.99 ? 50  PHE A CE1 1 
ATOM   399  C CE2 . PHE A 1 50  ? 6.467   -7.389  -2.410  1.00 13.49 ? 50  PHE A CE2 1 
ATOM   400  C CZ  . PHE A 1 50  ? 5.352   -6.556  -2.434  1.00 13.31 ? 50  PHE A CZ  1 
ATOM   401  N N   . ILE A 1 51  ? 4.368   -10.788 -3.900  1.00 11.66 ? 51  ILE A N   1 
ATOM   402  C CA  . ILE A 1 51  ? 4.860   -10.632 -5.279  1.00 13.06 ? 51  ILE A CA  1 
ATOM   403  C C   . ILE A 1 51  ? 4.529   -9.218  -5.781  1.00 12.53 ? 51  ILE A C   1 
ATOM   404  O O   . ILE A 1 51  ? 3.583   -8.614  -5.318  1.00 12.27 ? 51  ILE A O   1 
ATOM   405  C CB  . ILE A 1 51  ? 4.223   -11.716 -6.231  1.00 14.61 ? 51  ILE A CB  1 
ATOM   406  C CG1 . ILE A 1 51  ? 2.673   -11.579 -6.155  1.00 17.06 ? 51  ILE A CG1 1 
ATOM   407  C CG2 . ILE A 1 51  ? 4.726   -13.146 -5.888  1.00 16.08 ? 51  ILE A CG2 1 
ATOM   408  C CD1 . ILE A 1 51  ? 1.769   -12.541 -6.921  1.00 20.85 ? 51  ILE A CD1 1 
ATOM   409  N N   . LEU A 1 52  ? 5.289   -8.771  -6.774  1.00 13.59 ? 52  LEU A N   1 
ATOM   410  C CA  . LEU A 1 52  ? 5.035   -7.527  -7.506  1.00 15.00 ? 52  LEU A CA  1 
ATOM   411  C C   . LEU A 1 52  ? 4.410   -7.914  -8.855  1.00 16.21 ? 52  LEU A C   1 
ATOM   412  O O   . LEU A 1 52  ? 4.660   -9.056  -9.335  1.00 18.15 ? 52  LEU A O   1 
ATOM   413  C CB  . LEU A 1 52  ? 6.378   -6.798  -7.715  1.00 17.47 ? 52  LEU A CB  1 
ATOM   414  C CG  . LEU A 1 52  ? 7.049   -6.355  -6.415  1.00 20.86 ? 52  LEU A CG  1 
ATOM   415  C CD1 . LEU A 1 52  ? 8.448   -5.827  -6.523  1.00 22.43 ? 52  LEU A CD1 1 
ATOM   416  C CD2 . LEU A 1 52  ? 6.126   -5.258  -5.857  1.00 22.07 ? 52  LEU A CD2 1 
ATOM   417  N N   . GLY A 1 53  ? 3.660   -7.044  -9.534  1.00 17.22 ? 53  GLY A N   1 
ATOM   418  C CA  . GLY A 1 53  ? 3.213   -7.509  -10.900 1.00 17.18 ? 53  GLY A CA  1 
ATOM   419  C C   . GLY A 1 53  ? 1.881   -8.254  -10.798 1.00 17.05 ? 53  GLY A C   1 
ATOM   420  O O   . GLY A 1 53  ? 1.018   -7.940  -10.000 1.00 16.86 ? 53  GLY A O   1 
ATOM   421  N N   . ALA A 1 54  ? 1.771   -9.214  -11.733 1.00 14.99 ? 54  ALA A N   1 
ATOM   422  C CA  . ALA A 1 54  ? 0.552   -9.978  -11.835 1.00 15.50 ? 54  ALA A CA  1 
ATOM   423  C C   . ALA A 1 54  ? 0.267   -10.717 -10.503 1.00 15.37 ? 54  ALA A C   1 
ATOM   424  O O   . ALA A 1 54  ? 1.039   -11.605 -10.111 1.00 16.40 ? 54  ALA A O   1 
ATOM   425  C CB  . ALA A 1 54  ? 0.631   -11.017 -12.973 1.00 14.92 ? 54  ALA A CB  1 
ATOM   426  N N   . GLY A 1 55  ? -0.877  -10.347 -9.961  1.00 15.09 ? 55  GLY A N   1 
ATOM   427  C CA  . GLY A 1 55  ? -1.315  -10.982 -8.714  1.00 13.44 ? 55  GLY A CA  1 
ATOM   428  C C   . GLY A 1 55  ? -0.960  -10.146 -7.497  1.00 12.41 ? 55  GLY A C   1 
ATOM   429  O O   . GLY A 1 55  ? -1.329  -10.530 -6.388  1.00 12.34 ? 55  GLY A O   1 
ATOM   430  N N   . HIS A 1 56  ? -0.272  -8.988  -7.731  1.00 11.64 ? 56  HIS A N   1 
ATOM   431  C CA  . HIS A 1 56  ? 0.098   -8.161  -6.574  1.00 11.70 ? 56  HIS A CA  1 
ATOM   432  C C   . HIS A 1 56  ? -1.064  -7.670  -5.759  1.00 9.94  ? 56  HIS A C   1 
ATOM   433  O O   . HIS A 1 56  ? -1.020  -7.810  -4.488  1.00 10.91 ? 56  HIS A O   1 
ATOM   434  C CB  . HIS A 1 56  ? 0.958   -6.956  -7.106  1.00 8.97  ? 56  HIS A CB  1 
ATOM   435  C CG  . HIS A 1 56  ? 1.261   -5.941  -6.046  1.00 9.19  ? 56  HIS A CG  1 
ATOM   436  N ND1 . HIS A 1 56  ? 2.268   -6.105  -5.122  1.00 9.67  ? 56  HIS A ND1 1 
ATOM   437  C CD2 . HIS A 1 56  ? 0.781   -4.687  -5.849  1.00 9.94  ? 56  HIS A CD2 1 
ATOM   438  C CE1 . HIS A 1 56  ? 2.366   -4.997  -4.385  1.00 10.35 ? 56  HIS A CE1 1 
ATOM   439  N NE2 . HIS A 1 56  ? 1.474   -4.120  -4.836  1.00 10.29 ? 56  HIS A NE2 1 
ATOM   440  N N   . VAL A 1 57  ? -2.061  -7.087  -6.439  1.00 9.26  ? 57  VAL A N   1 
ATOM   441  C CA  . VAL A 1 57  ? -3.168  -6.522  -5.641  1.00 10.02 ? 57  VAL A CA  1 
ATOM   442  C C   . VAL A 1 57  ? -3.945  -7.650  -4.937  1.00 9.87  ? 57  VAL A C   1 
ATOM   443  O O   . VAL A 1 57  ? -4.287  -7.515  -3.792  1.00 10.01 ? 57  VAL A O   1 
ATOM   444  C CB  . VAL A 1 57  ? -4.068  -5.604  -6.473  1.00 13.34 ? 57  VAL A CB  1 
ATOM   445  C CG1 . VAL A 1 57  ? -5.327  -5.190  -5.732  1.00 14.90 ? 57  VAL A CG1 1 
ATOM   446  C CG2 . VAL A 1 57  ? -3.310  -4.352  -6.946  1.00 14.42 ? 57  VAL A CG2 1 
ATOM   447  N N   . THR A 1 58  ? -4.171  -8.722  -5.741  1.00 9.24  ? 58  THR A N   1 
ATOM   448  C CA  . THR A 1 58  ? -4.949  -9.822  -5.200  1.00 10.16 ? 58  THR A CA  1 
ATOM   449  C C   . THR A 1 58  ? -4.284  -10.399 -3.946  1.00 9.60  ? 58  THR A C   1 
ATOM   450  O O   . THR A 1 58  ? -5.079  -10.843 -3.068  1.00 11.26 ? 58  THR A O   1 
ATOM   451  C CB  . THR A 1 58  ? -5.139  -10.962 -6.303  1.00 12.79 ? 58  THR A CB  1 
ATOM   452  O OG1 . THR A 1 58  ? -5.579  -10.226 -7.493  1.00 15.08 ? 58  THR A OG1 1 
ATOM   453  C CG2 . THR A 1 58  ? -6.206  -11.929 -5.821  1.00 14.50 ? 58  THR A CG2 1 
ATOM   454  N N   . PHE A 1 59  ? -2.947  -10.358 -3.888  1.00 8.91  ? 59  PHE A N   1 
ATOM   455  C CA  . PHE A 1 59  ? -2.336  -10.871 -2.668  1.00 9.08  ? 59  PHE A CA  1 
ATOM   456  C C   . PHE A 1 59  ? -2.869  -10.245 -1.412  1.00 9.69  ? 59  PHE A C   1 
ATOM   457  O O   . PHE A 1 59  ? -2.871  -10.824 -0.292  1.00 11.17 ? 59  PHE A O   1 
ATOM   458  C CB  . PHE A 1 59  ? -0.829  -10.576 -2.790  1.00 10.15 ? 59  PHE A CB  1 
ATOM   459  C CG  . PHE A 1 59  ? 0.004   -10.917 -1.570  1.00 10.53 ? 59  PHE A CG  1 
ATOM   460  C CD1 . PHE A 1 59  ? 0.280   -12.303 -1.367  1.00 12.10 ? 59  PHE A CD1 1 
ATOM   461  C CD2 . PHE A 1 59  ? 0.445   -9.964  -0.703  1.00 12.14 ? 59  PHE A CD2 1 
ATOM   462  C CE1 . PHE A 1 59  ? 1.127   -12.653 -0.286  1.00 12.36 ? 59  PHE A CE1 1 
ATOM   463  C CE2 . PHE A 1 59  ? 1.199   -10.270 0.417   1.00 12.05 ? 59  PHE A CE2 1 
ATOM   464  C CZ  . PHE A 1 59  ? 1.527   -11.640 0.600   1.00 13.03 ? 59  PHE A CZ  1 
ATOM   465  N N   . PHE A 1 60  ? -3.366  -8.994  -1.509  1.00 8.59  ? 60  PHE A N   1 
ATOM   466  C CA  . PHE A 1 60  ? -3.833  -8.336  -0.316  1.00 8.61  ? 60  PHE A CA  1 
ATOM   467  C C   . PHE A 1 60  ? -5.324  -8.455  -0.050  1.00 10.29 ? 60  PHE A C   1 
ATOM   468  O O   . PHE A 1 60  ? -5.792  -7.885  0.989   1.00 8.66  ? 60  PHE A O   1 
ATOM   469  C CB  . PHE A 1 60  ? -3.421  -6.795  -0.391  1.00 9.01  ? 60  PHE A CB  1 
ATOM   470  C CG  . PHE A 1 60  ? -1.934  -6.603  -0.364  1.00 8.84  ? 60  PHE A CG  1 
ATOM   471  C CD1 . PHE A 1 60  ? -1.290  -6.633  0.891   1.00 9.56  ? 60  PHE A CD1 1 
ATOM   472  C CD2 . PHE A 1 60  ? -1.172  -6.404  -1.524  1.00 9.01  ? 60  PHE A CD2 1 
ATOM   473  C CE1 . PHE A 1 60  ? 0.115   -6.500  0.968   1.00 10.15 ? 60  PHE A CE1 1 
ATOM   474  C CE2 . PHE A 1 60  ? 0.232   -6.255  -1.437  1.00 11.49 ? 60  PHE A CE2 1 
ATOM   475  C CZ  . PHE A 1 60  ? 0.827   -6.322  -0.149  1.00 11.18 ? 60  PHE A CZ  1 
ATOM   476  N N   . TYR A 1 61  ? -6.015  -9.247  -0.875  1.00 10.65 ? 61  TYR A N   1 
ATOM   477  C CA  . TYR A 1 61  ? -7.491  -9.368  -0.676  1.00 10.16 ? 61  TYR A CA  1 
ATOM   478  C C   . TYR A 1 61  ? -7.895  -9.965  0.647   1.00 11.17 ? 61  TYR A C   1 
ATOM   479  O O   . TYR A 1 61  ? -8.996  -9.627  1.121   1.00 13.03 ? 61  TYR A O   1 
ATOM   480  C CB  . TYR A 1 61  ? -7.962  -10.151 -1.930  1.00 12.34 ? 61  TYR A CB  1 
ATOM   481  C CG  . TYR A 1 61  ? -8.409  -9.209  -3.049  1.00 12.64 ? 61  TYR A CG  1 
ATOM   482  C CD1 . TYR A 1 61  ? -7.827  -7.957  -3.244  1.00 13.25 ? 61  TYR A CD1 1 
ATOM   483  C CD2 . TYR A 1 61  ? -9.076  -9.825  -4.131  1.00 14.22 ? 61  TYR A CD2 1 
ATOM   484  C CE1 . TYR A 1 61  ? -8.181  -7.213  -4.386  1.00 14.83 ? 61  TYR A CE1 1 
ATOM   485  C CE2 . TYR A 1 61  ? -9.409  -9.068  -5.257  1.00 16.58 ? 61  TYR A CE2 1 
ATOM   486  C CZ  . TYR A 1 61  ? -8.939  -7.778  -5.358  1.00 15.77 ? 61  TYR A CZ  1 
ATOM   487  O OH  . TYR A 1 61  ? -9.266  -7.085  -6.498  1.00 19.44 ? 61  TYR A OH  1 
ATOM   488  N N   . ASP A 1 62  ? -7.044  -10.761 1.285   1.00 10.00 ? 62  ASP A N   1 
ATOM   489  C CA  . ASP A 1 62  ? -7.430  -11.358 2.588   1.00 10.82 ? 62  ASP A CA  1 
ATOM   490  C C   . ASP A 1 62  ? -6.563  -10.731 3.678   1.00 11.17 ? 62  ASP A C   1 
ATOM   491  O O   . ASP A 1 62  ? -6.435  -11.208 4.828   1.00 12.07 ? 62  ASP A O   1 
ATOM   492  C CB  . ASP A 1 62  ? -7.313  -12.895 2.612   1.00 10.35 ? 62  ASP A CB  1 
ATOM   493  C CG  . ASP A 1 62  ? -5.890  -13.398 2.500   1.00 11.10 ? 62  ASP A CG  1 
ATOM   494  O OD1 . ASP A 1 62  ? -4.950  -12.637 2.066   1.00 10.94 ? 62  ASP A OD1 1 
ATOM   495  O OD2 . ASP A 1 62  ? -5.587  -14.627 2.739   1.00 13.89 ? 62  ASP A OD2 1 
ATOM   496  N N   . LYS A 1 63  ? -5.974  -9.556  3.354   1.00 9.62  ? 63  LYS A N   1 
ATOM   497  C CA  . LYS A 1 63  ? -5.086  -8.885  4.288   1.00 9.05  ? 63  LYS A CA  1 
ATOM   498  C C   . LYS A 1 63  ? -5.526  -7.450  4.472   1.00 9.20  ? 63  LYS A C   1 
ATOM   499  O O   . LYS A 1 63  ? -4.680  -6.534  4.680   1.00 8.95  ? 63  LYS A O   1 
ATOM   500  C CB  . LYS A 1 63  ? -3.617  -8.883  3.753   1.00 10.96 ? 63  LYS A CB  1 
ATOM   501  C CG  . LYS A 1 63  ? -3.168  -10.362 3.494   1.00 11.69 ? 63  LYS A CG  1 
ATOM   502  C CD  . LYS A 1 63  ? -1.757  -10.458 2.941   1.00 11.33 ? 63  LYS A CD  1 
ATOM   503  C CE  . LYS A 1 63  ? -1.301  -11.907 2.762   1.00 12.16 ? 63  LYS A CE  1 
ATOM   504  N NZ  . LYS A 1 63  ? -2.192  -12.586 1.717   1.00 11.94 ? 63  LYS A NZ  1 
ATOM   505  N N   . LEU A 1 64  ? -6.825  -7.213  4.456   1.00 7.52  ? 64  LEU A N   1 
ATOM   506  C CA  . LEU A 1 64  ? -7.299  -5.799  4.583   1.00 10.03 ? 64  LEU A CA  1 
ATOM   507  C C   . LEU A 1 64  ? -6.951  -5.187  5.927   1.00 10.24 ? 64  LEU A C   1 
ATOM   508  O O   . LEU A 1 64  ? -6.947  -3.913  6.008   1.00 10.93 ? 64  LEU A O   1 
ATOM   509  C CB  . LEU A 1 64  ? -8.797  -5.722  4.290   1.00 9.98  ? 64  LEU A CB  1 
ATOM   510  C CG  . LEU A 1 64  ? -9.283  -6.182  2.913   1.00 13.20 ? 64  LEU A CG  1 
ATOM   511  C CD1 . LEU A 1 64  ? -10.741 -5.719  2.648   1.00 13.97 ? 64  LEU A CD1 1 
ATOM   512  C CD2 . LEU A 1 64  ? -8.414  -5.683  1.789   1.00 15.32 ? 64  LEU A CD2 1 
ATOM   513  N N   . GLU A 1 65  ? -6.816  -5.929  7.036   1.00 9.27  ? 65  GLU A N   1 
ATOM   514  C CA  . GLU A 1 65  ? -6.471  -5.258  8.336   1.00 10.64 ? 65  GLU A CA  1 
ATOM   515  C C   . GLU A 1 65  ? -5.049  -4.676  8.247   1.00 10.45 ? 65  GLU A C   1 
ATOM   516  O O   . GLU A 1 65  ? -4.718  -3.591  8.757   1.00 10.05 ? 65  GLU A O   1 
ATOM   517  C CB  . GLU A 1 65  ? -6.654  -6.199  9.512   1.00 12.21 ? 65  GLU A CB  1 
ATOM   518  C CG  . GLU A 1 65  ? -6.317  -5.684  10.898  1.00 14.86 ? 65  GLU A CG  1 
ATOM   519  C CD  . GLU A 1 65  ? -7.114  -4.484  11.340  1.00 18.13 ? 65  GLU A CD  1 
ATOM   520  O OE1 . GLU A 1 65  ? -8.114  -4.118  10.705  1.00 18.61 ? 65  GLU A OE1 1 
ATOM   521  O OE2 . GLU A 1 65  ? -6.755  -3.859  12.346  1.00 20.98 ? 65  GLU A OE2 1 
ATOM   522  N N   . PHE A 1 66  ? -4.174  -5.401  7.581   1.00 9.96  ? 66  PHE A N   1 
ATOM   523  C CA  . PHE A 1 66  ? -2.792  -4.969  7.305   1.00 10.03 ? 66  PHE A CA  1 
ATOM   524  C C   . PHE A 1 66  ? -2.857  -3.622  6.561   1.00 10.26 ? 66  PHE A C   1 
ATOM   525  O O   . PHE A 1 66  ? -2.193  -2.660  7.001   1.00 11.25 ? 66  PHE A O   1 
ATOM   526  C CB  . PHE A 1 66  ? -1.985  -6.009  6.515   1.00 10.26 ? 66  PHE A CB  1 
ATOM   527  C CG  . PHE A 1 66  ? -0.681  -5.463  5.952   1.00 11.09 ? 66  PHE A CG  1 
ATOM   528  C CD1 . PHE A 1 66  ? 0.469   -5.345  6.745   1.00 12.61 ? 66  PHE A CD1 1 
ATOM   529  C CD2 . PHE A 1 66  ? -0.621  -5.003  4.630   1.00 11.98 ? 66  PHE A CD2 1 
ATOM   530  C CE1 . PHE A 1 66  ? 1.670   -4.783  6.247   1.00 12.62 ? 66  PHE A CE1 1 
ATOM   531  C CE2 . PHE A 1 66  ? 0.559   -4.421  4.155   1.00 12.13 ? 66  PHE A CE2 1 
ATOM   532  C CZ  . PHE A 1 66  ? 1.708   -4.386  4.926   1.00 12.45 ? 66  PHE A CZ  1 
ATOM   533  N N   . LEU A 1 67  ? -3.718  -3.615  5.547   1.00 9.63  ? 67  LEU A N   1 
ATOM   534  C CA  . LEU A 1 67  ? -3.811  -2.350  4.770   1.00 10.37 ? 67  LEU A CA  1 
ATOM   535  C C   . LEU A 1 67  ? -4.391  -1.183  5.579   1.00 10.56 ? 67  LEU A C   1 
ATOM   536  O O   . LEU A 1 67  ? -3.963  -0.023  5.384   1.00 11.24 ? 67  LEU A O   1 
ATOM   537  C CB  . LEU A 1 67  ? -4.667  -2.546  3.505   1.00 9.20  ? 67  LEU A CB  1 
ATOM   538  C CG  . LEU A 1 67  ? -4.129  -3.480  2.444   1.00 11.27 ? 67  LEU A CG  1 
ATOM   539  C CD1 . LEU A 1 67  ? -4.979  -3.422  1.159   1.00 12.59 ? 67  LEU A CD1 1 
ATOM   540  C CD2 . LEU A 1 67  ? -2.687  -3.097  1.994   1.00 12.45 ? 67  LEU A CD2 1 
ATOM   541  N N   . ARG A 1 68  ? -5.409  -1.507  6.389   1.00 9.22  ? 68  ARG A N   1 
ATOM   542  C CA  . ARG A 1 68  ? -6.065  -0.467  7.221   1.00 10.47 ? 68  ARG A CA  1 
ATOM   543  C C   . ARG A 1 68  ? -5.016  0.148   8.112   1.00 10.33 ? 68  ARG A C   1 
ATOM   544  O O   . ARG A 1 68  ? -4.905  1.414   8.185   1.00 11.35 ? 68  ARG A O   1 
ATOM   545  C CB  . ARG A 1 68  ? -7.192  -1.110  8.052   1.00 10.80 ? 68  ARG A CB  1 
ATOM   546  C CG  . ARG A 1 68  ? -8.078  -0.043  8.757   1.00 14.38 ? 68  ARG A CG  1 
ATOM   547  C CD  . ARG A 1 68  ? -9.048  -0.745  9.719   1.00 15.34 ? 68  ARG A CD  1 
ATOM   548  N NE  . ARG A 1 68  ? -8.376  -1.407  10.853  1.00 18.21 ? 68  ARG A NE  1 
ATOM   549  C CZ  . ARG A 1 68  ? -7.937  -0.732  11.906  1.00 20.84 ? 68  ARG A CZ  1 
ATOM   550  N NH1 . ARG A 1 68  ? -8.245  0.570   12.031  1.00 22.74 ? 68  ARG A NH1 1 
ATOM   551  N NH2 . ARG A 1 68  ? -7.131  -1.224  12.836  1.00 22.58 ? 68  ARG A NH2 1 
ATOM   552  N N   . LYS A 1 69  ? -4.195  -0.661  8.779   1.00 11.01 ? 69  LYS A N   1 
ATOM   553  C CA  . LYS A 1 69  ? -3.147  -0.178  9.713   1.00 11.18 ? 69  LYS A CA  1 
ATOM   554  C C   . LYS A 1 69  ? -2.099  0.596   8.908   1.00 10.71 ? 69  LYS A C   1 
ATOM   555  O O   . LYS A 1 69  ? -1.611  1.636   9.414   1.00 11.55 ? 69  LYS A O   1 
ATOM   556  C CB  . LYS A 1 69  ? -2.478  -1.278  10.500  1.00 12.83 ? 69  LYS A CB  1 
ATOM   557  C CG  . LYS A 1 69  ? -3.464  -1.910  11.557  1.00 18.36 ? 69  LYS A CG  1 
ATOM   558  C CD  . LYS A 1 69  ? -2.640  -3.077  12.141  1.00 23.60 ? 69  LYS A CD  1 
ATOM   559  C CE  . LYS A 1 69  ? -3.382  -4.124  12.915  1.00 27.13 ? 69  LYS A CE  1 
ATOM   560  N NZ  . LYS A 1 69  ? -2.412  -5.212  13.235  1.00 28.48 ? 69  LYS A NZ  1 
ATOM   561  N N   . ARG A 1 70  ? -1.836  0.153   7.697   1.00 9.18  ? 70  ARG A N   1 
ATOM   562  C CA  . ARG A 1 70  ? -0.805  0.912   6.946   1.00 10.16 ? 70  ARG A CA  1 
ATOM   563  C C   . ARG A 1 70  ? -1.361  2.257   6.529   1.00 9.66  ? 70  ARG A C   1 
ATOM   564  O O   . ARG A 1 70  ? -0.596  3.244   6.408   1.00 10.46 ? 70  ARG A O   1 
ATOM   565  C CB  . ARG A 1 70  ? -0.331  0.062   5.771   1.00 9.37  ? 70  ARG A CB  1 
ATOM   566  C CG  . ARG A 1 70  ? 0.887   0.708   5.067   1.00 9.57  ? 70  ARG A CG  1 
ATOM   567  C CD  . ARG A 1 70  ? 1.444   -0.168  3.985   1.00 8.75  ? 70  ARG A CD  1 
ATOM   568  N NE  . ARG A 1 70  ? 2.515   0.528   3.247   1.00 10.11 ? 70  ARG A NE  1 
ATOM   569  C CZ  . ARG A 1 70  ? 3.743   0.705   3.651   1.00 10.28 ? 70  ARG A CZ  1 
ATOM   570  N NH1 . ARG A 1 70  ? 4.177   0.191   4.800   1.00 10.81 ? 70  ARG A NH1 1 
ATOM   571  N NH2 . ARG A 1 70  ? 4.554   1.378   2.819   1.00 9.95  ? 70  ARG A NH2 1 
ATOM   572  N N   . GLN A 1 71  ? -2.637  2.372   6.211   1.00 9.84  ? 71  GLN A N   1 
ATOM   573  C CA  . GLN A 1 71  ? -3.258  3.639   5.773   1.00 10.98 ? 71  GLN A CA  1 
ATOM   574  C C   . GLN A 1 71  ? -3.111  4.593   6.980   1.00 10.45 ? 71  GLN A C   1 
ATOM   575  O O   . GLN A 1 71  ? -2.862  5.830   6.713   1.00 12.24 ? 71  GLN A O   1 
ATOM   576  C CB  . GLN A 1 71  ? -4.710  3.577   5.328   1.00 13.95 ? 71  GLN A CB  1 
ATOM   577  C CG  . GLN A 1 71  ? -5.195  4.900   4.667   1.00 16.12 ? 71  GLN A CG  1 
ATOM   578  C CD  . GLN A 1 71  ? -4.522  5.252   3.333   1.00 21.26 ? 71  GLN A CD  1 
ATOM   579  O OE1 . GLN A 1 71  ? -3.672  4.454   2.769   1.00 23.68 ? 71  GLN A OE1 1 
ATOM   580  N NE2 . GLN A 1 71  ? -4.824  6.401   2.604   1.00 20.29 ? 71  GLN A NE2 1 
ATOM   581  N N   . ILE A 1 72  ? -3.272  4.135   8.186   1.00 10.41 ? 72  ILE A N   1 
ATOM   582  C CA  . ILE A 1 72  ? -3.081  5.009   9.343   1.00 11.58 ? 72  ILE A CA  1 
ATOM   583  C C   . ILE A 1 72  ? -1.681  5.640   9.280   1.00 11.64 ? 72  ILE A C   1 
ATOM   584  O O   . ILE A 1 72  ? -1.485  6.836   9.505   1.00 12.64 ? 72  ILE A O   1 
ATOM   585  C CB  . ILE A 1 72  ? -3.337  4.240   10.661  1.00 14.37 ? 72  ILE A CB  1 
ATOM   586  C CG1 . ILE A 1 72  ? -4.849  3.839   10.729  1.00 15.50 ? 72  ILE A CG1 1 
ATOM   587  C CG2 . ILE A 1 72  ? -2.903  5.066   11.902  1.00 14.50 ? 72  ILE A CG2 1 
ATOM   588  C CD1 . ILE A 1 72  ? -4.990  2.838   11.965  1.00 16.35 ? 72  ILE A CD1 1 
ATOM   589  N N   . GLU A 1 73  ? -0.681  4.810   9.097   1.00 11.52 ? 73  GLU A N   1 
ATOM   590  C CA  . GLU A 1 73  ? 0.719   5.263   9.007   1.00 12.27 ? 73  GLU A CA  1 
ATOM   591  C C   . GLU A 1 73  ? 0.896   6.197   7.841   1.00 11.76 ? 73  GLU A C   1 
ATOM   592  O O   . GLU A 1 73  ? 1.645   7.197   8.007   1.00 12.10 ? 73  GLU A O   1 
ATOM   593  C CB  . GLU A 1 73  ? 1.602   4.018   8.854   1.00 13.35 ? 73  GLU A CB  1 
ATOM   594  C CG  . GLU A 1 73  ? 1.606   3.144   10.153  1.00 16.14 ? 73  GLU A CG  1 
ATOM   595  C CD  . GLU A 1 73  ? 2.365   1.865   9.987   1.00 22.04 ? 73  GLU A CD  1 
ATOM   596  O OE1 . GLU A 1 73  ? 2.778   1.560   8.832   1.00 24.61 ? 73  GLU A OE1 1 
ATOM   597  O OE2 . GLU A 1 73  ? 2.492   0.990   10.863  1.00 24.85 ? 73  GLU A OE2 1 
ATOM   598  N N   . LEU A 1 74  ? 0.305   5.933   6.673   1.00 10.98 ? 74  LEU A N   1 
ATOM   599  C CA  . LEU A 1 74  ? 0.514   6.830   5.522   1.00 10.43 ? 74  LEU A CA  1 
ATOM   600  C C   . LEU A 1 74  ? -0.011  8.233   5.795   1.00 10.91 ? 74  LEU A C   1 
ATOM   601  O O   . LEU A 1 74  ? 0.666   9.203   5.414   1.00 10.55 ? 74  LEU A O   1 
ATOM   602  C CB  . LEU A 1 74  ? -0.124  6.205   4.264   1.00 9.38  ? 74  LEU A CB  1 
ATOM   603  C CG  . LEU A 1 74  ? 0.633   4.943   3.752   1.00 8.94  ? 74  LEU A CG  1 
ATOM   604  C CD1 . LEU A 1 74  ? -0.283  4.214   2.736   1.00 10.22 ? 74  LEU A CD1 1 
ATOM   605  C CD2 . LEU A 1 74  ? 1.939   5.240   3.057   1.00 11.14 ? 74  LEU A CD2 1 
ATOM   606  N N   . ILE A 1 75  ? -1.234  8.232   6.344   1.00 11.63 ? 75  ILE A N   1 
ATOM   607  C CA  . ILE A 1 75  ? -1.823  9.588   6.634   1.00 11.56 ? 75  ILE A CA  1 
ATOM   608  C C   . ILE A 1 75  ? -0.881  10.309  7.597   1.00 12.18 ? 75  ILE A C   1 
ATOM   609  O O   . ILE A 1 75  ? -0.604  11.534  7.389   1.00 12.97 ? 75  ILE A O   1 
ATOM   610  C CB  . ILE A 1 75  ? -3.245  9.395   7.218   1.00 14.37 ? 75  ILE A CB  1 
ATOM   611  C CG1 . ILE A 1 75  ? -4.218  8.866   6.143   1.00 14.17 ? 75  ILE A CG1 1 
ATOM   612  C CG2 . ILE A 1 75  ? -3.809  10.719  7.841   1.00 15.29 ? 75  ILE A CG2 1 
ATOM   613  C CD1 . ILE A 1 75  ? -5.475  8.220   6.855   1.00 15.93 ? 75  ILE A CD1 1 
ATOM   614  N N   . ALA A 1 76  ? -0.473  9.650   8.656   1.00 11.35 ? 76  ALA A N   1 
ATOM   615  C CA  . ALA A 1 76  ? 0.378   10.336  9.643   1.00 12.33 ? 76  ALA A CA  1 
ATOM   616  C C   . ALA A 1 76  ? 1.669   10.842  9.027   1.00 12.43 ? 76  ALA A C   1 
ATOM   617  O O   . ALA A 1 76  ? 2.153   11.964  9.331   1.00 13.55 ? 76  ALA A O   1 
ATOM   618  C CB  . ALA A 1 76  ? 0.681   9.447   10.837  1.00 14.32 ? 76  ALA A CB  1 
ATOM   619  N N   . GLU A 1 77  ? 2.216   10.082  8.083   1.00 11.22 ? 77  GLU A N   1 
ATOM   620  C CA  . GLU A 1 77  ? 3.491   10.509  7.452   1.00 11.32 ? 77  GLU A CA  1 
ATOM   621  C C   . GLU A 1 77  ? 3.258   11.678  6.541   1.00 11.92 ? 77  GLU A C   1 
ATOM   622  O O   . GLU A 1 77  ? 4.104   12.621  6.480   1.00 11.32 ? 77  GLU A O   1 
ATOM   623  C CB  . GLU A 1 77  ? 4.082   9.295   6.758   1.00 10.56 ? 77  GLU A CB  1 
ATOM   624  C CG  . GLU A 1 77  ? 5.465   9.646   6.205   1.00 10.24 ? 77  GLU A CG  1 
ATOM   625  C CD  . GLU A 1 77  ? 6.560   9.901   7.214   1.00 11.78 ? 77  GLU A CD  1 
ATOM   626  O OE1 . GLU A 1 77  ? 6.462   9.419   8.372   1.00 14.16 ? 77  GLU A OE1 1 
ATOM   627  O OE2 . GLU A 1 77  ? 7.641   10.451  6.869   1.00 13.09 ? 77  GLU A OE2 1 
ATOM   628  N N   . CYS A 1 78  ? 2.167   11.713  5.806   1.00 11.02 ? 78  CYS A N   1 
ATOM   629  C CA  . CYS A 1 78  ? 1.820   12.849  4.941   1.00 12.15 ? 78  CYS A CA  1 
ATOM   630  C C   . CYS A 1 78  ? 1.725   14.134  5.793   1.00 12.82 ? 78  CYS A C   1 
ATOM   631  O O   . CYS A 1 78  ? 2.273   15.178  5.506   1.00 12.94 ? 78  CYS A O   1 
ATOM   632  C CB  . CYS A 1 78  ? 0.486   12.630  4.191   1.00 14.19 ? 78  CYS A CB  1 
ATOM   633  S SG  . CYS A 1 78  ? 0.677   11.387  2.833   1.00 13.54 ? 78  CYS A SG  1 
ATOM   634  N N   . LEU A 1 79  ? 1.015   14.030  6.897   1.00 12.58 ? 79  LEU A N   1 
ATOM   635  C CA  . LEU A 1 79  ? 0.868   15.200  7.793   1.00 13.25 ? 79  LEU A CA  1 
ATOM   636  C C   . LEU A 1 79  ? 2.214   15.614  8.388   1.00 12.38 ? 79  LEU A C   1 
ATOM   637  O O   . LEU A 1 79  ? 2.413   16.821  8.454   1.00 13.22 ? 79  LEU A O   1 
ATOM   638  C CB  . LEU A 1 79  ? -0.136  14.854  8.885   1.00 14.95 ? 79  LEU A CB  1 
ATOM   639  C CG  . LEU A 1 79  ? -1.547  14.698  8.346   1.00 16.81 ? 79  LEU A CG  1 
ATOM   640  C CD1 . LEU A 1 79  ? -2.456  14.277  9.509   1.00 16.45 ? 79  LEU A CD1 1 
ATOM   641  C CD2 . LEU A 1 79  ? -1.973  16.037  7.726   1.00 19.70 ? 79  LEU A CD2 1 
ATOM   642  N N   . LYS A 1 80  ? 3.018   14.671  8.820   1.00 11.25 ? 80  LYS A N   1 
ATOM   643  C CA  . LYS A 1 80  ? 4.342   14.949  9.385   1.00 11.67 ? 80  LYS A CA  1 
ATOM   644  C C   . LYS A 1 80  ? 5.181   15.763  8.433   1.00 12.50 ? 80  LYS A C   1 
ATOM   645  O O   . LYS A 1 80  ? 5.878   16.722  8.910   1.00 13.89 ? 80  LYS A O   1 
ATOM   646  C CB  . LYS A 1 80  ? 5.082   13.630  9.664   1.00 14.19 ? 80  LYS A CB  1 
ATOM   647  C CG  . LYS A 1 80  ? 6.537   13.786  10.172  1.00 18.02 ? 80  LYS A CG  1 
ATOM   648  C CD  . LYS A 1 80  ? 7.304   12.474  10.204  1.00 22.25 ? 80  LYS A CD  1 
ATOM   649  C CE  . LYS A 1 80  ? 6.836   11.476  11.222  1.00 25.43 ? 80  LYS A CE  1 
ATOM   650  N NZ  . LYS A 1 80  ? 5.360   11.294  11.209  1.00 28.95 ? 80  LYS A NZ  1 
ATOM   651  N N   . ARG A 1 81  ? 5.115   15.515  7.133   1.00 11.52 ? 81  ARG A N   1 
ATOM   652  C CA  . ARG A 1 81  ? 5.919   16.212  6.128   1.00 10.92 ? 81  ARG A CA  1 
ATOM   653  C C   . ARG A 1 81  ? 5.301   17.563  5.747   1.00 12.04 ? 81  ARG A C   1 
ATOM   654  O O   . ARG A 1 81  ? 5.934   18.214  4.865   1.00 14.33 ? 81  ARG A O   1 
ATOM   655  C CB  . ARG A 1 81  ? 6.150   15.356  4.899   1.00 12.60 ? 81  ARG A CB  1 
ATOM   656  C CG  . ARG A 1 81  ? 6.834   14.031  5.313   1.00 10.86 ? 81  ARG A CG  1 
ATOM   657  C CD  . ARG A 1 81  ? 7.331   13.309  4.075   1.00 9.82  ? 81  ARG A CD  1 
ATOM   658  N NE  . ARG A 1 81  ? 7.763   11.975  4.504   1.00 9.55  ? 81  ARG A NE  1 
ATOM   659  C CZ  . ARG A 1 81  ? 8.291   11.087  3.603   1.00 10.02 ? 81  ARG A CZ  1 
ATOM   660  N NH1 . ARG A 1 81  ? 8.538   11.373  2.330   1.00 9.98  ? 81  ARG A NH1 1 
ATOM   661  N NH2 . ARG A 1 81  ? 8.563   9.825   4.046   1.00 10.01 ? 81  ARG A NH2 1 
ATOM   662  N N   . GLY A 1 82  ? 4.163   17.869  6.316   1.00 13.15 ? 82  GLY A N   1 
ATOM   663  C CA  . GLY A 1 82  ? 3.506   19.177  6.029   1.00 13.65 ? 82  GLY A CA  1 
ATOM   664  C C   . GLY A 1 82  ? 2.687   19.158  4.755   1.00 15.70 ? 82  GLY A C   1 
ATOM   665  O O   . GLY A 1 82  ? 2.370   20.250  4.199   1.00 16.20 ? 82  GLY A O   1 
ATOM   666  N N   . PHE A 1 83  ? 2.323   17.968  4.267   1.00 16.09 ? 83  PHE A N   1 
ATOM   667  C CA  . PHE A 1 83  ? 1.564   17.837  3.030   1.00 18.25 ? 83  PHE A CA  1 
ATOM   668  C C   . PHE A 1 83  ? 0.106   18.202  3.301   1.00 20.71 ? 83  PHE A C   1 
ATOM   669  O O   . PHE A 1 83  ? -0.389  17.957  4.388   1.00 21.31 ? 83  PHE A O   1 
ATOM   670  C CB  . PHE A 1 83  ? 1.665   16.504  2.265   1.00 17.21 ? 83  PHE A CB  1 
ATOM   671  C CG  . PHE A 1 83  ? 3.073   16.221  1.807   1.00 19.99 ? 83  PHE A CG  1 
ATOM   672  C CD1 . PHE A 1 83  ? 3.983   17.288  1.669   1.00 20.85 ? 83  PHE A CD1 1 
ATOM   673  C CD2 . PHE A 1 83  ? 3.564   14.925  1.811   1.00 19.90 ? 83  PHE A CD2 1 
ATOM   674  C CE1 . PHE A 1 83  ? 5.329   17.064  1.335   1.00 22.77 ? 83  PHE A CE1 1 
ATOM   675  C CE2 . PHE A 1 83  ? 4.881   14.681  1.368   1.00 20.92 ? 83  PHE A CE2 1 
ATOM   676  C CZ  . PHE A 1 83  ? 5.773   15.743  1.195   1.00 21.95 ? 83  PHE A CZ  1 
ATOM   677  N N   . ASN A 1 84  ? -0.477  18.796  2.255   1.00 23.89 ? 84  ASN A N   1 
ATOM   678  C CA  . ASN A 1 84  ? -1.905  19.179  2.472   1.00 26.89 ? 84  ASN A CA  1 
ATOM   679  C C   . ASN A 1 84  ? -2.774  18.040  1.935   1.00 27.49 ? 84  ASN A C   1 
ATOM   680  O O   . ASN A 1 84  ? -3.042  18.070  0.720   1.00 29.26 ? 84  ASN A O   1 
ATOM   681  C CB  . ASN A 1 84  ? -2.261  20.543  1.860   1.00 30.52 ? 84  ASN A CB  1 
ATOM   682  C CG  . ASN A 1 84  ? -3.675  20.828  2.368   1.00 33.19 ? 84  ASN A CG  1 
ATOM   683  O OD1 . ASN A 1 84  ? -3.891  21.907  2.923   1.00 36.31 ? 84  ASN A OD1 1 
ATOM   684  N ND2 . ASN A 1 84  ? -4.564  19.843  2.239   1.00 34.09 ? 84  ASN A ND2 1 
ATOM   685  N N   . ILE A 1 85  ? -3.167  17.114  2.752   1.00 25.85 ? 85  ILE A N   1 
ATOM   686  C CA  . ILE A 1 85  ? -4.028  16.044  2.210   1.00 26.08 ? 85  ILE A CA  1 
ATOM   687  C C   . ILE A 1 85  ? -5.440  16.386  2.704   1.00 27.13 ? 85  ILE A C   1 
ATOM   688  O O   . ILE A 1 85  ? -5.560  16.980  3.759   1.00 27.20 ? 85  ILE A O   1 
ATOM   689  C CB  . ILE A 1 85  ? -3.551  14.615  2.596   1.00 22.94 ? 85  ILE A CB  1 
ATOM   690  C CG1 . ILE A 1 85  ? -3.533  14.508  4.126   1.00 23.93 ? 85  ILE A CG1 1 
ATOM   691  C CG2 . ILE A 1 85  ? -2.209  14.289  1.861   1.00 22.80 ? 85  ILE A CG2 1 
ATOM   692  C CD1 . ILE A 1 85  ? -3.205  13.137  4.770   1.00 21.49 ? 85  ILE A CD1 1 
ATOM   693  N N   . LYS A 1 86  ? -6.409  16.004  1.916   1.00 28.89 ? 86  LYS A N   1 
ATOM   694  C CA  . LYS A 1 86  ? -7.804  16.283  2.292   1.00 30.35 ? 86  LYS A CA  1 
ATOM   695  C C   . LYS A 1 86  ? -8.367  15.169  3.143   1.00 30.22 ? 86  LYS A C   1 
ATOM   696  O O   . LYS A 1 86  ? -9.003  15.646  4.121   1.00 31.16 ? 86  LYS A O   1 
ATOM   697  C CB  . LYS A 1 86  ? -8.723  16.510  1.103   1.00 32.45 ? 86  LYS A CB  1 
ATOM   698  C CG  . LYS A 1 86  ? -10.145 16.965  1.544   1.00 33.63 ? 86  LYS A CG  1 
ATOM   699  C CD  . LYS A 1 86  ? -10.866 17.462  0.271   1.00 33.51 ? 86  LYS A CD  1 
ATOM   700  C CE  . LYS A 1 86  ? -12.225 18.026  0.630   1.00 32.40 ? 86  LYS A CE  1 
ATOM   701  N NZ  . LYS A 1 86  ? -12.822 18.557  -0.636  1.00 33.12 ? 86  LYS A NZ  1 
ATOM   702  N N   . ASP A 1 87  ? -8.172  13.878  2.880   1.00 29.98 ? 87  ASP A N   1 
ATOM   703  C CA  . ASP A 1 87  ? -8.801  12.929  3.835   1.00 30.19 ? 87  ASP A CA  1 
ATOM   704  C C   . ASP A 1 87  ? -7.737  12.385  4.815   1.00 28.63 ? 87  ASP A C   1 
ATOM   705  O O   . ASP A 1 87  ? -6.819  11.628  4.445   1.00 27.98 ? 87  ASP A O   1 
ATOM   706  C CB  . ASP A 1 87  ? -9.628  11.740  3.282   1.00 35.85 ? 87  ASP A CB  1 
ATOM   707  C CG  . ASP A 1 87  ? -10.643 11.363  4.404   1.00 39.22 ? 87  ASP A CG  1 
ATOM   708  O OD1 . ASP A 1 87  ? -10.675 11.969  5.512   1.00 41.33 ? 87  ASP A OD1 1 
ATOM   709  O OD2 . ASP A 1 87  ? -11.538 10.505  4.201   1.00 41.90 ? 87  ASP A OD2 1 
ATOM   710  N N   . THR A 1 88  ? -7.988  12.781  6.055   1.00 26.71 ? 88  THR A N   1 
ATOM   711  C CA  . THR A 1 88  ? -7.105  12.406  7.155   1.00 25.87 ? 88  THR A CA  1 
ATOM   712  C C   . THR A 1 88  ? -7.679  11.337  8.062   1.00 25.52 ? 88  THR A C   1 
ATOM   713  O O   . THR A 1 88  ? -7.215  11.101  9.196   1.00 25.08 ? 88  THR A O   1 
ATOM   714  C CB  . THR A 1 88  ? -6.710  13.732  7.952   1.00 27.54 ? 88  THR A CB  1 
ATOM   715  O OG1 . THR A 1 88  ? -7.972  14.088  8.601   1.00 27.44 ? 88  THR A OG1 1 
ATOM   716  C CG2 . THR A 1 88  ? -6.080  14.803  7.048   1.00 25.97 ? 88  THR A CG2 1 
ATOM   717  N N   . THR A 1 89  ? -8.711  10.684  7.577   1.00 25.93 ? 89  THR A N   1 
ATOM   718  C CA  . THR A 1 89  ? -9.361  9.616   8.350   1.00 26.83 ? 89  THR A CA  1 
ATOM   719  C C   . THR A 1 89  ? -9.186  8.266   7.637   1.00 25.16 ? 89  THR A C   1 
ATOM   720  O O   . THR A 1 89  ? -9.213  8.238   6.413   1.00 24.55 ? 89  THR A O   1 
ATOM   721  C CB  . THR A 1 89  ? -10.895 9.825   8.631   1.00 28.34 ? 89  THR A CB  1 
ATOM   722  O OG1 . THR A 1 89  ? -11.516 9.861   7.298   1.00 31.02 ? 89  THR A OG1 1 
ATOM   723  C CG2 . THR A 1 89  ? -11.152 11.083  9.454   1.00 31.61 ? 89  THR A CG2 1 
ATOM   724  N N   . VAL A 1 90  ? -9.022  7.314   8.505   1.00 24.57 ? 90  VAL A N   1 
ATOM   725  C CA  . VAL A 1 90  ? -8.873  5.926   8.047   1.00 25.34 ? 90  VAL A CA  1 
ATOM   726  C C   . VAL A 1 90  ? -10.297 5.496   7.676   1.00 24.59 ? 90  VAL A C   1 
ATOM   727  O O   . VAL A 1 90  ? -11.245 5.738   8.459   1.00 23.55 ? 90  VAL A O   1 
ATOM   728  C CB  . VAL A 1 90  ? -8.370  4.986   9.159   1.00 27.21 ? 90  VAL A CB  1 
ATOM   729  C CG1 . VAL A 1 90  ? -7.621  3.796   8.589   1.00 28.16 ? 90  VAL A CG1 1 
ATOM   730  C CG2 . VAL A 1 90  ? -7.665  5.816   10.237  1.00 29.57 ? 90  VAL A CG2 1 
ATOM   731  N N   . GLN A 1 91  ? -10.380 4.845   6.547   1.00 23.78 ? 91  GLN A N   1 
ATOM   732  C CA  . GLN A 1 91  ? -11.666 4.313   6.076   1.00 22.84 ? 91  GLN A CA  1 
ATOM   733  C C   . GLN A 1 91  ? -12.270 3.270   7.001   1.00 21.29 ? 91  GLN A C   1 
ATOM   734  O O   . GLN A 1 91  ? -11.506 2.458   7.558   1.00 21.00 ? 91  GLN A O   1 
ATOM   735  C CB  . GLN A 1 91  ? -11.296 3.651   4.718   1.00 23.21 ? 91  GLN A CB  1 
ATOM   736  C CG  . GLN A 1 91  ? -12.560 3.317   4.017   1.00 21.46 ? 91  GLN A CG  1 
ATOM   737  C CD  . GLN A 1 91  ? -12.385 2.857   2.601   1.00 20.07 ? 91  GLN A CD  1 
ATOM   738  O OE1 . GLN A 1 91  ? -13.085 1.926   2.310   1.00 19.89 ? 91  GLN A OE1 1 
ATOM   739  N NE2 . GLN A 1 91  ? -11.628 3.578   1.793   1.00 19.66 ? 91  GLN A NE2 1 
ATOM   740  N N   . ASP A 1 92  ? -13.535 3.238   7.227   1.00 20.18 ? 92  ASP A N   1 
ATOM   741  C CA  . ASP A 1 92  ? -14.162 2.198   8.094   1.00 20.11 ? 92  ASP A CA  1 
ATOM   742  C C   . ASP A 1 92  ? -14.363 0.990   7.181   1.00 18.68 ? 92  ASP A C   1 
ATOM   743  O O   . ASP A 1 92  ? -15.030 1.237   6.171   1.00 17.66 ? 92  ASP A O   1 
ATOM   744  C CB  . ASP A 1 92  ? -15.472 2.675   8.736   1.00 24.46 ? 92  ASP A CB  1 
ATOM   745  C CG  . ASP A 1 92  ? -16.162 1.636   9.590   1.00 27.45 ? 92  ASP A CG  1 
ATOM   746  O OD1 . ASP A 1 92  ? -15.747 0.486   9.753   1.00 28.58 ? 92  ASP A OD1 1 
ATOM   747  O OD2 . ASP A 1 92  ? -17.223 1.971   10.202  1.00 30.88 ? 92  ASP A OD2 1 
ATOM   748  N N   . ILE A 1 93  ? -13.828 -0.148  7.544   1.00 16.86 ? 93  ILE A N   1 
ATOM   749  C CA  . ILE A 1 93  ? -14.004 -1.336  6.655   1.00 16.92 ? 93  ILE A CA  1 
ATOM   750  C C   . ILE A 1 93  ? -14.782 -2.426  7.366   1.00 17.14 ? 93  ILE A C   1 
ATOM   751  O O   . ILE A 1 93  ? -14.795 -3.595  6.917   1.00 16.55 ? 93  ILE A O   1 
ATOM   752  C CB  . ILE A 1 93  ? -12.616 -1.823  6.083   1.00 16.96 ? 93  ILE A CB  1 
ATOM   753  C CG1 . ILE A 1 93  ? -11.697 -2.323  7.253   1.00 17.13 ? 93  ILE A CG1 1 
ATOM   754  C CG2 . ILE A 1 93  ? -11.968 -0.741  5.169   1.00 16.47 ? 93  ILE A CG2 1 
ATOM   755  C CD1 . ILE A 1 93  ? -10.459 -3.124  6.729   1.00 17.69 ? 93  ILE A CD1 1 
ATOM   756  N N   . SER A 1 94  ? -15.390 -2.082  8.480   1.00 17.75 ? 94  SER A N   1 
ATOM   757  C CA  . SER A 1 94  ? -16.154 -3.083  9.273   1.00 18.70 ? 94  SER A CA  1 
ATOM   758  C C   . SER A 1 94  ? -17.306 -3.658  8.469   1.00 18.10 ? 94  SER A C   1 
ATOM   759  O O   . SER A 1 94  ? -17.745 -4.780  8.851   1.00 19.95 ? 94  SER A O   1 
ATOM   760  C CB  . SER A 1 94  ? -16.617 -2.454  10.565  1.00 19.74 ? 94  SER A CB  1 
ATOM   761  O OG  . SER A 1 94  ? -17.612 -1.479  10.185  1.00 22.96 ? 94  SER A OG  1 
ATOM   762  N N   . ASP A 1 95  ? -17.752 -3.065  7.391   1.00 17.61 ? 95  ASP A N   1 
ATOM   763  C CA  . ASP A 1 95  ? -18.801 -3.585  6.521   1.00 16.80 ? 95  ASP A CA  1 
ATOM   764  C C   . ASP A 1 95  ? -18.347 -4.805  5.659   1.00 16.30 ? 95  ASP A C   1 
ATOM   765  O O   . ASP A 1 95  ? -19.181 -5.515  5.104   1.00 17.44 ? 95  ASP A O   1 
ATOM   766  C CB  . ASP A 1 95  ? -19.437 -2.559  5.574   1.00 16.85 ? 95  ASP A CB  1 
ATOM   767  C CG  . ASP A 1 95  ? -18.376 -1.901  4.662   1.00 17.93 ? 95  ASP A CG  1 
ATOM   768  O OD1 . ASP A 1 95  ? -17.386 -1.413  5.203   1.00 17.77 ? 95  ASP A OD1 1 
ATOM   769  O OD2 . ASP A 1 95  ? -18.642 -1.999  3.445   1.00 20.10 ? 95  ASP A OD2 1 
ATOM   770  N N   . ILE A 1 96  ? -17.102 -4.958  5.457   1.00 15.17 ? 96  ILE A N   1 
ATOM   771  C CA  . ILE A 1 96  ? -16.567 -6.059  4.629   1.00 14.32 ? 96  ILE A CA  1 
ATOM   772  C C   . ILE A 1 96  ? -16.494 -7.312  5.477   1.00 13.85 ? 96  ILE A C   1 
ATOM   773  O O   . ILE A 1 96  ? -16.075 -7.249  6.627   1.00 13.63 ? 96  ILE A O   1 
ATOM   774  C CB  . ILE A 1 96  ? -15.197 -5.602  4.047   1.00 13.94 ? 96  ILE A CB  1 
ATOM   775  C CG1 . ILE A 1 96  ? -15.387 -4.317  3.169   1.00 14.10 ? 96  ILE A CG1 1 
ATOM   776  C CG2 . ILE A 1 96  ? -14.478 -6.769  3.300   1.00 14.84 ? 96  ILE A CG2 1 
ATOM   777  C CD1 . ILE A 1 96  ? -13.961 -3.701  2.806   1.00 13.36 ? 96  ILE A CD1 1 
ATOM   778  N N   . PRO A 1 97  ? -16.860 -8.441  4.899   1.00 14.56 ? 97  PRO A N   1 
ATOM   779  C CA  . PRO A 1 97  ? -16.824 -9.724  5.604   1.00 14.30 ? 97  PRO A CA  1 
ATOM   780  C C   . PRO A 1 97  ? -15.438 -9.958  6.210   1.00 13.80 ? 97  PRO A C   1 
ATOM   781  O O   . PRO A 1 97  ? -14.391 -9.656  5.645   1.00 12.69 ? 97  PRO A O   1 
ATOM   782  C CB  . PRO A 1 97  ? -17.249 -10.747 4.576   1.00 15.90 ? 97  PRO A CB  1 
ATOM   783  C CG  . PRO A 1 97  ? -18.042 -9.979  3.547   1.00 15.76 ? 97  PRO A CG  1 
ATOM   784  C CD  . PRO A 1 97  ? -17.345 -8.621  3.511   1.00 15.64 ? 97  PRO A CD  1 
ATOM   785  N N   . GLN A 1 98  ? -15.465 -10.532 7.382   1.00 14.58 ? 98  GLN A N   1 
ATOM   786  C CA  . GLN A 1 98  ? -14.292 -10.829 8.182   1.00 15.43 ? 98  GLN A CA  1 
ATOM   787  C C   . GLN A 1 98  ? -13.247 -11.653 7.487   1.00 14.98 ? 98  GLN A C   1 
ATOM   788  O O   . GLN A 1 98  ? -12.016 -11.460 7.763   1.00 13.81 ? 98  GLN A O   1 
ATOM   789  C CB  . GLN A 1 98  ? -14.845 -11.531 9.439   1.00 21.47 ? 98  GLN A CB  1 
ATOM   790  C CG  . GLN A 1 98  ? -13.923 -12.078 10.477  1.00 27.86 ? 98  GLN A CG  1 
ATOM   791  C CD  . GLN A 1 98  ? -14.815 -12.680 11.589  1.00 32.07 ? 98  GLN A CD  1 
ATOM   792  O OE1 . GLN A 1 98  ? -16.059 -12.631 11.470  1.00 34.65 ? 98  GLN A OE1 1 
ATOM   793  N NE2 . GLN A 1 98  ? -14.157 -13.190 12.625  1.00 34.27 ? 98  GLN A NE2 1 
ATOM   794  N N   . GLU A 1 99  ? -13.609 -12.581 6.603   1.00 13.87 ? 99  GLU A N   1 
ATOM   795  C CA  . GLU A 1 99  ? -12.637 -13.400 5.901   1.00 13.64 ? 99  GLU A CA  1 
ATOM   796  C C   . GLU A 1 99  ? -11.640 -12.583 5.035   1.00 12.01 ? 99  GLU A C   1 
ATOM   797  O O   . GLU A 1 99  ? -10.540 -13.082 4.776   1.00 12.78 ? 99  GLU A O   1 
ATOM   798  C CB  . GLU A 1 99  ? -13.306 -14.418 4.978   1.00 16.73 ? 99  GLU A CB  1 
ATOM   799  C CG  . GLU A 1 99  ? -14.296 -13.857 3.942   1.00 18.32 ? 99  GLU A CG  1 
ATOM   800  C CD  . GLU A 1 99  ? -14.962 -14.918 3.094   1.00 22.39 ? 99  GLU A CD  1 
ATOM   801  O OE1 . GLU A 1 99  ? -15.369 -15.888 3.792   1.00 29.01 ? 99  GLU A OE1 1 
ATOM   802  O OE2 . GLU A 1 99  ? -15.135 -14.910 1.924   1.00 23.09 ? 99  GLU A OE2 1 
ATOM   803  N N   . PHE A 1 100 ? -12.025 -11.384 4.652   1.00 10.92 ? 100 PHE A N   1 
ATOM   804  C CA  . PHE A 1 100 ? -11.042 -10.539 3.898   1.00 10.59 ? 100 PHE A CA  1 
ATOM   805  C C   . PHE A 1 100 ? -10.133 -9.719  4.840   1.00 11.17 ? 100 PHE A C   1 
ATOM   806  O O   . PHE A 1 100 ? -9.097  -9.166  4.377   1.00 10.61 ? 100 PHE A O   1 
ATOM   807  C CB  . PHE A 1 100 ? -11.796 -9.590  2.987   1.00 11.19 ? 100 PHE A CB  1 
ATOM   808  C CG  . PHE A 1 100 ? -12.596 -10.201 1.868   1.00 10.98 ? 100 PHE A CG  1 
ATOM   809  C CD1 . PHE A 1 100 ? -12.042 -10.436 0.620   1.00 11.62 ? 100 PHE A CD1 1 
ATOM   810  C CD2 . PHE A 1 100 ? -13.938 -10.518 2.146   1.00 12.57 ? 100 PHE A CD2 1 
ATOM   811  C CE1 . PHE A 1 100 ? -12.838 -11.001 -0.391  1.00 12.88 ? 100 PHE A CE1 1 
ATOM   812  C CE2 . PHE A 1 100 ? -14.723 -11.120 1.135   1.00 12.92 ? 100 PHE A CE2 1 
ATOM   813  C CZ  . PHE A 1 100 ? -14.174 -11.336 -0.079  1.00 12.59 ? 100 PHE A CZ  1 
ATOM   814  N N   . ARG A 1 101 ? -10.535 -9.578  6.095   1.00 10.90 ? 101 ARG A N   1 
ATOM   815  C CA  . ARG A 1 101 ? -9.818  -8.681  7.041   1.00 11.35 ? 101 ARG A CA  1 
ATOM   816  C C   . ARG A 1 101 ? -8.774  -9.352  7.886   1.00 12.19 ? 101 ARG A C   1 
ATOM   817  O O   . ARG A 1 101 ? -8.742  -9.188  9.155   1.00 14.44 ? 101 ARG A O   1 
ATOM   818  C CB  . ARG A 1 101 ? -10.822 -7.902  7.874   1.00 11.39 ? 101 ARG A CB  1 
ATOM   819  C CG  . ARG A 1 101 ? -11.616 -6.891  7.067   1.00 14.24 ? 101 ARG A CG  1 
ATOM   820  C CD  . ARG A 1 101 ? -12.635 -6.065  7.700   1.00 14.92 ? 101 ARG A CD  1 
ATOM   821  N NE  . ARG A 1 101 ? -13.797 -6.656  8.254   1.00 16.15 ? 101 ARG A NE  1 
ATOM   822  C CZ  . ARG A 1 101 ? -13.998 -7.049  9.520   1.00 19.47 ? 101 ARG A CZ  1 
ATOM   823  N NH1 . ARG A 1 101 ? -13.051 -6.910  10.444  1.00 20.77 ? 101 ARG A NH1 1 
ATOM   824  N NH2 . ARG A 1 101 ? -15.234 -7.471  9.781   1.00 20.88 ? 101 ARG A NH2 1 
ATOM   825  N N   . GLY A 1 102 ? -7.822  -9.972  7.173   1.00 12.58 ? 102 GLY A N   1 
ATOM   826  C CA  . GLY A 1 102 ? -6.735  -10.582 7.906   1.00 12.33 ? 102 GLY A CA  1 
ATOM   827  C C   . GLY A 1 102 ? -5.595  -9.568  8.074   1.00 13.55 ? 102 GLY A C   1 
ATOM   828  O O   . GLY A 1 102 ? -5.504  -8.547  7.382   1.00 12.85 ? 102 GLY A O   1 
ATOM   829  N N   . ASP A 1 103 ? -4.643  -10.006 8.916   1.00 13.44 ? 103 ASP A N   1 
ATOM   830  C CA  . ASP A 1 103 ? -3.417  -9.191  9.120   1.00 13.44 ? 103 ASP A CA  1 
ATOM   831  C C   . ASP A 1 103 ? -2.260  -9.843  8.371   1.00 13.33 ? 103 ASP A C   1 
ATOM   832  O O   . ASP A 1 103 ? -2.351  -10.915 7.694   1.00 13.38 ? 103 ASP A O   1 
ATOM   833  C CB  . ASP A 1 103 ? -3.119  -8.983  10.594  1.00 16.21 ? 103 ASP A CB  1 
ATOM   834  C CG  . ASP A 1 103 ? -2.372  -7.682  10.893  1.00 19.25 ? 103 ASP A CG  1 
ATOM   835  O OD1 . ASP A 1 103 ? -1.697  -7.048  10.003  1.00 19.45 ? 103 ASP A OD1 1 
ATOM   836  O OD2 . ASP A 1 103 ? -2.462  -7.306  12.083  1.00 23.22 ? 103 ASP A OD2 1 
ATOM   837  N N   . TYR A 1 104 ? -1.088  -9.259  8.487   1.00 11.35 ? 104 TYR A N   1 
ATOM   838  C CA  . TYR A 1 104 ? 0.100   -9.711  7.756   1.00 12.74 ? 104 TYR A CA  1 
ATOM   839  C C   . TYR A 1 104 ? 1.403   -9.141  8.334   1.00 13.46 ? 104 TYR A C   1 
ATOM   840  O O   . TYR A 1 104 ? 1.399   -7.947  8.666   1.00 14.26 ? 104 TYR A O   1 
ATOM   841  C CB  . TYR A 1 104 ? -0.030  -9.348  6.263   1.00 11.46 ? 104 TYR A CB  1 
ATOM   842  C CG  . TYR A 1 104 ? 1.149   -9.585  5.382   1.00 10.29 ? 104 TYR A CG  1 
ATOM   843  C CD1 . TYR A 1 104 ? 1.667   -10.833 5.126   1.00 10.47 ? 104 TYR A CD1 1 
ATOM   844  C CD2 . TYR A 1 104 ? 1.666   -8.528  4.606   1.00 10.96 ? 104 TYR A CD2 1 
ATOM   845  C CE1 . TYR A 1 104 ? 2.749   -11.083 4.344   1.00 11.86 ? 104 TYR A CE1 1 
ATOM   846  C CE2 . TYR A 1 104 ? 2.738   -8.741  3.781   1.00 11.25 ? 104 TYR A CE2 1 
ATOM   847  C CZ  . TYR A 1 104 ? 3.305   -10.002 3.609   1.00 11.97 ? 104 TYR A CZ  1 
ATOM   848  O OH  . TYR A 1 104 ? 4.319   -10.195 2.703   1.00 13.39 ? 104 TYR A OH  1 
ATOM   849  N N   . ILE A 1 105 ? 2.389   -10.034 8.405   1.00 14.15 ? 105 ILE A N   1 
ATOM   850  C CA  . ILE A 1 105 ? 3.734   -9.589  8.845   1.00 15.77 ? 105 ILE A CA  1 
ATOM   851  C C   . ILE A 1 105 ? 4.714   -10.104 7.805   1.00 15.58 ? 105 ILE A C   1 
ATOM   852  O O   . ILE A 1 105 ? 5.039   -11.283 7.662   1.00 15.59 ? 105 ILE A O   1 
ATOM   853  C CB  . ILE A 1 105 ? 4.040   -10.006 10.320  1.00 20.41 ? 105 ILE A CB  1 
ATOM   854  C CG1 . ILE A 1 105 ? 2.982   -9.322  11.243  1.00 23.30 ? 105 ILE A CG1 1 
ATOM   855  C CG2 . ILE A 1 105 ? 5.494   -9.659  10.788  1.00 20.99 ? 105 ILE A CG2 1 
ATOM   856  C CD1 . ILE A 1 105 ? 2.811   -9.988  12.638  1.00 26.62 ? 105 ILE A CD1 1 
ATOM   857  N N   . PRO A 1 106 ? 5.245   -9.177  7.028   1.00 15.07 ? 106 PRO A N   1 
ATOM   858  C CA  . PRO A 1 106 ? 6.190   -9.566  6.004   1.00 15.53 ? 106 PRO A CA  1 
ATOM   859  C C   . PRO A 1 106 ? 7.558   -9.870  6.605   1.00 15.46 ? 106 PRO A C   1 
ATOM   860  O O   . PRO A 1 106 ? 8.002   -9.181  7.522   1.00 15.40 ? 106 PRO A O   1 
ATOM   861  C CB  . PRO A 1 106 ? 6.224   -8.379  5.027   1.00 16.29 ? 106 PRO A CB  1 
ATOM   862  C CG  . PRO A 1 106 ? 5.857   -7.190  5.902   1.00 16.91 ? 106 PRO A CG  1 
ATOM   863  C CD  . PRO A 1 106 ? 4.939   -7.720  7.017   1.00 16.88 ? 106 PRO A CD  1 
ATOM   864  N N   . HIS A 1 107 ? 8.172   -10.883 6.004   1.00 15.57 ? 107 HIS A N   1 
ATOM   865  C CA  . HIS A 1 107 ? 9.532   -11.243 6.356   1.00 15.11 ? 107 HIS A CA  1 
ATOM   866  C C   . HIS A 1 107 ? 10.475  -10.203 5.730   1.00 15.35 ? 107 HIS A C   1 
ATOM   867  O O   . HIS A 1 107 ? 10.089  -9.555  4.715   1.00 13.25 ? 107 HIS A O   1 
ATOM   868  C CB  . HIS A 1 107 ? 9.881   -12.658 5.773   1.00 17.76 ? 107 HIS A CB  1 
ATOM   869  C CG  . HIS A 1 107 ? 11.180  -13.184 6.210   1.00 22.23 ? 107 HIS A CG  1 
ATOM   870  N ND1 . HIS A 1 107 ? 12.418  -12.946 5.570   1.00 21.76 ? 107 HIS A ND1 1 
ATOM   871  C CD2 . HIS A 1 107 ? 11.396  -14.094 7.239   1.00 22.39 ? 107 HIS A CD2 1 
ATOM   872  C CE1 . HIS A 1 107 ? 13.330  -13.639 6.245   1.00 24.27 ? 107 HIS A CE1 1 
ATOM   873  N NE2 . HIS A 1 107 ? 12.726  -14.326 7.227   1.00 21.92 ? 107 HIS A NE2 1 
ATOM   874  N N   . GLU A 1 108 ? 11.689  -10.070 6.225   1.00 14.23 ? 108 GLU A N   1 
ATOM   875  C CA  . GLU A 1 108 ? 12.619  -9.128  5.609   1.00 14.03 ? 108 GLU A CA  1 
ATOM   876  C C   . GLU A 1 108 ? 12.943  -9.394  4.155   1.00 13.74 ? 108 GLU A C   1 
ATOM   877  O O   . GLU A 1 108 ? 13.261  -8.436  3.376   1.00 13.38 ? 108 GLU A O   1 
ATOM   878  C CB  . GLU A 1 108 ? 13.933  -9.107  6.416   1.00 15.05 ? 108 GLU A CB  1 
ATOM   879  C CG  . GLU A 1 108 ? 13.817  -8.396  7.737   1.00 14.89 ? 108 GLU A CG  1 
ATOM   880  C CD  . GLU A 1 108 ? 15.107  -8.137  8.462   1.00 18.40 ? 108 GLU A CD  1 
ATOM   881  O OE1 . GLU A 1 108 ? 15.960  -7.424  7.922   1.00 20.57 ? 108 GLU A OE1 1 
ATOM   882  O OE2 . GLU A 1 108 ? 15.351  -8.663  9.539   1.00 17.04 ? 108 GLU A OE2 1 
ATOM   883  N N   . ALA A 1 109 ? 12.847  -10.647 3.719   1.00 12.42 ? 109 ALA A N   1 
ATOM   884  C CA  . ALA A 1 109 ? 13.110  -10.974 2.303   1.00 13.50 ? 109 ALA A CA  1 
ATOM   885  C C   . ALA A 1 109 ? 11.977  -10.401 1.409   1.00 13.61 ? 109 ALA A C   1 
ATOM   886  O O   . ALA A 1 109 ? 12.310  -9.915  0.303   1.00 15.32 ? 109 ALA A O   1 
ATOM   887  C CB  . ALA A 1 109 ? 13.343  -12.461 2.077   1.00 12.60 ? 109 ALA A CB  1 
ATOM   888  N N   . SER A 1 110 ? 10.743  -10.339 1.877   1.00 12.04 ? 110 SER A N   1 
ATOM   889  C CA  . SER A 1 110 ? 9.624   -9.766  1.153   1.00 12.64 ? 110 SER A CA  1 
ATOM   890  C C   . SER A 1 110 ? 9.825   -8.247  1.118   1.00 12.17 ? 110 SER A C   1 
ATOM   891  O O   . SER A 1 110 ? 9.630   -7.610  0.062   1.00 12.97 ? 110 SER A O   1 
ATOM   892  C CB  . SER A 1 110 ? 8.255   -10.103 1.731   1.00 14.11 ? 110 SER A CB  1 
ATOM   893  O OG  . SER A 1 110 ? 8.015   -11.532 1.585   1.00 16.82 ? 110 SER A OG  1 
ATOM   894  N N   . ILE A 1 111 ? 10.177  -7.700  2.263   1.00 12.89 ? 111 ILE A N   1 
ATOM   895  C CA  . ILE A 1 111 ? 10.414  -6.214  2.304   1.00 12.83 ? 111 ILE A CA  1 
ATOM   896  C C   . ILE A 1 111 ? 11.516  -5.832  1.312   1.00 13.17 ? 111 ILE A C   1 
ATOM   897  O O   . ILE A 1 111 ? 11.384  -4.758  0.654   1.00 13.05 ? 111 ILE A O   1 
ATOM   898  C CB  . ILE A 1 111 ? 10.739  -5.781  3.734   1.00 13.47 ? 111 ILE A CB  1 
ATOM   899  C CG1 . ILE A 1 111 ? 9.528   -6.121  4.680   1.00 13.55 ? 111 ILE A CG1 1 
ATOM   900  C CG2 . ILE A 1 111 ? 11.100  -4.281  3.820   1.00 13.73 ? 111 ILE A CG2 1 
ATOM   901  C CD1 . ILE A 1 111 ? 9.767   -5.842  6.194   1.00 14.82 ? 111 ILE A CD1 1 
ATOM   902  N N   . ALA A 1 112 ? 12.548  -6.655  1.183   1.00 13.16 ? 112 ALA A N   1 
ATOM   903  C CA  . ALA A 1 112 ? 13.671  -6.402  0.276   1.00 12.80 ? 112 ALA A CA  1 
ATOM   904  C C   . ALA A 1 112 ? 13.180  -6.355  -1.178  1.00 13.02 ? 112 ALA A C   1 
ATOM   905  O O   . ALA A 1 112 ? 13.649  -5.478  -1.923  1.00 13.31 ? 112 ALA A O   1 
ATOM   906  C CB  . ALA A 1 112 ? 14.767  -7.436  0.489   1.00 13.00 ? 112 ALA A CB  1 
ATOM   907  N N   . ILE A 1 113 ? 12.235  -7.189  -1.569  1.00 12.78 ? 113 ILE A N   1 
ATOM   908  C CA  . ILE A 1 113 ? 11.635  -7.165  -2.903  1.00 13.74 ? 113 ILE A CA  1 
ATOM   909  C C   . ILE A 1 113 ? 10.919  -5.820  -3.156  1.00 12.56 ? 113 ILE A C   1 
ATOM   910  O O   . ILE A 1 113 ? 11.065  -5.195  -4.240  1.00 13.68 ? 113 ILE A O   1 
ATOM   911  C CB  . ILE A 1 113 ? 10.617  -8.327  -3.075  1.00 16.61 ? 113 ILE A CB  1 
ATOM   912  C CG1 . ILE A 1 113 ? 11.473  -9.638  -3.068  1.00 20.11 ? 113 ILE A CG1 1 
ATOM   913  C CG2 . ILE A 1 113 ? 9.781   -8.196  -4.346  1.00 17.22 ? 113 ILE A CG2 1 
ATOM   914  C CD1 . ILE A 1 113 ? 10.465  -10.869 -2.895  1.00 21.83 ? 113 ILE A CD1 1 
ATOM   915  N N   . SER A 1 114 ? 10.160  -5.422  -2.174  1.00 11.31 ? 114 SER A N   1 
ATOM   916  C CA  . SER A 1 114 ? 9.420   -4.136  -2.268  1.00 10.53 ? 114 SER A CA  1 
ATOM   917  C C   . SER A 1 114 ? 10.416  -2.962  -2.373  1.00 11.27 ? 114 SER A C   1 
ATOM   918  O O   . SER A 1 114 ? 10.339  -2.083  -3.282  1.00 10.96 ? 114 SER A O   1 
ATOM   919  C CB  . SER A 1 114 ? 8.506   -4.087  -1.073  1.00 10.85 ? 114 SER A CB  1 
ATOM   920  O OG  . SER A 1 114 ? 7.745   -2.882  -1.075  1.00 11.74 ? 114 SER A OG  1 
ATOM   921  N N   . GLN A 1 115 ? 11.460  -2.985  -1.530  1.00 9.98  ? 115 GLN A N   1 
ATOM   922  C CA  . GLN A 1 115 ? 12.455  -1.931  -1.475  1.00 10.91 ? 115 GLN A CA  1 
ATOM   923  C C   . GLN A 1 115 ? 13.150  -1.866  -2.798  1.00 10.69 ? 115 GLN A C   1 
ATOM   924  O O   . GLN A 1 115 ? 13.388  -0.782  -3.350  1.00 12.82 ? 115 GLN A O   1 
ATOM   925  C CB  . GLN A 1 115 ? 13.447  -2.198  -0.344  1.00 12.53 ? 115 GLN A CB  1 
ATOM   926  C CG  . GLN A 1 115 ? 14.470  -1.089  -0.199  1.00 14.85 ? 115 GLN A CG  1 
ATOM   927  C CD  . GLN A 1 115 ? 13.867  0.216   0.266   1.00 18.84 ? 115 GLN A CD  1 
ATOM   928  O OE1 . GLN A 1 115 ? 13.307  0.261   1.378   1.00 20.53 ? 115 GLN A OE1 1 
ATOM   929  N NE2 . GLN A 1 115 ? 14.076  1.244   -0.581  1.00 20.35 ? 115 GLN A NE2 1 
ATOM   930  N N   . ALA A 1 116 ? 13.528  -3.014  -3.349  1.00 10.02 ? 116 ALA A N   1 
ATOM   931  C CA  . ALA A 1 116 ? 14.282  -3.024  -4.652  1.00 11.73 ? 116 ALA A CA  1 
ATOM   932  C C   . ALA A 1 116 ? 13.503  -2.315  -5.741  1.00 11.89 ? 116 ALA A C   1 
ATOM   933  O O   . ALA A 1 116 ? 14.136  -1.608  -6.609  1.00 13.95 ? 116 ALA A O   1 
ATOM   934  C CB  . ALA A 1 116 ? 14.653  -4.455  -5.006  1.00 12.87 ? 116 ALA A CB  1 
ATOM   935  N N   . ARG A 1 117 ? 12.171  -2.473  -5.779  1.00 10.81 ? 117 ARG A N   1 
ATOM   936  C CA  . ARG A 1 117 ? 11.348  -1.848  -6.832  1.00 10.90 ? 117 ARG A CA  1 
ATOM   937  C C   . ARG A 1 117 ? 11.404  -0.301  -6.686  1.00 10.97 ? 117 ARG A C   1 
ATOM   938  O O   . ARG A 1 117 ? 11.581  0.373   -7.690  1.00 11.76 ? 117 ARG A O   1 
ATOM   939  C CB  . ARG A 1 117 ? 9.906   -2.372  -6.825  1.00 12.31 ? 117 ARG A CB  1 
ATOM   940  C CG  . ARG A 1 117 ? 8.958   -1.738  -7.844  1.00 13.54 ? 117 ARG A CG  1 
ATOM   941  C CD  . ARG A 1 117 ? 9.427   -1.861  -9.219  1.00 14.57 ? 117 ARG A CD  1 
ATOM   942  N NE  . ARG A 1 117 ? 9.616   -3.223  -9.785  1.00 15.91 ? 117 ARG A NE  1 
ATOM   943  C CZ  . ARG A 1 117 ? 8.563   -3.941  -10.239 1.00 16.91 ? 117 ARG A CZ  1 
ATOM   944  N NH1 . ARG A 1 117 ? 7.270   -3.560  -10.210 1.00 15.08 ? 117 ARG A NH1 1 
ATOM   945  N NH2 . ARG A 1 117 ? 8.877   -5.174  -10.677 1.00 19.39 ? 117 ARG A NH2 1 
ATOM   946  N N   . LEU A 1 118 ? 11.283  0.128   -5.455  1.00 10.08 ? 118 LEU A N   1 
ATOM   947  C CA  . LEU A 1 118 ? 11.332  1.604   -5.186  1.00 11.63 ? 118 LEU A CA  1 
ATOM   948  C C   . LEU A 1 118 ? 12.704  2.158   -5.588  1.00 13.35 ? 118 LEU A C   1 
ATOM   949  O O   . LEU A 1 118 ? 12.719  3.217   -6.244  1.00 12.75 ? 118 LEU A O   1 
ATOM   950  C CB  . LEU A 1 118 ? 10.928  1.775   -3.751  1.00 12.25 ? 118 LEU A CB  1 
ATOM   951  C CG  . LEU A 1 118 ? 9.468   2.115   -3.390  1.00 17.45 ? 118 LEU A CG  1 
ATOM   952  C CD1 . LEU A 1 118 ? 8.501   1.754   -4.489  1.00 18.19 ? 118 LEU A CD1 1 
ATOM   953  C CD2 . LEU A 1 118 ? 9.260   1.526   -2.027  1.00 17.14 ? 118 LEU A CD2 1 
ATOM   954  N N   . ASP A 1 119 ? 13.752  1.452   -5.199  1.00 12.79 ? 119 ASP A N   1 
ATOM   955  C CA  . ASP A 1 119 ? 15.131  1.893   -5.531  1.00 13.56 ? 119 ASP A CA  1 
ATOM   956  C C   . ASP A 1 119 ? 15.287  2.025   -7.038  1.00 14.16 ? 119 ASP A C   1 
ATOM   957  O O   . ASP A 1 119 ? 15.897  2.996   -7.566  1.00 14.51 ? 119 ASP A O   1 
ATOM   958  C CB  . ASP A 1 119 ? 16.092  0.894   -4.900  1.00 16.42 ? 119 ASP A CB  1 
ATOM   959  C CG  . ASP A 1 119 ? 16.175  0.980   -3.366  1.00 17.86 ? 119 ASP A CG  1 
ATOM   960  O OD1 . ASP A 1 119 ? 15.668  1.967   -2.862  1.00 18.93 ? 119 ASP A OD1 1 
ATOM   961  O OD2 . ASP A 1 119 ? 16.874  0.114   -2.784  1.00 21.81 ? 119 ASP A OD2 1 
ATOM   962  N N   . GLU A 1 120 ? 14.856  1.007   -7.737  1.00 15.01 ? 120 GLU A N   1 
ATOM   963  C CA  . GLU A 1 120 ? 14.960  0.918   -9.206  1.00 16.16 ? 120 GLU A CA  1 
ATOM   964  C C   . GLU A 1 120 ? 14.234  2.082   -9.853  1.00 16.05 ? 120 GLU A C   1 
ATOM   965  O O   . GLU A 1 120 ? 14.806  2.670   -10.827 1.00 17.17 ? 120 GLU A O   1 
ATOM   966  C CB  . GLU A 1 120 ? 14.433  -0.419  -9.595  1.00 19.97 ? 120 GLU A CB  1 
ATOM   967  C CG  . GLU A 1 120 ? 13.833  -0.752  -10.928 1.00 27.54 ? 120 GLU A CG  1 
ATOM   968  C CD  . GLU A 1 120 ? 13.286  -2.186  -10.940 1.00 30.43 ? 120 GLU A CD  1 
ATOM   969  O OE1 . GLU A 1 120 ? 14.025  -2.918  -10.241 1.00 32.61 ? 120 GLU A OE1 1 
ATOM   970  O OE2 . GLU A 1 120 ? 12.262  -2.502  -11.506 1.00 32.86 ? 120 GLU A OE2 1 
ATOM   971  N N   . LYS A 1 121 ? 13.084  2.459   -9.415  1.00 15.36 ? 121 LYS A N   1 
ATOM   972  C CA  . LYS A 1 121 ? 12.311  3.568   -9.960  1.00 15.25 ? 121 LYS A CA  1 
ATOM   973  C C   . LYS A 1 121 ? 13.075  4.885   -9.752  1.00 15.53 ? 121 LYS A C   1 
ATOM   974  O O   . LYS A 1 121 ? 13.229  5.685   -10.687 1.00 15.65 ? 121 LYS A O   1 
ATOM   975  C CB  . LYS A 1 121 ? 10.917  3.679   -9.356  1.00 17.12 ? 121 LYS A CB  1 
ATOM   976  C CG  . LYS A 1 121 ? 10.049  2.451   -9.687  1.00 19.40 ? 121 LYS A CG  1 
ATOM   977  C CD  . LYS A 1 121 ? 9.614   2.323   -11.098 1.00 23.36 ? 121 LYS A CD  1 
ATOM   978  C CE  . LYS A 1 121 ? 10.544  2.145   -12.230 1.00 27.00 ? 121 LYS A CE  1 
ATOM   979  N NZ  . LYS A 1 121 ? 9.848   2.651   -13.518 1.00 28.66 ? 121 LYS A NZ  1 
ATOM   980  N N   . ILE A 1 122 ? 13.537  5.104   -8.514  1.00 13.86 ? 122 ILE A N   1 
ATOM   981  C CA  . ILE A 1 122 ? 14.312  6.362   -8.308  1.00 14.44 ? 122 ILE A CA  1 
ATOM   982  C C   . ILE A 1 122 ? 15.549  6.418   -9.208  1.00 14.98 ? 122 ILE A C   1 
ATOM   983  O O   . ILE A 1 122 ? 15.860  7.514   -9.752  1.00 15.65 ? 122 ILE A O   1 
ATOM   984  C CB  . ILE A 1 122 ? 14.650  6.463   -6.771  1.00 13.42 ? 122 ILE A CB  1 
ATOM   985  C CG1 . ILE A 1 122 ? 13.333  6.530   -5.969  1.00 13.18 ? 122 ILE A CG1 1 
ATOM   986  C CG2 . ILE A 1 122 ? 15.590  7.663   -6.470  1.00 13.62 ? 122 ILE A CG2 1 
ATOM   987  C CD1 . ILE A 1 122 ? 13.464  6.390   -4.417  1.00 13.75 ? 122 ILE A CD1 1 
ATOM   988  N N   . ALA A 1 123 ? 16.266  5.306   -9.283  1.00 14.90 ? 123 ALA A N   1 
ATOM   989  C CA  . ALA A 1 123 ? 17.519  5.321   -10.046 1.00 17.26 ? 123 ALA A CA  1 
ATOM   990  C C   . ALA A 1 123 ? 17.302  5.742   -11.482 1.00 18.52 ? 123 ALA A C   1 
ATOM   991  O O   . ALA A 1 123 ? 18.274  6.241   -12.173 1.00 19.74 ? 123 ALA A O   1 
ATOM   992  C CB  . ALA A 1 123 ? 18.161  3.939   -9.944  1.00 18.21 ? 123 ALA A CB  1 
ATOM   993  N N   . GLN A 1 124 ? 16.120  5.540   -11.991 1.00 18.40 ? 124 GLN A N   1 
ATOM   994  C CA  . GLN A 1 124 ? 15.791  5.883   -13.382 1.00 20.10 ? 124 GLN A CA  1 
ATOM   995  C C   . GLN A 1 124 ? 15.924  7.377   -13.664 1.00 19.02 ? 124 GLN A C   1 
ATOM   996  O O   . GLN A 1 124 ? 16.268  7.746   -14.793 1.00 20.24 ? 124 GLN A O   1 
ATOM   997  C CB  . GLN A 1 124 ? 14.364  5.346   -13.754 1.00 22.46 ? 124 GLN A CB  1 
ATOM   998  C CG  . GLN A 1 124 ? 14.623  3.821   -13.911 1.00 26.92 ? 124 GLN A CG  1 
ATOM   999  C CD  . GLN A 1 124 ? 13.463  3.115   -14.529 1.00 30.22 ? 124 GLN A CD  1 
ATOM   1000 O OE1 . GLN A 1 124 ? 12.853  2.288   -13.842 1.00 33.40 ? 124 GLN A OE1 1 
ATOM   1001 N NE2 . GLN A 1 124 ? 13.186  3.412   -15.806 1.00 31.71 ? 124 GLN A NE2 1 
ATOM   1002 N N   . ARG A 1 125 ? 15.497  8.179   -12.741 1.00 18.06 ? 125 ARG A N   1 
ATOM   1003 C CA  . ARG A 1 125 ? 15.558  9.676   -12.899 1.00 18.20 ? 125 ARG A CA  1 
ATOM   1004 C C   . ARG A 1 125 ? 15.359  10.240  -11.498 1.00 15.70 ? 125 ARG A C   1 
ATOM   1005 O O   . ARG A 1 125 ? 14.303  10.653  -11.016 1.00 14.81 ? 125 ARG A O   1 
ATOM   1006 C CB  . ARG A 1 125 ? 14.602  10.226  -13.948 1.00 22.45 ? 125 ARG A CB  1 
ATOM   1007 C CG  . ARG A 1 125 ? 14.772  11.779  -14.078 1.00 29.33 ? 125 ARG A CG  1 
ATOM   1008 C CD  . ARG A 1 125 ? 14.294  12.267  -15.397 1.00 34.51 ? 125 ARG A CD  1 
ATOM   1009 N NE  . ARG A 1 125 ? 14.585  13.602  -15.849 1.00 38.71 ? 125 ARG A NE  1 
ATOM   1010 C CZ  . ARG A 1 125 ? 15.664  14.383  -15.805 1.00 40.96 ? 125 ARG A CZ  1 
ATOM   1011 N NH1 . ARG A 1 125 ? 16.669  14.363  -14.910 1.00 41.96 ? 125 ARG A NH1 1 
ATOM   1012 N NH2 . ARG A 1 125 ? 15.783  15.456  -16.608 1.00 42.53 ? 125 ARG A NH2 1 
ATOM   1013 N N   . PRO A 1 126 ? 16.493  10.296  -10.805 1.00 14.80 ? 126 PRO A N   1 
ATOM   1014 C CA  . PRO A 1 126 ? 16.508  10.699  -9.390  1.00 15.42 ? 126 PRO A CA  1 
ATOM   1015 C C   . PRO A 1 126 ? 16.024  12.117  -9.193  1.00 14.55 ? 126 PRO A C   1 
ATOM   1016 O O   . PRO A 1 126 ? 15.539  12.397  -8.081  1.00 15.33 ? 126 PRO A O   1 
ATOM   1017 C CB  . PRO A 1 126 ? 17.905  10.447  -8.907  1.00 16.25 ? 126 PRO A CB  1 
ATOM   1018 C CG  . PRO A 1 126 ? 18.607  9.714   -9.988  1.00 16.88 ? 126 PRO A CG  1 
ATOM   1019 C CD  . PRO A 1 126 ? 17.813  9.842   -11.252 1.00 16.81 ? 126 PRO A CD  1 
ATOM   1020 N N   . THR A 1 127 ? 16.119  12.938  -10.259 1.00 14.45 ? 127 THR A N   1 
ATOM   1021 C CA  . THR A 1 127 ? 15.622  14.350  -10.053 1.00 15.31 ? 127 THR A CA  1 
ATOM   1022 C C   . THR A 1 127 ? 14.135  14.458  -9.882  1.00 15.63 ? 127 THR A C   1 
ATOM   1023 O O   . THR A 1 127 ? 13.583  15.507  -9.449  1.00 16.83 ? 127 THR A O   1 
ATOM   1024 C CB  . THR A 1 127 ? 16.158  15.310  -11.213 1.00 17.39 ? 127 THR A CB  1 
ATOM   1025 O OG1 . THR A 1 127 ? 15.627  14.868  -12.498 1.00 19.78 ? 127 THR A OG1 1 
ATOM   1026 C CG2 . THR A 1 127 ? 17.690  15.308  -11.179 1.00 16.92 ? 127 THR A CG2 1 
ATOM   1027 N N   . TRP A 1 128 ? 13.390  13.374  -10.244 1.00 15.53 ? 128 TRP A N   1 
ATOM   1028 C CA  . TRP A 1 128 ? 11.953  13.389  -10.098 1.00 15.12 ? 128 TRP A CA  1 
ATOM   1029 C C   . TRP A 1 128 ? 11.578  13.104  -8.625  1.00 14.68 ? 128 TRP A C   1 
ATOM   1030 O O   . TRP A 1 128 ? 10.381  13.116  -8.367  1.00 17.34 ? 128 TRP A O   1 
ATOM   1031 C CB  . TRP A 1 128 ? 11.230  12.374  -10.938 1.00 18.78 ? 128 TRP A CB  1 
ATOM   1032 C CG  . TRP A 1 128 ? 11.136  12.576  -12.396 1.00 20.96 ? 128 TRP A CG  1 
ATOM   1033 C CD1 . TRP A 1 128 ? 10.695  13.734  -13.004 1.00 22.43 ? 128 TRP A CD1 1 
ATOM   1034 C CD2 . TRP A 1 128 ? 10.958  11.553  -13.396 1.00 22.66 ? 128 TRP A CD2 1 
ATOM   1035 N NE1 . TRP A 1 128 ? 10.535  13.551  -14.349 1.00 23.27 ? 128 TRP A NE1 1 
ATOM   1036 C CE2 . TRP A 1 128 ? 10.636  12.196  -14.611 1.00 23.80 ? 128 TRP A CE2 1 
ATOM   1037 C CE3 . TRP A 1 128 ? 11.136  10.165  -13.362 1.00 23.62 ? 128 TRP A CE3 1 
ATOM   1038 C CZ2 . TRP A 1 128 ? 10.468  11.511  -15.811 1.00 23.14 ? 128 TRP A CZ2 1 
ATOM   1039 C CZ3 . TRP A 1 128 ? 10.978  9.481   -14.577 1.00 24.86 ? 128 TRP A CZ3 1 
ATOM   1040 C CH2 . TRP A 1 128 ? 10.682  10.127  -15.761 1.00 23.84 ? 128 TRP A CH2 1 
ATOM   1041 N N   . TYR A 1 129 ? 12.564  12.786  -7.790  1.00 11.49 ? 129 TYR A N   1 
ATOM   1042 C CA  . TYR A 1 129 ? 12.184  12.381  -6.422  1.00 10.00 ? 129 TYR A CA  1 
ATOM   1043 C C   . TYR A 1 129 ? 12.787  13.335  -5.387  1.00 9.88  ? 129 TYR A C   1 
ATOM   1044 O O   . TYR A 1 129 ? 13.958  13.723  -5.498  1.00 11.48 ? 129 TYR A O   1 
ATOM   1045 C CB  . TYR A 1 129 ? 12.584  10.879  -6.076  1.00 11.09 ? 129 TYR A CB  1 
ATOM   1046 C CG  . TYR A 1 129 ? 11.873  9.939   -7.069  1.00 10.42 ? 129 TYR A CG  1 
ATOM   1047 C CD1 . TYR A 1 129 ? 12.419  9.668   -8.325  1.00 8.28  ? 129 TYR A CD1 1 
ATOM   1048 C CD2 . TYR A 1 129 ? 10.626  9.356   -6.788  1.00 11.34 ? 129 TYR A CD2 1 
ATOM   1049 C CE1 . TYR A 1 129 ? 11.828  8.875   -9.299  1.00 10.04 ? 129 TYR A CE1 1 
ATOM   1050 C CE2 . TYR A 1 129 ? 9.994   8.545   -7.742  1.00 11.77 ? 129 TYR A CE2 1 
ATOM   1051 C CZ  . TYR A 1 129 ? 10.579  8.322   -8.957  1.00 11.32 ? 129 TYR A CZ  1 
ATOM   1052 O OH  . TYR A 1 129 ? 9.932   7.514   -9.860  1.00 13.91 ? 129 TYR A OH  1 
ATOM   1053 N N   . LYS A 1 130 ? 12.024  13.507  -4.344  1.00 9.76  ? 130 LYS A N   1 
ATOM   1054 C CA  . LYS A 1 130 ? 12.398  14.340  -3.206  1.00 9.59  ? 130 LYS A CA  1 
ATOM   1055 C C   . LYS A 1 130 ? 11.986  13.697  -1.876  1.00 9.68  ? 130 LYS A C   1 
ATOM   1056 O O   . LYS A 1 130 ? 11.149  12.791  -1.815  1.00 9.69  ? 130 LYS A O   1 
ATOM   1057 C CB  . LYS A 1 130 ? 11.702  15.738  -3.251  1.00 11.10 ? 130 LYS A CB  1 
ATOM   1058 C CG  . LYS A 1 130 ? 11.801  16.483  -4.561  1.00 14.43 ? 130 LYS A CG  1 
ATOM   1059 C CD  . LYS A 1 130 ? 13.184  16.916  -4.920  1.00 16.93 ? 130 LYS A CD  1 
ATOM   1060 C CE  . LYS A 1 130 ? 13.310  17.549  -6.314  1.00 18.08 ? 130 LYS A CE  1 
ATOM   1061 N NZ  . LYS A 1 130 ? 12.494  18.776  -6.392  1.00 18.20 ? 130 LYS A NZ  1 
ATOM   1062 N N   . TYR A 1 131 ? 12.647  14.105  -0.813  1.00 9.36  ? 131 TYR A N   1 
ATOM   1063 C CA  . TYR A 1 131 ? 12.422  13.650  0.558   1.00 10.05 ? 131 TYR A CA  1 
ATOM   1064 C C   . TYR A 1 131 ? 12.298  14.910  1.448   1.00 10.29 ? 131 TYR A C   1 
ATOM   1065 O O   . TYR A 1 131 ? 13.290  15.617  1.625   1.00 10.43 ? 131 TYR A O   1 
ATOM   1066 C CB  . TYR A 1 131 ? 13.524  12.710  0.957   1.00 9.83  ? 131 TYR A CB  1 
ATOM   1067 C CG  . TYR A 1 131 ? 13.252  12.161  2.371   1.00 9.71  ? 131 TYR A CG  1 
ATOM   1068 C CD1 . TYR A 1 131 ? 12.289  11.152  2.534   1.00 9.33  ? 131 TYR A CD1 1 
ATOM   1069 C CD2 . TYR A 1 131 ? 14.019  12.530  3.469   1.00 10.22 ? 131 TYR A CD2 1 
ATOM   1070 C CE1 . TYR A 1 131 ? 12.018  10.635  3.777   1.00 13.42 ? 131 TYR A CE1 1 
ATOM   1071 C CE2 . TYR A 1 131 ? 13.764  11.953  4.721   1.00 12.55 ? 131 TYR A CE2 1 
ATOM   1072 C CZ  . TYR A 1 131 ? 12.767  10.982  4.886   1.00 14.44 ? 131 TYR A CZ  1 
ATOM   1073 O OH  . TYR A 1 131 ? 12.545  10.380  6.089   1.00 16.44 ? 131 TYR A OH  1 
ATOM   1074 N N   . TYR A 1 132 ? 11.055  15.111  1.874   1.00 10.88 ? 132 TYR A N   1 
ATOM   1075 C CA  . TYR A 1 132 ? 10.746  16.342  2.625   1.00 10.41 ? 132 TYR A CA  1 
ATOM   1076 C C   . TYR A 1 132 ? 11.117  17.504  1.679   1.00 10.76 ? 132 TYR A C   1 
ATOM   1077 O O   . TYR A 1 132 ? 11.694  18.532  2.145   1.00 13.31 ? 132 TYR A O   1 
ATOM   1078 C CB  . TYR A 1 132 ? 11.448  16.463  3.941   1.00 12.01 ? 132 TYR A CB  1 
ATOM   1079 C CG  . TYR A 1 132 ? 10.950  15.668  5.138   1.00 13.20 ? 132 TYR A CG  1 
ATOM   1080 C CD1 . TYR A 1 132 ? 11.070  14.277  5.135   1.00 13.26 ? 132 TYR A CD1 1 
ATOM   1081 C CD2 . TYR A 1 132 ? 10.291  16.278  6.226   1.00 11.33 ? 132 TYR A CD2 1 
ATOM   1082 C CE1 . TYR A 1 132 ? 10.615  13.556  6.242   1.00 12.92 ? 132 TYR A CE1 1 
ATOM   1083 C CE2 . TYR A 1 132 ? 9.878   15.581  7.335   1.00 11.91 ? 132 TYR A CE2 1 
ATOM   1084 C CZ  . TYR A 1 132 ? 10.033  14.156  7.315   1.00 13.15 ? 132 TYR A CZ  1 
ATOM   1085 O OH  . TYR A 1 132 ? 9.677   13.398  8.416   1.00 15.12 ? 132 TYR A OH  1 
ATOM   1086 N N   . GLY A 1 133 ? 10.837  17.335  0.411   1.00 10.42 ? 133 GLY A N   1 
ATOM   1087 C CA  . GLY A 1 133 ? 11.104  18.415  -0.570  1.00 10.16 ? 133 GLY A CA  1 
ATOM   1088 C C   . GLY A 1 133 ? 12.584  18.547  -0.875  1.00 11.69 ? 133 GLY A C   1 
ATOM   1089 O O   . GLY A 1 133 ? 12.908  19.556  -1.650  1.00 12.84 ? 133 GLY A O   1 
ATOM   1090 N N   . LYS A 1 134 ? 13.482  17.761  -0.357  1.00 10.60 ? 134 LYS A N   1 
ATOM   1091 C CA  . LYS A 1 134 ? 14.914  17.934  -0.645  1.00 13.41 ? 134 LYS A CA  1 
ATOM   1092 C C   . LYS A 1 134 ? 15.335  16.938  -1.729  1.00 12.48 ? 134 LYS A C   1 
ATOM   1093 O O   . LYS A 1 134 ? 14.909  15.800  -1.718  1.00 11.56 ? 134 LYS A O   1 
ATOM   1094 C CB  . LYS A 1 134 ? 15.816  17.805  0.559   1.00 17.60 ? 134 LYS A CB  1 
ATOM   1095 C CG  . LYS A 1 134 ? 15.728  18.825  1.688   1.00 23.26 ? 134 LYS A CG  1 
ATOM   1096 C CD  . LYS A 1 134 ? 14.581  18.658  2.620   1.00 28.66 ? 134 LYS A CD  1 
ATOM   1097 C CE  . LYS A 1 134 ? 14.633  19.545  3.871   1.00 30.65 ? 134 LYS A CE  1 
ATOM   1098 N NZ  . LYS A 1 134 ? 13.370  19.393  4.654   1.00 31.52 ? 134 LYS A NZ  1 
ATOM   1099 N N   . ALA A 1 135 ? 16.169  17.380  -2.676  1.00 12.99 ? 135 ALA A N   1 
ATOM   1100 C CA  . ALA A 1 135 ? 16.631  16.505  -3.742  1.00 13.16 ? 135 ALA A CA  1 
ATOM   1101 C C   . ALA A 1 135 ? 17.797  15.683  -3.240  1.00 14.79 ? 135 ALA A C   1 
ATOM   1102 O O   . ALA A 1 135 ? 18.985  16.009  -3.545  1.00 16.60 ? 135 ALA A O   1 
ATOM   1103 C CB  . ALA A 1 135 ? 17.079  17.383  -4.949  1.00 15.21 ? 135 ALA A CB  1 
ATOM   1104 N N   . ILE A 1 136 ? 17.585  14.617  -2.473  1.00 13.58 ? 136 ILE A N   1 
ATOM   1105 C CA  . ILE A 1 136 ? 18.718  13.846  -1.942  1.00 13.86 ? 136 ILE A CA  1 
ATOM   1106 C C   . ILE A 1 136 ? 19.110  12.624  -2.747  1.00 14.22 ? 136 ILE A C   1 
ATOM   1107 O O   . ILE A 1 136 ? 20.001  11.835  -2.343  1.00 15.22 ? 136 ILE A O   1 
ATOM   1108 C CB  . ILE A 1 136 ? 18.361  13.391  -0.451  1.00 15.34 ? 136 ILE A CB  1 
ATOM   1109 C CG1 . ILE A 1 136 ? 17.105  12.496  -0.525  1.00 16.85 ? 136 ILE A CG1 1 
ATOM   1110 C CG2 . ILE A 1 136 ? 18.253  14.623  0.477   1.00 15.30 ? 136 ILE A CG2 1 
ATOM   1111 C CD1 . ILE A 1 136 ? 16.846  11.616  0.757   1.00 18.64 ? 136 ILE A CD1 1 
ATOM   1112 N N   . TYR A 1 137 ? 18.371  12.418  -3.837  1.00 13.56 ? 137 TYR A N   1 
ATOM   1113 C CA  . TYR A 1 137 ? 18.562  11.272  -4.692  1.00 14.76 ? 137 TYR A CA  1 
ATOM   1114 C C   . TYR A 1 137 ? 19.437  11.738  -5.872  1.00 18.11 ? 137 TYR A C   1 
ATOM   1115 O O   . TYR A 1 137 ? 19.137  12.786  -6.471  1.00 20.16 ? 137 TYR A O   1 
ATOM   1116 C CB  . TYR A 1 137 ? 17.233  10.608  -5.121  1.00 11.44 ? 137 TYR A CB  1 
ATOM   1117 C CG  . TYR A 1 137 ? 16.327  10.263  -3.944  1.00 11.73 ? 137 TYR A CG  1 
ATOM   1118 C CD1 . TYR A 1 137 ? 16.474  9.097   -3.175  1.00 12.67 ? 137 TYR A CD1 1 
ATOM   1119 C CD2 . TYR A 1 137 ? 15.233  11.114  -3.651  1.00 10.82 ? 137 TYR A CD2 1 
ATOM   1120 C CE1 . TYR A 1 137 ? 15.598  8.822   -2.115  1.00 13.75 ? 137 TYR A CE1 1 
ATOM   1121 C CE2 . TYR A 1 137 ? 14.359  10.826  -2.614  1.00 12.26 ? 137 TYR A CE2 1 
ATOM   1122 C CZ  . TYR A 1 137 ? 14.538  9.672   -1.846  1.00 11.63 ? 137 TYR A CZ  1 
ATOM   1123 O OH  . TYR A 1 137 ? 13.657  9.449   -0.806  1.00 13.27 ? 137 TYR A OH  1 
ATOM   1124 N N   . ALA A 1 138 ? 20.418  10.931  -6.210  1.00 22.89 ? 138 ALA A N   1 
ATOM   1125 C CA  . ALA A 1 138 ? 21.272  11.367  -7.394  1.00 26.18 ? 138 ALA A CA  1 
ATOM   1126 C C   . ALA A 1 138 ? 21.616  10.136  -8.210  1.00 28.54 ? 138 ALA A C   1 
ATOM   1127 O O   . ALA A 1 138 ? 21.496  9.013   -7.676  1.00 29.99 ? 138 ALA A O   1 
ATOM   1128 C CB  . ALA A 1 138 ? 22.450  12.209  -6.961  1.00 26.91 ? 138 ALA A CB  1 
ATOM   1129 O OXT . ALA A 1 138 ? 21.948  10.357  -9.423  1.00 31.91 ? 138 ALA A OXT 1 
HETATM 1130 O O   . HOH B 2 .   ? 7.485   -1.492  -3.928  1.00 19.13 ? 139 HOH A O   1 
HETATM 1131 O O   . HOH B 2 .   ? 1.703   3.142   -4.650  1.00 11.36 ? 140 HOH A O   1 
HETATM 1132 O O   . HOH B 2 .   ? 10.706  4.742   -16.745 1.00 36.57 ? 141 HOH A O   1 
HETATM 1133 O O   . HOH B 2 .   ? -2.038  -13.138 -5.507  1.00 12.42 ? 142 HOH A O   1 
HETATM 1134 O O   . HOH B 2 .   ? -16.611 -9.478  -9.106  1.00 27.10 ? 143 HOH A O   1 
HETATM 1135 O O   . HOH B 2 .   ? 9.891   10.719  8.170   1.00 17.52 ? 144 HOH A O   1 
HETATM 1136 O O   . HOH B 2 .   ? 8.307   -2.310  6.946   1.00 21.05 ? 145 HOH A O   1 
HETATM 1137 O O   . HOH B 2 .   ? 5.982   -0.955  8.152   1.00 26.64 ? 146 HOH A O   1 
HETATM 1138 O O   . HOH B 2 .   ? 0.388   -2.433  8.375   1.00 24.53 ? 147 HOH A O   1 
HETATM 1139 O O   . HOH B 2 .   ? -11.199 0.602   -6.197  1.00 24.72 ? 148 HOH A O   1 
HETATM 1140 O O   . HOH B 2 .   ? 2.389   15.755  11.704  1.00 41.83 ? 149 HOH A O   1 
HETATM 1141 O O   . HOH B 2 .   ? 1.990   12.992  11.910  1.00 26.65 ? 150 HOH A O   1 
HETATM 1142 O O   . HOH B 2 .   ? -3.223  8.609   11.106  1.00 20.60 ? 151 HOH A O   1 
HETATM 1143 O O   . HOH B 2 .   ? 9.834   20.391  5.188   1.00 33.68 ? 152 HOH A O   1 
HETATM 1144 O O   . HOH B 2 .   ? 16.320  -4.692  -1.611  1.00 26.59 ? 153 HOH A O   1 
HETATM 1145 O O   . HOH B 2 .   ? 0.513   -16.338 -8.300  1.00 58.56 ? 154 HOH A O   1 
HETATM 1146 O O   . HOH B 2 .   ? -7.337  -9.512  11.608  1.00 30.20 ? 155 HOH A O   1 
HETATM 1147 O O   . HOH B 2 .   ? -1.021  -15.178 1.162   1.00 15.69 ? 156 HOH A O   1 
HETATM 1148 O O   . HOH B 2 .   ? 7.949   -12.745 -1.009  1.00 26.93 ? 157 HOH A O   1 
HETATM 1149 O O   . HOH B 2 .   ? -7.733  -14.365 -8.594  1.00 21.08 ? 158 HOH A O   1 
HETATM 1150 O O   . HOH B 2 .   ? 14.154  -5.006  6.647   1.00 29.91 ? 159 HOH A O   1 
HETATM 1151 O O   . HOH B 2 .   ? 4.996   -12.745 2.199   1.00 22.81 ? 160 HOH A O   1 
HETATM 1152 O O   . HOH B 2 .   ? 4.247   4.091   -4.016  1.00 11.93 ? 161 HOH A O   1 
HETATM 1153 O O   . HOH B 2 .   ? 13.597  6.747   -0.065  1.00 20.34 ? 162 HOH A O   1 
HETATM 1154 O O   . HOH B 2 .   ? 5.979   -0.696  -9.971  1.00 19.04 ? 163 HOH A O   1 
HETATM 1155 O O   . HOH B 2 .   ? 12.076  -0.095  5.395   1.00 21.45 ? 164 HOH A O   1 
HETATM 1156 O O   . HOH B 2 .   ? 17.049  1.663   -12.567 1.00 27.33 ? 165 HOH A O   1 
HETATM 1157 O O   . HOH B 2 .   ? 1.677   -12.994 8.294   1.00 20.31 ? 166 HOH A O   1 
HETATM 1158 O O   . HOH B 2 .   ? 7.831   -10.258 -7.327  1.00 28.75 ? 167 HOH A O   1 
HETATM 1159 O O   . HOH B 2 .   ? 3.004   10.606  -6.259  1.00 23.60 ? 168 HOH A O   1 
HETATM 1160 O O   . HOH B 2 .   ? -6.425  13.974  -0.199  1.00 34.36 ? 169 HOH A O   1 
HETATM 1161 O O   . HOH B 2 .   ? -7.868  7.212   -4.127  1.00 37.21 ? 170 HOH A O   1 
HETATM 1162 O O   . HOH B 2 .   ? -20.380 -11.981 -1.268  1.00 33.71 ? 171 HOH A O   1 
HETATM 1163 O O   . HOH B 2 .   ? -0.613  18.884  9.495   1.00 36.94 ? 172 HOH A O   1 
HETATM 1164 O O   . HOH B 2 .   ? -1.827  -6.496  -9.443  1.00 28.98 ? 173 HOH A O   1 
HETATM 1165 O O   . HOH B 2 .   ? 14.231  8.116   6.308   1.00 21.77 ? 174 HOH A O   1 
HETATM 1166 O O   . HOH B 2 .   ? 20.100  13.968  -8.763  1.00 38.73 ? 175 HOH A O   1 
HETATM 1167 O O   . HOH B 2 .   ? 14.605  -10.915 -1.260  1.00 29.47 ? 176 HOH A O   1 
HETATM 1168 O O   . HOH B 2 .   ? -1.155  1.876   12.307  1.00 20.10 ? 177 HOH A O   1 
HETATM 1169 O O   . HOH B 2 .   ? -3.033  -14.374 4.238   1.00 26.45 ? 178 HOH A O   1 
HETATM 1170 O O   . HOH B 2 .   ? 11.219  6.419   -12.424 1.00 21.66 ? 179 HOH A O   1 
HETATM 1171 O O   . HOH B 2 .   ? 13.500  -1.451  3.390   1.00 21.94 ? 180 HOH A O   1 
HETATM 1172 O O   . HOH B 2 .   ? -8.402  -4.804  -7.609  1.00 25.89 ? 182 HOH A O   1 
HETATM 1173 O O   . HOH B 2 .   ? -12.685 -14.929 10.271  1.00 46.11 ? 183 HOH A O   1 
HETATM 1174 O O   . HOH B 2 .   ? -0.073  -5.001  10.543  1.00 28.38 ? 184 HOH A O   1 
HETATM 1175 O O   . HOH B 2 .   ? 6.676   -12.391 3.924   1.00 29.03 ? 185 HOH A O   1 
HETATM 1176 O O   . HOH B 2 .   ? -12.775 -0.560  10.253  1.00 24.89 ? 186 HOH A O   1 
HETATM 1177 O O   . HOH B 2 .   ? 10.975  -2.646  7.641   1.00 26.96 ? 187 HOH A O   1 
HETATM 1178 O O   . HOH B 2 .   ? 10.731  5.561   -1.833  1.00 10.99 ? 188 HOH A O   1 
HETATM 1179 O O   . HOH B 2 .   ? -8.187  -17.738 -1.521  1.00 29.60 ? 189 HOH A O   1 
HETATM 1180 O O   . HOH B 2 .   ? 10.231  15.027  -16.364 1.00 31.80 ? 190 HOH A O   1 
HETATM 1181 O O   . HOH B 2 .   ? -16.296 -13.872 6.644   1.00 24.04 ? 191 HOH A O   1 
HETATM 1182 O O   . HOH B 2 .   ? 13.151  2.103   3.139   1.00 32.46 ? 192 HOH A O   1 
HETATM 1183 O O   . HOH B 2 .   ? 21.592  12.171  -10.925 1.00 40.05 ? 193 HOH A O   1 
HETATM 1184 O O   . HOH B 2 .   ? 14.692  -6.151  4.178   1.00 22.03 ? 194 HOH A O   1 
HETATM 1185 O O   . HOH B 2 .   ? 17.153  20.266  -2.271  1.00 24.17 ? 195 HOH A O   1 
HETATM 1186 O O   . HOH B 2 .   ? 16.709  14.041  -5.671  1.00 15.04 ? 196 HOH A O   1 
HETATM 1187 O O   . HOH B 2 .   ? 3.222   -1.383  7.101   1.00 25.34 ? 198 HOH A O   1 
HETATM 1188 O O   . HOH B 2 .   ? 7.585   4.310   9.551   1.00 30.33 ? 199 HOH A O   1 
HETATM 1189 O O   . HOH B 2 .   ? 5.234   -3.547  6.131   1.00 24.64 ? 200 HOH A O   1 
HETATM 1190 O O   . HOH B 2 .   ? 9.908   1.930   -16.715 1.00 49.73 ? 201 HOH A O   1 
HETATM 1191 O O   . HOH B 2 .   ? 5.612   1.897   8.148   1.00 18.65 ? 202 HOH A O   1 
HETATM 1192 O O   . HOH B 2 .   ? -11.660 3.054   -1.209  1.00 26.19 ? 203 HOH A O   1 
HETATM 1193 O O   . HOH B 2 .   ? -7.516  -2.472  -6.670  1.00 35.55 ? 204 HOH A O   1 
HETATM 1194 O O   . HOH B 2 .   ? 21.437  11.443  0.418   1.00 24.91 ? 205 HOH A O   1 
HETATM 1195 O O   . HOH B 2 .   ? 16.039  5.210   -0.234  1.00 37.31 ? 206 HOH A O   1 
HETATM 1196 O O   . HOH B 2 .   ? 14.712  -4.055  2.384   1.00 20.96 ? 207 HOH A O   1 
HETATM 1197 O O   . HOH B 2 .   ? 10.303  3.083   2.535   1.00 21.36 ? 208 HOH A O   1 
HETATM 1198 O O   . HOH B 2 .   ? -20.126 -4.648  -1.056  1.00 28.37 ? 209 HOH A O   1 
HETATM 1199 O O   . HOH B 2 .   ? 14.683  22.162  -1.022  1.00 23.92 ? 210 HOH A O   1 
HETATM 1200 O O   . HOH B 2 .   ? 17.999  4.060   -6.066  1.00 26.32 ? 211 HOH A O   1 
HETATM 1201 O O   . HOH B 2 .   ? -6.545  8.319   -0.509  1.00 24.55 ? 212 HOH A O   1 
HETATM 1202 O O   . HOH B 2 .   ? 2.442   -6.350  10.225  1.00 37.58 ? 213 HOH A O   1 
HETATM 1203 O O   . HOH B 2 .   ? 14.312  -16.067 8.582   1.00 24.44 ? 214 HOH A O   1 
HETATM 1204 O O   . HOH B 2 .   ? 8.247   16.741  -2.655  1.00 22.59 ? 215 HOH A O   1 
HETATM 1205 O O   . HOH B 2 .   ? 3.826   8.001   10.174  1.00 40.41 ? 217 HOH A O   1 
HETATM 1206 O O   . HOH B 2 .   ? 9.115   15.099  -10.250 1.00 44.89 ? 218 HOH A O   1 
HETATM 1207 O O   . HOH B 2 .   ? -4.430  3.168   -8.998  1.00 34.45 ? 219 HOH A O   1 
HETATM 1208 O O   . HOH B 2 .   ? 14.189  5.340   9.259   1.00 35.40 ? 220 HOH A O   1 
HETATM 1209 O O   . HOH B 2 .   ? -14.940 5.361   5.783   1.00 42.10 ? 221 HOH A O   1 
HETATM 1210 O O   . HOH B 2 .   ? -10.981 7.999   4.366   1.00 35.64 ? 223 HOH A O   1 
HETATM 1211 O O   . HOH B 2 .   ? 5.889   20.734  3.922   1.00 36.56 ? 226 HOH A O   1 
HETATM 1212 O O   . HOH B 2 .   ? -8.196  10.015  -6.018  1.00 38.63 ? 227 HOH A O   1 
HETATM 1213 O O   . HOH B 2 .   ? -18.538 -11.993 0.302   1.00 35.64 ? 228 HOH A O   1 
HETATM 1214 O O   . HOH B 2 .   ? -7.361  -3.349  1.858   1.00 38.92 ? 229 HOH A O   1 
HETATM 1215 O O   . HOH B 2 .   ? -13.702 -5.154  -8.025  1.00 26.36 ? 230 HOH A O   1 
HETATM 1216 O O   . HOH B 2 .   ? 13.387  11.628  8.521   1.00 44.18 ? 231 HOH A O   1 
HETATM 1217 O O   . HOH B 2 .   ? -14.740 -6.346  -10.543 1.00 45.49 ? 232 HOH A O   1 
HETATM 1218 O O   . HOH B 2 .   ? -8.125  -13.008 6.125   1.00 29.09 ? 233 HOH A O   1 
HETATM 1219 O O   . HOH B 2 .   ? -9.622  -15.692 5.107   1.00 21.98 ? 234 HOH A O   1 
HETATM 1220 O O   . HOH B 2 .   ? -14.402 -18.042 1.030   1.00 23.69 ? 235 HOH A O   1 
HETATM 1221 O O   . HOH B 2 .   ? -2.599  6.143   -9.733  1.00 51.51 ? 236 HOH A O   1 
HETATM 1222 O O   . HOH B 2 .   ? -4.309  -12.588 6.377   1.00 30.80 ? 237 HOH A O   1 
HETATM 1223 O O   . HOH B 2 .   ? -1.145  7.753   -7.301  1.00 35.19 ? 238 HOH A O   1 
HETATM 1224 O O   . HOH B 2 .   ? 1.587   5.505   -8.968  1.00 47.44 ? 239 HOH A O   1 
HETATM 1225 O O   . HOH B 2 .   ? 2.163   2.520   -8.289  1.00 26.91 ? 240 HOH A O   1 
HETATM 1226 O O   . HOH B 2 .   ? 11.824  3.521   0.395   1.00 42.51 ? 241 HOH A O   1 
HETATM 1227 O O   . HOH B 2 .   ? 5.796   -3.264  -3.185  1.00 18.73 ? 243 HOH A O   1 
HETATM 1228 O O   . HOH B 2 .   ? 15.688  0.795   6.123   1.00 42.99 ? 244 HOH A O   1 
HETATM 1229 O O   . HOH B 2 .   ? 17.252  5.196   -3.076  1.00 43.65 ? 245 HOH A O   1 
HETATM 1230 O O   . HOH B 2 .   ? 1.063   -14.316 -9.708  1.00 38.73 ? 246 HOH A O   1 
HETATM 1231 O O   . HOH B 2 .   ? 0.280   -18.399 -10.620 1.00 37.39 ? 247 HOH A O   1 
HETATM 1232 O O   . HOH B 2 .   ? -9.884  -3.404  13.221  1.00 36.88 ? 248 HOH A O   1 
HETATM 1233 O O   . HOH B 2 .   ? -10.435 -5.088  10.248  1.00 29.73 ? 250 HOH A O   1 
HETATM 1234 O O   . HOH B 2 .   ? -6.559  10.797  -2.300  1.00 35.09 ? 251 HOH A O   1 
HETATM 1235 O O   . HOH B 2 .   ? 8.307   18.326  3.476   1.00 29.90 ? 253 HOH A O   1 
HETATM 1236 O O   . HOH B 2 .   ? -9.824  -13.050 8.728   1.00 33.42 ? 255 HOH A O   1 
HETATM 1237 O O   . HOH B 2 .   ? -18.953 -16.954 -4.251  1.00 28.16 ? 256 HOH A O   1 
HETATM 1238 O O   . HOH B 2 .   ? 8.274   17.404  -5.279  1.00 39.08 ? 257 HOH A O   1 
HETATM 1239 O O   . HOH B 2 .   ? 14.401  20.107  -3.994  1.00 29.13 ? 258 HOH A O   1 
HETATM 1240 O O   . HOH B 2 .   ? -18.108 -13.492 -11.659 1.00 47.60 ? 259 HOH A O   1 
HETATM 1241 O O   . HOH B 2 .   ? 12.936  18.111  -10.140 1.00 52.20 ? 260 HOH A O   1 
HETATM 1242 O O   . HOH B 2 .   ? -3.858  -16.367 2.066   1.00 32.82 ? 261 HOH A O   1 
HETATM 1243 O O   . HOH B 2 .   ? 0.963   0.442   -10.149 1.00 54.60 ? 262 HOH A O   1 
HETATM 1244 O O   . HOH B 2 .   ? -5.654  -18.774 -2.840  1.00 22.30 ? 263 HOH A O   1 
HETATM 1245 O O   . HOH B 2 .   ? 8.559   8.868   -11.859 1.00 20.03 ? 264 HOH A O   1 
HETATM 1246 O O   . HOH B 2 .   ? -2.211  -2.481  -10.670 1.00 31.46 ? 265 HOH A O   1 
HETATM 1247 O O   . HOH B 2 .   ? 9.769   -13.887 2.656   1.00 33.53 ? 266 HOH A O   1 
HETATM 1248 O O   . HOH B 2 .   ? 3.876   -11.799 -10.314 1.00 25.05 ? 267 HOH A O   1 
HETATM 1249 O O   . HOH B 2 .   ? 12.009  -6.173  -6.625  1.00 29.19 ? 268 HOH A O   1 
HETATM 1250 O O   . HOH B 2 .   ? -17.139 -19.930 -4.412  1.00 30.92 ? 269 HOH A O   1 
HETATM 1251 O O   . HOH B 2 .   ? 16.765  -1.945  -6.887  1.00 27.43 ? 271 HOH A O   1 
HETATM 1252 O O   . HOH B 2 .   ? 21.050  6.838   -10.820 1.00 45.35 ? 272 HOH A O   1 
HETATM 1253 O O   . HOH B 2 .   ? -7.417  7.320   -10.795 1.00 45.97 ? 273 HOH A O   1 
HETATM 1254 O O   . HOH B 2 .   ? 0.341   18.839  7.534   1.00 26.69 ? 274 HOH A O   1 
HETATM 1255 O O   . HOH B 2 .   ? -17.832 -11.182 8.667   1.00 46.98 ? 276 HOH A O   1 
HETATM 1256 O O   . HOH B 2 .   ? -19.137 -4.942  1.842   1.00 39.83 ? 277 HOH A O   1 
HETATM 1257 O O   . HOH B 2 .   ? -7.913  8.156   1.415   1.00 37.16 ? 278 HOH A O   1 
HETATM 1258 O O   . HOH B 2 .   ? -7.803  3.972   5.471   1.00 27.88 ? 279 HOH A O   1 
HETATM 1259 O O   . HOH B 2 .   ? -11.214 -14.935 12.936  1.00 39.75 ? 280 HOH A O   1 
HETATM 1260 O O   . HOH B 2 .   ? -8.181  -12.234 11.132  1.00 55.10 ? 281 HOH A O   1 
HETATM 1261 O O   . HOH B 2 .   ? 0.329   -4.366  13.310  1.00 55.47 ? 282 HOH A O   1 
HETATM 1262 O O   . HOH B 2 .   ? 1.436   -0.897  10.105  1.00 47.33 ? 283 HOH A O   1 
HETATM 1263 O O   . HOH B 2 .   ? 15.497  16.144  3.517   1.00 37.47 ? 286 HOH A O   1 
HETATM 1264 O O   . HOH B 2 .   ? 5.081   8.637   -7.884  1.00 38.00 ? 287 HOH A O   1 
HETATM 1265 O O   . HOH B 2 .   ? 15.618  16.289  -7.622  1.00 33.35 ? 288 HOH A O   1 
HETATM 1266 O O   . HOH B 2 .   ? 10.154  -7.996  8.961   1.00 26.76 ? 289 HOH A O   1 
HETATM 1267 O O   . HOH B 2 .   ? 3.180   -4.600  -8.904  1.00 37.04 ? 290 HOH A O   1 
HETATM 1268 O O   . HOH B 2 .   ? 17.503  -2.451  -2.343  1.00 32.06 ? 291 HOH A O   1 
HETATM 1269 O O   . HOH B 2 .   ? -10.799 2.218   10.318  1.00 37.63 ? 294 HOH A O   1 
HETATM 1270 O O   . HOH B 2 .   ? -9.033  9.293   -1.648  1.00 46.93 ? 295 HOH A O   1 
HETATM 1271 O O   . HOH B 2 .   ? -14.265 -19.893 -7.451  1.00 40.19 ? 298 HOH A O   1 
HETATM 1272 O O   . HOH B 2 .   ? 19.105  7.391   -3.793  1.00 34.69 ? 301 HOH A O   1 
HETATM 1273 O O   . HOH B 2 .   ? 19.134  2.478   -1.886  1.00 42.06 ? 302 HOH A O   1 
HETATM 1274 O O   . HOH B 2 .   ? 5.230   -4.657  8.534   1.00 36.29 ? 303 HOH A O   1 
HETATM 1275 O O   . HOH B 2 .   ? 18.870  0.379   -7.156  1.00 37.55 ? 304 HOH A O   1 
HETATM 1276 O O   . HOH B 2 .   ? 0.953   21.774  2.566   1.00 44.28 ? 306 HOH A O   1 
HETATM 1277 O O   . HOH B 2 .   ? -20.914 -6.287  3.155   1.00 52.22 ? 307 HOH A O   1 
HETATM 1278 O O   . HOH B 2 .   ? 0.515   19.727  -0.178  1.00 42.33 ? 308 HOH A O   1 
HETATM 1279 O O   . HOH B 2 .   ? -22.589 -16.230 -4.397  1.00 45.65 ? 309 HOH A O   1 
HETATM 1280 O O   . HOH B 2 .   ? 16.810  18.347  5.762   1.00 47.70 ? 310 HOH A O   1 
HETATM 1281 O O   . HOH B 2 .   ? -13.119 -21.981 -5.538  1.00 47.91 ? 312 HOH A O   1 
HETATM 1282 O O   . HOH B 2 .   ? 1.240   -17.566 4.023   1.00 54.70 ? 313 HOH A O   1 
HETATM 1283 O O   . HOH B 2 .   ? 17.780  -9.096  6.579   1.00 43.98 ? 314 HOH A O   1 
HETATM 1284 O O   . HOH B 2 .   ? 8.216   -12.731 -5.157  1.00 42.77 ? 315 HOH A O   1 
HETATM 1285 O O   . HOH B 2 .   ? -5.907  8.561   10.598  1.00 44.25 ? 319 HOH A O   1 
HETATM 1286 O O   . HOH B 2 .   ? -12.261 -2.867  11.338  1.00 39.24 ? 322 HOH A O   1 
HETATM 1287 O O   . HOH B 2 .   ? -5.882  0.842   14.848  1.00 55.67 ? 323 HOH A O   1 
HETATM 1288 O O   . HOH B 2 .   ? -7.353  7.540   3.680   1.00 38.07 ? 324 HOH A O   1 
HETATM 1289 O O   . HOH B 2 .   ? -9.920  5.962   1.578   1.00 39.07 ? 326 HOH A O   1 
HETATM 1290 O O   . HOH B 2 .   ? -9.665  7.244   -7.950  1.00 42.05 ? 330 HOH A O   1 
HETATM 1291 O O   . HOH B 2 .   ? -15.688 3.180   3.904   1.00 45.67 ? 331 HOH A O   1 
HETATM 1292 O O   . HOH B 2 .   ? -3.534  8.589   -8.610  1.00 45.42 ? 335 HOH A O   1 
HETATM 1293 O O   . HOH B 2 .   ? -1.278  -12.955 6.692   1.00 46.89 ? 340 HOH A O   1 
HETATM 1294 O O   . HOH B 2 .   ? 14.681  4.279   1.963   1.00 43.81 ? 341 HOH A O   1 
HETATM 1295 O O   . HOH B 2 .   ? 21.555  17.490  -4.160  1.00 65.82 ? 342 HOH A O   1 
HETATM 1296 O O   . HOH B 2 .   ? -2.838  -8.473  -10.411 1.00 37.40 ? 344 HOH A O   1 
HETATM 1297 O O   . HOH B 2 .   ? 3.352   -14.802 2.937   1.00 39.21 ? 347 HOH A O   1 
HETATM 1298 O O   . HOH B 2 .   ? -1.550  -14.956 -8.223  1.00 39.14 ? 349 HOH A O   1 
HETATM 1299 O O   . HOH B 2 .   ? 17.921  12.633  -13.159 1.00 36.52 ? 350 HOH A O   1 
HETATM 1300 O O   . HOH B 2 .   ? -5.468  -1.675  -9.407  1.00 47.09 ? 351 HOH A O   1 
HETATM 1301 O O   . HOH B 2 .   ? 18.201  -1.373  -4.561  1.00 38.70 ? 352 HOH A O   1 
# 
